data_2Z0L
#
_entry.id   2Z0L
#
_cell.length_a   125.671
_cell.length_b   191.635
_cell.length_c   371.720
_cell.angle_alpha   90.00
_cell.angle_beta   90.00
_cell.angle_gamma   90.00
#
_symmetry.space_group_name_H-M   'C 2 2 21'
#
loop_
_entity.id
_entity.type
_entity.pdbx_description
1 polymer 'Early antigen protein D'
2 non-polymer 'CHLORIDE ION'
3 water water
#
_entity_poly.entity_id   1
_entity_poly.type   'polypeptide(L)'
_entity_poly.pdbx_seq_one_letter_code
;GSSG(MSE)ETTQTLRFKTKALAVLSKCYDHAQTHLKGGVLQVNLLSVNYGGPRLAAVANAGTAGLISFEVSPDAVAEWQ
NHQSPEEAPAAVSFRNLAYGRTCVLGKELFGSAVEQASLQFYKRPQGGSRPEFVKLT(MSE)EYDDKVSKSHHTCAL
(MSE)PY(MSE)PPASDRLRNEQ(MSE)IGQVLL(MSE)PKTASSLQKWARQQGSGGVKVTLNPDLYVTTYTSGEACLTL
DYKPLSVGPYEAFTGPVAKAQDVGAVEAHVVCSVAADSLAAALSLCRIPAVSVPILRFYRSGIIAVVAGLLTSAGDLPLD
LSVILFNHASEEAAASTASEPEDKS
;
_entity_poly.pdbx_strand_id   A,B,C,D,E,F,G,H
#
loop_
_chem_comp.id
_chem_comp.type
_chem_comp.name
_chem_comp.formula
CL non-polymer 'CHLORIDE ION' 'Cl -1'
#
# COMPACT_ATOMS: atom_id res chain seq x y z
N MSE A 5 -16.63 1.30 -43.60
CA MSE A 5 -15.70 0.48 -42.79
C MSE A 5 -16.19 -0.97 -42.73
O MSE A 5 -17.34 -1.23 -42.38
CB MSE A 5 -15.59 1.04 -41.37
CG MSE A 5 -14.23 0.83 -40.75
SE MSE A 5 -12.87 1.61 -41.86
CE MSE A 5 -13.46 3.45 -41.78
N GLU A 6 -15.31 -1.89 -43.05
CA GLU A 6 -15.64 -3.30 -43.09
C GLU A 6 -15.09 -4.09 -41.88
N THR A 7 -15.97 -4.84 -41.22
CA THR A 7 -15.59 -5.64 -40.05
C THR A 7 -14.99 -6.99 -40.45
N THR A 8 -13.73 -7.19 -40.10
CA THR A 8 -13.04 -8.44 -40.43
C THR A 8 -13.17 -9.49 -39.35
N GLN A 9 -12.97 -9.12 -38.10
CA GLN A 9 -13.08 -10.08 -36.98
C GLN A 9 -13.82 -9.49 -35.78
N THR A 10 -14.48 -10.36 -35.03
CA THR A 10 -15.21 -9.96 -33.85
C THR A 10 -14.92 -10.94 -32.71
N LEU A 11 -14.56 -10.40 -31.55
CA LEU A 11 -14.27 -11.24 -30.39
C LEU A 11 -14.96 -10.68 -29.14
N ARG A 12 -15.71 -11.54 -28.47
CA ARG A 12 -16.41 -11.15 -27.25
C ARG A 12 -16.08 -12.13 -26.13
N PHE A 13 -15.68 -11.61 -24.98
CA PHE A 13 -15.35 -12.45 -23.85
C PHE A 13 -16.58 -12.71 -22.99
N LYS A 14 -16.52 -13.77 -22.21
CA LYS A 14 -17.63 -14.12 -21.34
C LYS A 14 -17.71 -13.11 -20.21
N THR A 15 -18.91 -12.97 -19.67
CA THR A 15 -19.15 -12.04 -18.60
C THR A 15 -18.17 -12.18 -17.45
N LYS A 16 -17.45 -11.09 -17.17
CA LYS A 16 -16.48 -11.03 -16.07
C LYS A 16 -15.26 -11.95 -16.21
N ALA A 17 -15.19 -12.65 -17.34
CA ALA A 17 -14.09 -13.56 -17.59
C ALA A 17 -12.68 -12.96 -17.41
N LEU A 18 -12.40 -11.81 -18.02
CA LEU A 18 -11.09 -11.21 -17.91
C LEU A 18 -10.82 -10.49 -16.59
N ALA A 19 -11.88 -10.22 -15.84
CA ALA A 19 -11.73 -9.52 -14.56
C ALA A 19 -11.01 -10.33 -13.50
N VAL A 20 -11.10 -11.66 -13.58
CA VAL A 20 -10.42 -12.51 -12.61
C VAL A 20 -8.92 -12.33 -12.74
N LEU A 21 -8.46 -11.89 -13.91
CA LEU A 21 -7.04 -11.69 -14.16
C LEU A 21 -6.55 -10.34 -13.67
N SER A 22 -7.48 -9.52 -13.17
CA SER A 22 -7.17 -8.19 -12.69
C SER A 22 -5.88 -8.02 -11.89
N LYS A 23 -5.72 -8.80 -10.83
CA LYS A 23 -4.53 -8.70 -9.99
C LYS A 23 -3.30 -9.23 -10.69
N CYS A 24 -3.49 -10.21 -11.55
CA CYS A 24 -2.38 -10.79 -12.30
C CYS A 24 -1.82 -9.72 -13.22
N TYR A 25 -2.70 -9.01 -13.93
CA TYR A 25 -2.23 -7.96 -14.82
C TYR A 25 -1.48 -6.93 -14.00
N ASP A 26 -2.13 -6.42 -12.95
CA ASP A 26 -1.49 -5.44 -12.09
C ASP A 26 -0.08 -5.86 -11.72
N HIS A 27 0.10 -7.12 -11.37
CA HIS A 27 1.40 -7.64 -10.99
C HIS A 27 2.44 -7.50 -12.10
N ALA A 28 1.98 -7.43 -13.34
CA ALA A 28 2.88 -7.33 -14.49
C ALA A 28 2.77 -6.00 -15.23
N GLN A 29 1.80 -5.17 -14.85
CA GLN A 29 1.57 -3.91 -15.53
C GLN A 29 2.82 -3.10 -15.87
N THR A 30 3.76 -2.99 -14.96
CA THR A 30 4.96 -2.23 -15.26
C THR A 30 5.69 -2.78 -16.49
N HIS A 31 5.74 -4.10 -16.66
CA HIS A 31 6.41 -4.67 -17.80
C HIS A 31 5.55 -4.61 -19.04
N LEU A 32 4.27 -4.93 -18.87
CA LEU A 32 3.35 -4.94 -20.01
C LEU A 32 3.06 -3.57 -20.61
N LYS A 33 3.12 -2.53 -19.80
CA LYS A 33 2.81 -1.18 -20.29
C LYS A 33 3.39 -0.77 -21.65
N GLY A 34 4.68 -1.01 -21.86
CA GLY A 34 5.30 -0.61 -23.12
C GLY A 34 5.19 -1.62 -24.24
N GLY A 35 4.49 -2.72 -23.99
CA GLY A 35 4.37 -3.74 -25.01
C GLY A 35 3.19 -3.50 -25.92
N VAL A 36 2.60 -4.59 -26.40
CA VAL A 36 1.46 -4.51 -27.29
C VAL A 36 0.40 -5.51 -26.89
N LEU A 37 -0.83 -5.29 -27.35
CA LEU A 37 -1.92 -6.22 -27.09
C LEU A 37 -1.95 -6.96 -28.42
N GLN A 38 -2.30 -8.23 -28.40
CA GLN A 38 -2.26 -9.00 -29.63
C GLN A 38 -3.19 -10.22 -29.64
N VAL A 39 -3.90 -10.42 -30.75
CA VAL A 39 -4.77 -11.58 -30.83
C VAL A 39 -4.26 -12.62 -31.82
N ASN A 40 -3.96 -13.78 -31.27
CA ASN A 40 -3.46 -14.92 -32.04
C ASN A 40 -4.66 -15.63 -32.68
N LEU A 41 -4.79 -15.52 -34.00
CA LEU A 41 -5.90 -16.16 -34.72
C LEU A 41 -5.67 -17.65 -35.01
N LEU A 42 -4.40 -18.07 -35.04
CA LEU A 42 -4.03 -19.46 -35.32
C LEU A 42 -4.75 -20.45 -34.40
N SER A 43 -4.70 -20.15 -33.11
CA SER A 43 -5.30 -20.99 -32.10
C SER A 43 -6.83 -21.07 -32.11
N VAL A 44 -7.47 -20.62 -33.18
CA VAL A 44 -8.94 -20.67 -33.23
C VAL A 44 -9.46 -22.09 -33.39
N ASN A 45 -8.74 -22.93 -34.13
CA ASN A 45 -9.14 -24.32 -34.32
C ASN A 45 -8.43 -25.19 -33.29
N TYR A 46 -7.79 -24.53 -32.34
CA TYR A 46 -7.06 -25.18 -31.26
C TYR A 46 -7.61 -24.72 -29.92
N GLY A 47 -8.90 -24.42 -29.87
CA GLY A 47 -9.48 -23.97 -28.63
C GLY A 47 -10.12 -22.60 -28.75
N GLY A 48 -9.54 -21.73 -29.60
CA GLY A 48 -10.11 -20.41 -29.78
C GLY A 48 -9.07 -19.31 -29.87
N PRO A 49 -9.49 -18.09 -30.20
CA PRO A 49 -8.58 -16.94 -30.33
C PRO A 49 -7.88 -16.72 -29.01
N ARG A 50 -6.62 -16.31 -29.07
CA ARG A 50 -5.88 -16.07 -27.85
C ARG A 50 -5.36 -14.65 -27.77
N LEU A 51 -5.97 -13.91 -26.88
CA LEU A 51 -5.51 -12.53 -26.64
C LEU A 51 -4.36 -12.51 -25.64
N ALA A 52 -3.38 -11.71 -25.88
CA ALA A 52 -2.24 -11.65 -24.98
C ALA A 52 -1.53 -10.30 -24.96
N ALA A 53 -1.05 -9.93 -23.78
CA ALA A 53 -0.30 -8.70 -23.67
C ALA A 53 1.14 -9.21 -23.90
N VAL A 54 1.81 -8.63 -24.88
CA VAL A 54 3.17 -9.05 -25.22
C VAL A 54 4.20 -7.93 -25.07
N ALA A 55 5.26 -8.18 -24.30
CA ALA A 55 6.30 -7.17 -24.10
C ALA A 55 7.69 -7.77 -23.84
N ASN A 56 8.70 -6.90 -23.84
CA ASN A 56 10.08 -7.32 -23.61
C ASN A 56 10.43 -7.31 -22.14
N ALA A 57 11.35 -8.20 -21.76
CA ALA A 57 11.82 -8.31 -20.38
C ALA A 57 13.34 -8.39 -20.40
N GLY A 58 13.99 -7.46 -19.70
CA GLY A 58 15.44 -7.47 -19.68
C GLY A 58 16.03 -7.31 -21.07
N THR A 59 17.24 -7.80 -21.27
CA THR A 59 17.91 -7.68 -22.56
C THR A 59 17.55 -8.74 -23.61
N ALA A 60 17.14 -9.93 -23.19
CA ALA A 60 16.81 -10.96 -24.15
C ALA A 60 15.59 -11.79 -23.72
N GLY A 61 14.46 -11.11 -23.50
CA GLY A 61 13.27 -11.82 -23.07
C GLY A 61 11.95 -11.34 -23.66
N LEU A 62 11.05 -12.30 -23.92
CA LEU A 62 9.74 -11.99 -24.46
C LEU A 62 8.64 -12.42 -23.49
N ILE A 63 7.83 -11.46 -23.03
CA ILE A 63 6.75 -11.72 -22.09
C ILE A 63 5.42 -11.89 -22.79
N SER A 64 4.68 -12.92 -22.41
CA SER A 64 3.38 -13.18 -23.01
C SER A 64 2.35 -13.50 -21.94
N PHE A 65 1.43 -12.56 -21.73
CA PHE A 65 0.35 -12.67 -20.76
C PHE A 65 -0.86 -13.06 -21.60
N GLU A 66 -1.02 -14.36 -21.80
CA GLU A 66 -2.09 -14.88 -22.65
C GLU A 66 -3.33 -15.38 -21.90
N VAL A 67 -4.50 -15.12 -22.49
CA VAL A 67 -5.78 -15.51 -21.92
C VAL A 67 -6.29 -16.77 -22.61
N SER A 68 -6.62 -17.78 -21.80
CA SER A 68 -7.12 -19.06 -22.32
C SER A 68 -8.38 -18.87 -23.15
N PRO A 69 -8.50 -19.63 -24.25
CA PRO A 69 -9.67 -19.53 -25.13
C PRO A 69 -11.00 -19.80 -24.43
N ASP A 70 -10.95 -20.46 -23.28
CA ASP A 70 -12.17 -20.77 -22.56
C ASP A 70 -12.75 -19.54 -21.88
N ALA A 71 -12.15 -18.39 -22.12
CA ALA A 71 -12.64 -17.16 -21.53
C ALA A 71 -13.45 -16.41 -22.58
N VAL A 72 -13.29 -16.79 -23.85
CA VAL A 72 -13.98 -16.10 -24.93
C VAL A 72 -15.38 -16.66 -25.14
N ALA A 73 -16.35 -15.75 -25.17
CA ALA A 73 -17.75 -16.10 -25.36
C ALA A 73 -18.17 -16.25 -26.82
N GLU A 74 -17.56 -15.49 -27.71
CA GLU A 74 -17.92 -15.57 -29.12
C GLU A 74 -16.88 -14.99 -30.05
N TRP A 75 -16.51 -15.77 -31.07
CA TRP A 75 -15.52 -15.36 -32.04
C TRP A 75 -16.10 -15.48 -33.44
N GLN A 76 -15.79 -14.51 -34.28
CA GLN A 76 -16.28 -14.55 -35.64
C GLN A 76 -15.30 -13.94 -36.59
N ASN A 77 -14.87 -14.75 -37.56
CA ASN A 77 -13.93 -14.30 -38.56
C ASN A 77 -14.73 -14.06 -39.84
N HIS A 78 -14.76 -12.83 -40.31
CA HIS A 78 -15.50 -12.51 -41.52
C HIS A 78 -14.61 -12.44 -42.75
N GLN A 79 -13.39 -12.92 -42.62
CA GLN A 79 -12.45 -12.93 -43.73
C GLN A 79 -12.22 -14.36 -44.15
N SER A 80 -11.92 -14.56 -45.44
CA SER A 80 -11.64 -15.89 -45.95
C SER A 80 -10.34 -16.29 -45.30
N PRO A 81 -10.12 -17.60 -45.09
CA PRO A 81 -8.88 -18.08 -44.47
C PRO A 81 -7.61 -17.54 -45.14
N GLU A 82 -7.70 -17.29 -46.45
CA GLU A 82 -6.57 -16.77 -47.22
C GLU A 82 -6.16 -15.38 -46.73
N GLU A 83 -7.14 -14.49 -46.70
CA GLU A 83 -6.92 -13.11 -46.28
C GLU A 83 -6.60 -12.92 -44.80
N ALA A 84 -7.33 -13.63 -43.94
CA ALA A 84 -7.13 -13.54 -42.50
C ALA A 84 -5.67 -13.60 -42.11
N PRO A 85 -5.25 -12.77 -41.15
CA PRO A 85 -3.85 -12.77 -40.72
C PRO A 85 -3.69 -13.80 -39.61
N ALA A 86 -2.45 -14.12 -39.27
CA ALA A 86 -2.21 -15.09 -38.20
C ALA A 86 -2.45 -14.41 -36.85
N ALA A 87 -2.05 -13.15 -36.75
CA ALA A 87 -2.21 -12.40 -35.53
C ALA A 87 -2.31 -10.89 -35.79
N VAL A 88 -3.07 -10.20 -34.96
CA VAL A 88 -3.23 -8.74 -35.07
C VAL A 88 -2.66 -8.12 -33.80
N SER A 89 -2.05 -6.95 -33.94
CA SER A 89 -1.46 -6.27 -32.80
C SER A 89 -1.65 -4.77 -32.80
N PHE A 90 -1.68 -4.20 -31.60
CA PHE A 90 -1.81 -2.77 -31.44
C PHE A 90 -1.12 -2.42 -30.12
N ARG A 91 -0.64 -1.18 -29.99
CA ARG A 91 0.06 -0.78 -28.77
C ARG A 91 -0.80 -0.91 -27.54
N ASN A 92 -0.19 -1.40 -26.46
CA ASN A 92 -0.90 -1.55 -25.20
C ASN A 92 -1.16 -0.15 -24.71
N LEU A 93 -0.14 0.70 -24.78
CA LEU A 93 -0.28 2.09 -24.39
C LEU A 93 -0.82 2.77 -25.63
N ALA A 94 -2.12 3.05 -25.61
CA ALA A 94 -2.80 3.65 -26.75
C ALA A 94 -2.16 4.94 -27.23
N TYR A 95 -2.30 5.18 -28.53
CA TYR A 95 -1.74 6.35 -29.16
C TYR A 95 -2.17 7.66 -28.55
N GLY A 96 -1.20 8.51 -28.28
CA GLY A 96 -1.47 9.82 -27.72
C GLY A 96 -2.27 9.75 -26.44
N ARG A 97 -2.78 8.57 -26.14
CA ARG A 97 -3.58 8.35 -24.94
C ARG A 97 -2.68 8.31 -23.72
N THR A 98 -3.31 8.18 -22.56
CA THR A 98 -2.57 8.17 -21.32
C THR A 98 -2.76 6.88 -20.57
N CYS A 99 -3.83 6.17 -20.89
CA CYS A 99 -4.09 4.91 -20.21
C CYS A 99 -3.56 3.77 -21.05
N VAL A 100 -3.14 2.70 -20.37
CA VAL A 100 -2.66 1.55 -21.10
C VAL A 100 -3.94 0.77 -21.28
N LEU A 101 -4.17 0.28 -22.48
CA LEU A 101 -5.38 -0.47 -22.79
C LEU A 101 -5.52 -1.69 -21.90
N GLY A 102 -4.43 -2.43 -21.74
CA GLY A 102 -4.46 -3.62 -20.91
C GLY A 102 -4.94 -3.40 -19.50
N LYS A 103 -4.61 -2.25 -18.92
CA LYS A 103 -5.02 -1.93 -17.55
C LYS A 103 -6.53 -1.85 -17.47
N GLU A 104 -7.12 -1.20 -18.46
CA GLU A 104 -8.56 -1.06 -18.49
C GLU A 104 -9.23 -2.35 -18.96
N LEU A 105 -8.60 -3.04 -19.90
CA LEU A 105 -9.16 -4.27 -20.43
C LEU A 105 -9.31 -5.36 -19.36
N PHE A 106 -8.32 -5.46 -18.48
CA PHE A 106 -8.38 -6.46 -17.42
C PHE A 106 -8.91 -5.88 -16.10
N GLY A 107 -9.69 -4.81 -16.20
CA GLY A 107 -10.26 -4.17 -15.04
C GLY A 107 -11.18 -5.09 -14.26
N SER A 108 -11.09 -5.05 -12.94
CA SER A 108 -11.91 -5.93 -12.10
C SER A 108 -13.41 -5.65 -12.20
N ALA A 109 -13.76 -4.44 -12.60
CA ALA A 109 -15.16 -4.06 -12.71
C ALA A 109 -15.74 -4.13 -14.13
N VAL A 110 -14.98 -4.72 -15.06
CA VAL A 110 -15.45 -4.83 -16.44
C VAL A 110 -16.41 -6.01 -16.57
N GLU A 111 -17.69 -5.72 -16.76
CA GLU A 111 -18.69 -6.76 -16.90
C GLU A 111 -18.42 -7.57 -18.16
N GLN A 112 -18.23 -6.86 -19.27
CA GLN A 112 -17.98 -7.51 -20.54
C GLN A 112 -16.92 -6.79 -21.37
N ALA A 113 -16.03 -7.56 -21.97
CA ALA A 113 -14.98 -6.98 -22.80
C ALA A 113 -15.08 -7.56 -24.19
N SER A 114 -14.81 -6.76 -25.20
CA SER A 114 -14.87 -7.26 -26.56
C SER A 114 -14.00 -6.45 -27.51
N LEU A 115 -13.57 -7.08 -28.59
CA LEU A 115 -12.72 -6.42 -29.56
C LEU A 115 -13.22 -6.63 -30.97
N GLN A 116 -13.15 -5.57 -31.78
CA GLN A 116 -13.58 -5.63 -33.16
C GLN A 116 -12.48 -5.09 -34.05
N PHE A 117 -12.30 -5.73 -35.20
CA PHE A 117 -11.27 -5.32 -36.13
C PHE A 117 -11.90 -4.93 -37.45
N TYR A 118 -11.35 -3.89 -38.06
CA TYR A 118 -11.87 -3.37 -39.32
C TYR A 118 -10.78 -3.06 -40.31
N LYS A 119 -11.23 -2.69 -41.50
CA LYS A 119 -10.34 -2.32 -42.59
C LYS A 119 -11.22 -1.56 -43.56
N ARG A 120 -10.59 -0.79 -44.43
CA ARG A 120 -11.31 -0.03 -45.42
C ARG A 120 -11.64 -0.95 -46.60
N PRO A 121 -12.78 -0.70 -47.28
CA PRO A 121 -13.21 -1.49 -48.44
C PRO A 121 -12.25 -1.41 -49.62
N GLN A 122 -11.09 -0.80 -49.40
CA GLN A 122 -10.07 -0.64 -50.41
C GLN A 122 -8.72 -1.00 -49.80
N GLY A 123 -7.73 -1.23 -50.66
CA GLY A 123 -6.39 -1.57 -50.22
C GLY A 123 -6.25 -2.08 -48.78
N GLY A 124 -6.12 -3.39 -48.62
CA GLY A 124 -5.97 -3.95 -47.29
C GLY A 124 -6.36 -5.41 -47.19
N SER A 125 -5.37 -6.29 -47.20
CA SER A 125 -5.62 -7.72 -47.07
C SER A 125 -6.11 -7.94 -45.64
N ARG A 126 -5.33 -7.43 -44.69
CA ARG A 126 -5.65 -7.59 -43.27
C ARG A 126 -6.29 -6.36 -42.61
N PRO A 127 -6.87 -6.57 -41.41
CA PRO A 127 -7.53 -5.50 -40.67
C PRO A 127 -6.54 -4.35 -40.46
N GLU A 128 -7.07 -3.14 -40.37
CA GLU A 128 -6.23 -1.95 -40.17
C GLU A 128 -6.50 -1.31 -38.83
N PHE A 129 -7.68 -1.56 -38.26
CA PHE A 129 -8.00 -0.95 -36.99
C PHE A 129 -8.67 -1.91 -36.03
N VAL A 130 -8.70 -1.49 -34.76
CA VAL A 130 -9.35 -2.27 -33.71
C VAL A 130 -10.15 -1.30 -32.88
N LYS A 131 -11.20 -1.82 -32.27
CA LYS A 131 -12.04 -1.04 -31.40
C LYS A 131 -12.32 -1.88 -30.17
N LEU A 132 -11.73 -1.51 -29.02
CA LEU A 132 -11.99 -2.25 -27.79
C LEU A 132 -13.16 -1.60 -27.08
N THR A 133 -13.99 -2.41 -26.45
CA THR A 133 -15.13 -1.91 -25.73
C THR A 133 -15.22 -2.58 -24.36
N MSE A 134 -15.47 -1.77 -23.33
CA MSE A 134 -15.59 -2.27 -21.98
C MSE A 134 -16.93 -1.80 -21.41
O MSE A 134 -17.26 -0.62 -21.45
CB MSE A 134 -14.47 -1.73 -21.09
CG MSE A 134 -13.09 -2.35 -21.36
SE MSE A 134 -12.14 -1.60 -22.85
CE MSE A 134 -10.43 -1.37 -22.03
N GLU A 135 -17.72 -2.75 -20.90
CA GLU A 135 -19.01 -2.45 -20.30
C GLU A 135 -18.88 -2.82 -18.85
N TYR A 136 -19.18 -1.86 -17.97
CA TYR A 136 -19.02 -2.08 -16.54
C TYR A 136 -20.20 -2.56 -15.71
N ASP A 137 -19.88 -2.99 -14.48
CA ASP A 137 -20.84 -3.47 -13.48
C ASP A 137 -22.04 -2.56 -13.28
N ASP A 138 -21.75 -1.29 -13.06
CA ASP A 138 -22.78 -0.31 -12.83
C ASP A 138 -23.88 -0.37 -13.90
N LYS A 139 -23.65 -1.15 -14.96
CA LYS A 139 -24.62 -1.30 -16.03
C LYS A 139 -24.94 0.04 -16.66
N VAL A 140 -23.95 0.94 -16.64
CA VAL A 140 -24.13 2.28 -17.17
C VAL A 140 -22.88 2.80 -17.85
N SER A 141 -21.73 2.53 -17.26
CA SER A 141 -20.48 3.03 -17.83
C SER A 141 -19.90 2.16 -18.94
N LYS A 142 -19.43 2.80 -20.00
CA LYS A 142 -18.83 2.09 -21.12
C LYS A 142 -17.65 2.87 -21.68
N SER A 143 -16.71 2.14 -22.25
CA SER A 143 -15.54 2.75 -22.85
C SER A 143 -15.29 2.10 -24.19
N HIS A 144 -15.04 2.93 -25.20
CA HIS A 144 -14.74 2.43 -26.53
C HIS A 144 -13.45 3.10 -26.96
N HIS A 145 -12.47 2.29 -27.32
CA HIS A 145 -11.20 2.81 -27.79
C HIS A 145 -11.02 2.34 -29.23
N THR A 146 -10.62 3.27 -30.10
CA THR A 146 -10.40 2.95 -31.49
C THR A 146 -8.94 3.23 -31.81
N CYS A 147 -8.25 2.21 -32.30
CA CYS A 147 -6.84 2.36 -32.61
C CYS A 147 -6.48 1.82 -33.97
N ALA A 148 -5.22 2.02 -34.32
CA ALA A 148 -4.69 1.52 -35.56
C ALA A 148 -3.89 0.30 -35.13
N LEU A 149 -3.85 -0.71 -35.99
CA LEU A 149 -3.07 -1.91 -35.72
C LEU A 149 -1.63 -1.61 -36.11
N MSE A 150 -0.72 -2.46 -35.68
CA MSE A 150 0.66 -2.20 -36.03
C MSE A 150 1.13 -3.11 -37.15
O MSE A 150 0.46 -4.09 -37.48
CB MSE A 150 1.55 -2.43 -34.82
CG MSE A 150 1.36 -1.41 -33.74
SE MSE A 150 2.63 -1.74 -32.36
CE MSE A 150 1.98 -3.48 -31.84
N PRO A 151 2.27 -2.76 -37.77
CA PRO A 151 2.81 -3.57 -38.86
C PRO A 151 2.74 -4.99 -38.31
N TYR A 152 2.20 -5.92 -39.09
CA TYR A 152 2.06 -7.27 -38.56
C TYR A 152 3.30 -7.95 -38.01
N MSE A 153 3.06 -8.76 -36.99
CA MSE A 153 4.09 -9.53 -36.29
C MSE A 153 3.53 -10.93 -36.09
O MSE A 153 2.32 -11.13 -36.07
CB MSE A 153 4.37 -8.92 -34.93
CG MSE A 153 4.93 -7.54 -34.96
SE MSE A 153 4.76 -6.72 -33.22
CE MSE A 153 5.13 -8.28 -32.09
N PRO A 154 4.41 -11.92 -35.94
CA PRO A 154 3.93 -13.29 -35.75
C PRO A 154 3.36 -13.43 -34.34
N PRO A 155 2.55 -14.46 -34.10
CA PRO A 155 2.01 -14.62 -32.75
C PRO A 155 3.17 -14.89 -31.78
N ALA A 156 3.30 -14.07 -30.74
CA ALA A 156 4.37 -14.26 -29.77
C ALA A 156 4.33 -15.69 -29.25
N SER A 157 3.13 -16.12 -28.92
CA SER A 157 2.89 -17.47 -28.39
C SER A 157 2.92 -18.46 -29.54
N ASP A 158 4.05 -18.48 -30.24
CA ASP A 158 4.23 -19.36 -31.38
C ASP A 158 5.71 -19.68 -31.50
N ARG A 159 6.56 -18.75 -31.11
CA ARG A 159 8.02 -18.93 -31.16
C ARG A 159 8.51 -20.29 -30.61
N LEU A 160 7.70 -20.95 -29.80
CA LEU A 160 8.09 -22.23 -29.20
C LEU A 160 7.37 -23.45 -29.77
N ARG A 161 6.94 -23.39 -31.02
CA ARG A 161 6.21 -24.51 -31.58
C ARG A 161 7.05 -25.70 -32.05
N ASN A 162 8.24 -25.43 -32.58
CA ASN A 162 9.12 -26.50 -33.05
C ASN A 162 10.06 -26.97 -31.95
N GLU A 163 10.26 -26.11 -30.96
CA GLU A 163 11.13 -26.41 -29.83
C GLU A 163 10.65 -27.65 -29.10
N GLN A 164 11.58 -28.50 -28.70
CA GLN A 164 11.25 -29.72 -27.96
C GLN A 164 11.72 -29.58 -26.51
N MSE A 165 10.78 -29.64 -25.59
CA MSE A 165 11.06 -29.50 -24.17
C MSE A 165 11.74 -30.74 -23.62
O MSE A 165 11.24 -31.85 -23.73
CB MSE A 165 9.73 -29.24 -23.44
CG MSE A 165 9.85 -28.88 -21.98
SE MSE A 165 8.10 -28.36 -21.32
CE MSE A 165 7.17 -30.03 -21.63
N ILE A 166 12.91 -30.55 -23.01
CA ILE A 166 13.65 -31.67 -22.46
C ILE A 166 13.57 -31.69 -20.93
N GLY A 167 12.86 -30.71 -20.37
CA GLY A 167 12.72 -30.68 -18.93
C GLY A 167 12.14 -29.41 -18.36
N GLN A 168 11.57 -29.53 -17.17
CA GLN A 168 11.01 -28.38 -16.48
C GLN A 168 11.02 -28.56 -14.98
N VAL A 169 11.52 -27.56 -14.27
CA VAL A 169 11.61 -27.64 -12.83
C VAL A 169 10.85 -26.50 -12.16
N LEU A 170 10.03 -26.86 -11.19
CA LEU A 170 9.24 -25.89 -10.45
C LEU A 170 10.08 -25.36 -9.29
N LEU A 171 9.91 -24.08 -9.00
CA LEU A 171 10.65 -23.43 -7.93
C LEU A 171 9.68 -22.91 -6.88
N MSE A 172 9.86 -23.30 -5.63
CA MSE A 172 8.97 -22.79 -4.58
C MSE A 172 9.36 -21.36 -4.27
O MSE A 172 10.48 -20.93 -4.53
CB MSE A 172 9.08 -23.65 -3.33
CG MSE A 172 10.49 -24.02 -2.96
SE MSE A 172 10.53 -24.99 -1.30
CE MSE A 172 11.41 -23.68 -0.19
N PRO A 173 8.42 -20.58 -3.71
CA PRO A 173 8.64 -19.17 -3.37
C PRO A 173 10.05 -18.78 -2.90
N LYS A 174 10.49 -19.31 -1.78
CA LYS A 174 11.81 -18.96 -1.27
C LYS A 174 12.91 -19.24 -2.27
N THR A 175 12.79 -20.34 -3.01
CA THR A 175 13.80 -20.69 -4.01
C THR A 175 13.81 -19.71 -5.16
N ALA A 176 12.64 -19.51 -5.77
CA ALA A 176 12.53 -18.59 -6.88
C ALA A 176 13.16 -17.26 -6.51
N SER A 177 12.76 -16.74 -5.36
CA SER A 177 13.24 -15.45 -4.86
C SER A 177 14.76 -15.40 -4.70
N SER A 178 15.36 -16.53 -4.36
CA SER A 178 16.80 -16.57 -4.22
C SER A 178 17.39 -16.37 -5.59
N LEU A 179 16.85 -17.12 -6.56
CA LEU A 179 17.32 -17.04 -7.92
C LEU A 179 17.15 -15.62 -8.46
N GLN A 180 15.96 -15.08 -8.29
CA GLN A 180 15.68 -13.74 -8.78
C GLN A 180 16.65 -12.69 -8.23
N LYS A 181 16.89 -12.72 -6.93
CA LYS A 181 17.80 -11.76 -6.31
C LYS A 181 19.20 -11.99 -6.85
N TRP A 182 19.59 -13.25 -6.99
CA TRP A 182 20.91 -13.55 -7.51
C TRP A 182 21.03 -12.97 -8.91
N ALA A 183 19.96 -13.13 -9.70
CA ALA A 183 19.95 -12.65 -11.06
C ALA A 183 20.06 -11.13 -11.12
N ARG A 184 19.35 -10.43 -10.25
CA ARG A 184 19.40 -8.98 -10.24
C ARG A 184 20.81 -8.52 -9.90
N GLN A 185 21.43 -9.25 -9.00
CA GLN A 185 22.79 -8.93 -8.60
C GLN A 185 23.74 -9.05 -9.77
N GLN A 186 23.51 -10.02 -10.65
CA GLN A 186 24.40 -10.18 -11.80
C GLN A 186 24.22 -9.03 -12.78
N GLY A 187 23.35 -8.11 -12.42
CA GLY A 187 23.12 -6.94 -13.25
C GLY A 187 22.89 -7.15 -14.72
N SER A 188 23.78 -6.62 -15.54
CA SER A 188 23.65 -6.71 -16.99
C SER A 188 24.50 -7.79 -17.65
N GLY A 189 25.08 -8.67 -16.84
CA GLY A 189 25.88 -9.74 -17.39
C GLY A 189 24.98 -10.83 -17.91
N GLY A 190 25.58 -11.95 -18.31
CA GLY A 190 24.79 -13.05 -18.82
C GLY A 190 24.87 -14.20 -17.84
N VAL A 191 23.85 -15.06 -17.89
CA VAL A 191 23.81 -16.21 -17.00
C VAL A 191 23.92 -17.50 -17.77
N LYS A 192 24.79 -18.38 -17.30
CA LYS A 192 24.95 -19.67 -17.93
C LYS A 192 24.17 -20.65 -17.05
N VAL A 193 23.02 -21.04 -17.55
CA VAL A 193 22.14 -21.97 -16.86
C VAL A 193 22.44 -23.39 -17.28
N THR A 194 22.64 -24.26 -16.30
CA THR A 194 22.95 -25.65 -16.58
C THR A 194 21.92 -26.54 -15.91
N LEU A 195 21.42 -27.48 -16.67
CA LEU A 195 20.49 -28.49 -16.16
C LEU A 195 21.14 -29.86 -16.10
N ASN A 196 21.26 -30.42 -14.93
CA ASN A 196 21.96 -31.69 -14.82
C ASN A 196 21.07 -32.81 -14.25
N PRO A 197 20.64 -33.74 -15.12
CA PRO A 197 19.78 -34.86 -14.72
C PRO A 197 20.49 -35.85 -13.80
N ASP A 198 21.82 -35.90 -13.88
CA ASP A 198 22.60 -36.80 -13.08
C ASP A 198 22.80 -36.30 -11.66
N LEU A 199 22.95 -34.99 -11.50
CA LEU A 199 23.15 -34.43 -10.18
C LEU A 199 21.89 -33.82 -9.59
N TYR A 200 20.78 -33.95 -10.32
CA TYR A 200 19.48 -33.42 -9.90
C TYR A 200 19.65 -31.98 -9.38
N VAL A 201 20.18 -31.12 -10.24
CA VAL A 201 20.42 -29.75 -9.83
C VAL A 201 20.51 -28.81 -11.03
N THR A 202 20.18 -27.55 -10.83
CA THR A 202 20.29 -26.52 -11.87
C THR A 202 21.33 -25.54 -11.36
N THR A 203 22.27 -25.13 -12.21
CA THR A 203 23.30 -24.20 -11.77
C THR A 203 23.30 -22.92 -12.57
N TYR A 204 23.64 -21.83 -11.91
CA TYR A 204 23.66 -20.52 -12.54
C TYR A 204 24.98 -19.81 -12.32
N THR A 205 25.67 -19.47 -13.41
CA THR A 205 26.93 -18.74 -13.31
C THR A 205 26.94 -17.47 -14.15
N SER A 206 27.55 -16.44 -13.60
CA SER A 206 27.67 -15.17 -14.29
C SER A 206 29.01 -14.66 -13.76
N GLY A 207 30.06 -14.98 -14.49
CA GLY A 207 31.38 -14.57 -14.05
C GLY A 207 31.79 -15.44 -12.88
N GLU A 208 32.42 -14.85 -11.87
CA GLU A 208 32.86 -15.61 -10.71
C GLU A 208 31.67 -15.91 -9.82
N ALA A 209 30.56 -15.23 -10.06
CA ALA A 209 29.35 -15.44 -9.25
C ALA A 209 28.66 -16.72 -9.70
N CYS A 210 28.08 -17.41 -8.74
CA CYS A 210 27.43 -18.68 -9.01
C CYS A 210 26.28 -19.00 -8.05
N LEU A 211 25.52 -20.04 -8.37
CA LEU A 211 24.38 -20.45 -7.54
C LEU A 211 23.93 -21.85 -7.93
N THR A 212 23.70 -22.71 -6.95
CA THR A 212 23.28 -24.08 -7.22
C THR A 212 21.94 -24.36 -6.54
N LEU A 213 21.01 -24.98 -7.26
CA LEU A 213 19.70 -25.27 -6.70
C LEU A 213 19.31 -26.72 -6.91
N ASP A 214 19.09 -27.41 -5.81
CA ASP A 214 18.71 -28.82 -5.81
C ASP A 214 17.21 -28.96 -6.10
N TYR A 215 16.83 -30.08 -6.73
CA TYR A 215 15.43 -30.32 -7.03
C TYR A 215 15.12 -31.81 -6.89
N LYS A 216 13.91 -32.13 -6.42
CA LYS A 216 13.51 -33.52 -6.26
C LYS A 216 12.87 -34.00 -7.57
N PRO A 217 13.33 -35.15 -8.09
CA PRO A 217 12.86 -35.77 -9.33
C PRO A 217 11.43 -36.27 -9.32
N LEU A 218 10.81 -36.18 -10.49
CA LEU A 218 9.47 -36.66 -10.69
C LEU A 218 9.65 -37.90 -11.56
N SER A 219 8.88 -38.95 -11.29
CA SER A 219 8.99 -40.18 -12.04
C SER A 219 8.18 -40.09 -13.33
N VAL A 220 8.31 -38.97 -14.04
CA VAL A 220 7.57 -38.75 -15.27
C VAL A 220 8.32 -37.84 -16.24
N GLY A 221 8.04 -37.99 -17.52
CA GLY A 221 8.69 -37.17 -18.53
C GLY A 221 8.28 -35.70 -18.47
N PRO A 222 9.01 -34.84 -19.18
CA PRO A 222 8.73 -33.40 -19.23
C PRO A 222 7.30 -33.02 -19.60
N TYR A 223 6.80 -33.54 -20.70
CA TYR A 223 5.44 -33.20 -21.14
C TYR A 223 4.27 -33.70 -20.32
N GLU A 224 4.52 -34.54 -19.32
CA GLU A 224 3.42 -35.05 -18.50
C GLU A 224 3.49 -34.50 -17.09
N ALA A 225 4.30 -33.45 -16.93
CA ALA A 225 4.47 -32.86 -15.62
C ALA A 225 3.82 -31.49 -15.53
N PHE A 226 3.39 -31.14 -14.32
CA PHE A 226 2.77 -29.85 -14.07
C PHE A 226 1.68 -29.56 -15.11
N THR A 227 0.90 -30.56 -15.46
CA THR A 227 -0.17 -30.38 -16.44
C THR A 227 -1.29 -29.52 -15.86
N GLY A 228 -1.66 -29.80 -14.62
CA GLY A 228 -2.71 -29.04 -14.00
C GLY A 228 -2.19 -28.17 -12.88
N PRO A 229 -3.08 -27.65 -12.03
CA PRO A 229 -2.69 -26.79 -10.90
C PRO A 229 -1.62 -27.42 -10.05
N VAL A 230 -0.88 -26.59 -9.35
CA VAL A 230 0.15 -27.08 -8.46
C VAL A 230 -0.38 -26.82 -7.03
N ALA A 231 -0.89 -27.89 -6.41
CA ALA A 231 -1.45 -27.84 -5.06
C ALA A 231 -0.45 -27.42 -3.98
N LYS A 232 0.82 -27.75 -4.19
CA LYS A 232 1.88 -27.37 -3.28
C LYS A 232 2.96 -26.64 -4.07
N ALA A 233 4.03 -26.27 -3.39
CA ALA A 233 5.12 -25.57 -4.02
C ALA A 233 6.42 -26.09 -3.43
N GLN A 234 7.02 -27.04 -4.12
CA GLN A 234 8.28 -27.63 -3.66
C GLN A 234 9.18 -27.79 -4.88
N ASP A 235 10.48 -27.61 -4.68
CA ASP A 235 11.41 -27.71 -5.80
C ASP A 235 11.50 -29.12 -6.37
N VAL A 236 10.65 -29.40 -7.33
CA VAL A 236 10.63 -30.69 -8.00
C VAL A 236 10.90 -30.47 -9.48
N GLY A 237 11.35 -31.51 -10.18
CA GLY A 237 11.63 -31.34 -11.59
C GLY A 237 11.55 -32.60 -12.40
N ALA A 238 11.03 -32.48 -13.61
CA ALA A 238 10.91 -33.60 -14.53
C ALA A 238 11.85 -33.31 -15.68
N VAL A 239 13.13 -33.57 -15.44
CA VAL A 239 14.21 -33.36 -16.40
C VAL A 239 14.45 -34.65 -17.18
N GLU A 240 15.28 -34.60 -18.21
CA GLU A 240 15.55 -35.80 -18.96
C GLU A 240 16.72 -35.67 -19.93
N ALA A 241 17.47 -34.58 -19.77
CA ALA A 241 18.63 -34.35 -20.62
C ALA A 241 19.42 -33.15 -20.12
N HIS A 242 20.73 -33.18 -20.31
CA HIS A 242 21.59 -32.07 -19.92
C HIS A 242 21.38 -30.96 -20.93
N VAL A 243 21.78 -29.75 -20.56
CA VAL A 243 21.67 -28.62 -21.47
C VAL A 243 22.20 -27.41 -20.75
N VAL A 244 22.95 -26.60 -21.49
CA VAL A 244 23.54 -25.39 -20.96
C VAL A 244 22.92 -24.24 -21.73
N CYS A 245 22.26 -23.34 -21.03
CA CYS A 245 21.64 -22.20 -21.69
C CYS A 245 22.32 -20.89 -21.34
N SER A 246 22.49 -20.01 -22.33
CA SER A 246 23.09 -18.70 -22.09
C SER A 246 21.94 -17.71 -22.13
N VAL A 247 21.65 -17.12 -20.98
CA VAL A 247 20.55 -16.19 -20.83
C VAL A 247 21.01 -14.84 -20.27
N ALA A 248 20.19 -13.82 -20.46
CA ALA A 248 20.50 -12.50 -19.94
C ALA A 248 20.03 -12.47 -18.48
N ALA A 249 20.91 -12.10 -17.56
CA ALA A 249 20.57 -12.03 -16.15
C ALA A 249 19.34 -11.16 -15.88
N ASP A 250 19.27 -9.99 -16.51
CA ASP A 250 18.13 -9.11 -16.28
C ASP A 250 16.79 -9.68 -16.74
N SER A 251 16.83 -10.48 -17.81
CA SER A 251 15.61 -11.10 -18.32
C SER A 251 15.20 -12.20 -17.36
N LEU A 252 16.18 -12.96 -16.88
CA LEU A 252 15.92 -14.03 -15.93
C LEU A 252 15.27 -13.46 -14.66
N ALA A 253 15.83 -12.36 -14.16
CA ALA A 253 15.30 -11.71 -12.94
C ALA A 253 13.86 -11.24 -13.10
N ALA A 254 13.57 -10.68 -14.26
CA ALA A 254 12.24 -10.17 -14.54
C ALA A 254 11.26 -11.32 -14.69
N ALA A 255 11.69 -12.36 -15.38
CA ALA A 255 10.85 -13.53 -15.64
C ALA A 255 10.43 -14.20 -14.35
N LEU A 256 11.37 -14.36 -13.44
CA LEU A 256 11.07 -15.01 -12.17
C LEU A 256 10.12 -14.14 -11.36
N SER A 257 10.35 -12.84 -11.42
CA SER A 257 9.51 -11.90 -10.72
C SER A 257 8.07 -12.00 -11.25
N LEU A 258 7.91 -11.89 -12.56
CA LEU A 258 6.60 -11.94 -13.19
C LEU A 258 5.81 -13.23 -12.97
N CYS A 259 6.51 -14.35 -12.98
CA CYS A 259 5.82 -15.63 -12.80
C CYS A 259 5.51 -16.06 -11.39
N ARG A 260 5.94 -15.28 -10.42
CA ARG A 260 5.61 -15.59 -9.04
C ARG A 260 4.64 -14.51 -8.62
N ILE A 261 3.39 -14.68 -9.03
CA ILE A 261 2.32 -13.75 -8.70
C ILE A 261 1.83 -14.12 -7.31
N PRO A 262 1.94 -13.19 -6.34
CA PRO A 262 1.52 -13.39 -4.95
C PRO A 262 0.22 -14.16 -4.79
N ALA A 263 0.29 -15.27 -4.05
CA ALA A 263 -0.89 -16.09 -3.79
C ALA A 263 -1.59 -16.59 -5.05
N VAL A 264 -0.85 -16.70 -6.15
CA VAL A 264 -1.44 -17.15 -7.41
C VAL A 264 -0.57 -18.12 -8.17
N SER A 265 0.68 -17.73 -8.40
CA SER A 265 1.57 -18.59 -9.17
C SER A 265 2.94 -18.81 -8.59
N VAL A 266 3.62 -19.79 -9.16
CA VAL A 266 4.96 -20.16 -8.76
C VAL A 266 5.68 -20.33 -10.08
N PRO A 267 6.96 -19.95 -10.16
CA PRO A 267 7.69 -20.10 -11.41
C PRO A 267 8.01 -21.56 -11.75
N ILE A 268 7.97 -21.88 -13.03
CA ILE A 268 8.34 -23.21 -13.50
C ILE A 268 9.27 -22.94 -14.67
N LEU A 269 10.45 -23.53 -14.63
CA LEU A 269 11.42 -23.32 -15.68
C LEU A 269 11.36 -24.45 -16.70
N ARG A 270 11.10 -24.09 -17.96
CA ARG A 270 11.05 -25.07 -19.03
C ARG A 270 12.29 -24.93 -19.89
N PHE A 271 13.04 -26.02 -20.02
CA PHE A 271 14.27 -26.04 -20.82
C PHE A 271 13.98 -26.73 -22.15
N TYR A 272 14.50 -26.18 -23.23
CA TYR A 272 14.30 -26.80 -24.54
C TYR A 272 15.63 -27.26 -25.13
N ARG A 273 15.58 -28.36 -25.89
CA ARG A 273 16.78 -28.92 -26.51
C ARG A 273 17.71 -27.88 -27.13
N SER A 274 17.14 -26.83 -27.71
CA SER A 274 17.92 -25.78 -28.35
C SER A 274 18.67 -24.85 -27.40
N GLY A 275 18.59 -25.11 -26.11
CA GLY A 275 19.28 -24.27 -25.14
C GLY A 275 18.56 -22.96 -24.89
N ILE A 276 17.25 -22.99 -25.05
CA ILE A 276 16.42 -21.81 -24.86
C ILE A 276 15.54 -22.12 -23.65
N ILE A 277 15.32 -21.14 -22.77
CA ILE A 277 14.50 -21.36 -21.59
C ILE A 277 13.21 -20.55 -21.57
N ALA A 278 12.12 -21.18 -21.14
CA ALA A 278 10.85 -20.48 -21.05
C ALA A 278 10.39 -20.58 -19.60
N VAL A 279 10.21 -19.43 -18.97
CA VAL A 279 9.76 -19.40 -17.60
C VAL A 279 8.23 -19.30 -17.64
N VAL A 280 7.59 -20.17 -16.89
CA VAL A 280 6.14 -20.25 -16.87
C VAL A 280 5.55 -19.98 -15.50
N ALA A 281 4.30 -19.51 -15.47
CA ALA A 281 3.64 -19.25 -14.20
C ALA A 281 2.73 -20.43 -13.90
N GLY A 282 3.16 -21.30 -12.99
CA GLY A 282 2.34 -22.44 -12.62
C GLY A 282 1.30 -21.91 -11.65
N LEU A 283 0.04 -22.18 -11.95
CA LEU A 283 -1.01 -21.69 -11.08
C LEU A 283 -1.24 -22.62 -9.87
N LEU A 284 -1.31 -22.00 -8.69
CA LEU A 284 -1.55 -22.73 -7.46
C LEU A 284 -3.01 -23.10 -7.45
N THR A 285 -3.33 -24.24 -6.84
CA THR A 285 -4.72 -24.67 -6.76
C THR A 285 -5.50 -23.60 -6.00
N SER A 286 -4.77 -22.79 -5.23
CA SER A 286 -5.33 -21.71 -4.44
C SER A 286 -6.11 -20.80 -5.37
N ALA A 287 -5.41 -20.27 -6.37
CA ALA A 287 -6.07 -19.40 -7.35
C ALA A 287 -7.14 -20.31 -7.94
N GLY A 288 -8.23 -19.73 -8.41
CA GLY A 288 -9.28 -20.55 -8.96
C GLY A 288 -8.87 -21.13 -10.30
N ASP A 289 -9.76 -21.01 -11.28
CA ASP A 289 -9.47 -21.50 -12.60
C ASP A 289 -9.26 -20.27 -13.47
N LEU A 290 -8.18 -19.55 -13.21
CA LEU A 290 -7.86 -18.36 -13.97
C LEU A 290 -7.46 -18.73 -15.41
N PRO A 291 -8.04 -18.03 -16.39
CA PRO A 291 -7.77 -18.26 -17.81
C PRO A 291 -6.47 -17.57 -18.15
N LEU A 292 -5.41 -17.90 -17.44
CA LEU A 292 -4.13 -17.25 -17.67
C LEU A 292 -2.94 -18.14 -17.98
N ASP A 293 -2.29 -17.87 -19.10
CA ASP A 293 -1.10 -18.60 -19.50
C ASP A 293 0.04 -17.60 -19.59
N LEU A 294 0.61 -17.24 -18.45
CA LEU A 294 1.69 -16.28 -18.43
C LEU A 294 3.02 -17.00 -18.58
N SER A 295 3.89 -16.46 -19.44
CA SER A 295 5.21 -17.04 -19.66
C SER A 295 6.19 -15.99 -20.13
N VAL A 296 7.47 -16.27 -19.97
CA VAL A 296 8.51 -15.35 -20.39
C VAL A 296 9.64 -16.15 -21.03
N ILE A 297 9.86 -15.92 -22.33
CA ILE A 297 10.89 -16.62 -23.06
C ILE A 297 12.22 -15.93 -22.92
N LEU A 298 13.24 -16.68 -22.49
CA LEU A 298 14.60 -16.16 -22.32
C LEU A 298 15.41 -16.60 -23.54
N PHE A 299 15.64 -15.68 -24.47
CA PHE A 299 16.38 -16.03 -25.68
C PHE A 299 17.87 -16.18 -25.42
N ASN A 300 18.56 -16.68 -26.43
CA ASN A 300 20.01 -16.86 -26.32
C ASN A 300 20.64 -15.49 -26.18
N HIS A 301 21.61 -15.39 -25.29
CA HIS A 301 22.30 -14.15 -25.03
C HIS A 301 23.79 -14.43 -24.93
N ALA A 302 24.60 -13.62 -25.59
CA ALA A 302 26.05 -13.82 -25.58
C ALA A 302 26.78 -12.91 -24.58
N SER A 303 27.95 -13.38 -24.12
CA SER A 303 28.77 -12.63 -23.17
C SER A 303 29.63 -11.59 -23.92
N MSE B 5 -32.94 7.32 -25.87
CA MSE B 5 -32.00 8.20 -25.11
C MSE B 5 -31.98 9.61 -25.69
O MSE B 5 -31.69 9.80 -26.87
CB MSE B 5 -30.59 7.63 -25.14
CG MSE B 5 -29.79 7.95 -23.91
SE MSE B 5 -30.44 6.93 -22.41
CE MSE B 5 -29.39 5.33 -22.70
N GLU B 6 -32.25 10.61 -24.85
CA GLU B 6 -32.27 11.99 -25.32
C GLU B 6 -31.12 12.86 -24.81
N THR B 7 -30.60 13.70 -25.71
CA THR B 7 -29.50 14.61 -25.43
C THR B 7 -29.99 15.88 -24.76
N THR B 8 -29.48 16.18 -23.56
CA THR B 8 -29.89 17.39 -22.85
C THR B 8 -29.01 18.56 -23.27
N GLN B 9 -27.70 18.35 -23.38
CA GLN B 9 -26.77 19.40 -23.81
C GLN B 9 -25.54 18.86 -24.52
N THR B 10 -25.05 19.63 -25.47
CA THR B 10 -23.89 19.31 -26.28
C THR B 10 -22.83 20.38 -26.09
N LEU B 11 -21.60 19.96 -25.87
CA LEU B 11 -20.50 20.89 -25.68
C LEU B 11 -19.31 20.36 -26.45
N ARG B 12 -18.75 21.18 -27.33
CA ARG B 12 -17.61 20.78 -28.14
C ARG B 12 -16.53 21.86 -28.14
N PHE B 13 -15.27 21.46 -28.08
CA PHE B 13 -14.17 22.43 -28.05
C PHE B 13 -13.50 22.60 -29.41
N LYS B 14 -12.81 23.73 -29.56
CA LYS B 14 -12.11 24.02 -30.81
C LYS B 14 -10.91 23.11 -30.96
N THR B 15 -10.49 22.95 -32.21
CA THR B 15 -9.35 22.10 -32.54
C THR B 15 -8.16 22.37 -31.64
N LYS B 16 -7.71 21.33 -30.95
CA LYS B 16 -6.54 21.44 -30.08
C LYS B 16 -6.62 22.49 -28.99
N ALA B 17 -7.82 22.98 -28.69
CA ALA B 17 -7.96 24.02 -27.67
C ALA B 17 -7.47 23.55 -26.31
N LEU B 18 -8.02 22.44 -25.83
CA LEU B 18 -7.68 21.87 -24.54
C LEU B 18 -6.32 21.23 -24.48
N ALA B 19 -5.69 21.00 -25.63
CA ALA B 19 -4.39 20.36 -25.67
C ALA B 19 -3.28 21.30 -25.23
N VAL B 20 -3.48 22.59 -25.36
CA VAL B 20 -2.45 23.53 -24.94
C VAL B 20 -2.34 23.58 -23.44
N LEU B 21 -3.32 23.02 -22.74
CA LEU B 21 -3.30 23.01 -21.28
C LEU B 21 -2.74 21.69 -20.75
N SER B 22 -2.37 20.81 -21.68
CA SER B 22 -1.83 19.50 -21.34
C SER B 22 -0.79 19.49 -20.22
N LYS B 23 0.23 20.34 -20.34
CA LYS B 23 1.27 20.41 -19.33
C LYS B 23 0.74 21.01 -18.03
N CYS B 24 -0.11 22.03 -18.14
CA CYS B 24 -0.70 22.64 -16.96
C CYS B 24 -1.47 21.58 -16.19
N TYR B 25 -2.27 20.79 -16.89
CA TYR B 25 -3.02 19.73 -16.22
C TYR B 25 -2.05 18.77 -15.56
N ASP B 26 -0.98 18.41 -16.25
CA ASP B 26 -0.02 17.48 -15.67
C ASP B 26 0.54 17.99 -14.36
N HIS B 27 0.76 19.29 -14.28
CA HIS B 27 1.29 19.87 -13.06
C HIS B 27 0.28 19.68 -11.93
N ALA B 28 -1.02 19.91 -12.21
CA ALA B 28 -2.09 19.77 -11.20
C ALA B 28 -2.66 18.35 -11.09
N GLN B 29 -2.26 17.52 -12.03
CA GLN B 29 -2.67 16.14 -12.10
C GLN B 29 -2.93 15.41 -10.78
N THR B 30 -1.94 15.37 -9.90
CA THR B 30 -2.09 14.67 -8.62
C THR B 30 -3.25 15.13 -7.75
N HIS B 31 -3.52 16.43 -7.74
CA HIS B 31 -4.62 16.95 -6.92
C HIS B 31 -5.97 16.76 -7.60
N LEU B 32 -5.97 16.86 -8.92
CA LEU B 32 -7.19 16.72 -9.69
C LEU B 32 -7.68 15.29 -9.82
N LYS B 33 -6.80 14.33 -9.57
CA LYS B 33 -7.17 12.93 -9.69
C LYS B 33 -8.43 12.51 -8.94
N GLY B 34 -8.47 12.78 -7.63
CA GLY B 34 -9.63 12.40 -6.83
C GLY B 34 -10.83 13.33 -6.88
N GLY B 35 -10.75 14.35 -7.73
CA GLY B 35 -11.84 15.29 -7.85
C GLY B 35 -12.92 14.92 -8.84
N VAL B 36 -13.51 15.94 -9.47
CA VAL B 36 -14.56 15.71 -10.43
C VAL B 36 -14.45 16.69 -11.58
N LEU B 37 -15.01 16.32 -12.73
CA LEU B 37 -15.03 17.21 -13.89
C LEU B 37 -16.40 17.83 -13.79
N GLN B 38 -16.49 19.12 -14.06
CA GLN B 38 -17.76 19.82 -13.93
C GLN B 38 -17.93 20.86 -15.03
N VAL B 39 -19.11 20.89 -15.64
CA VAL B 39 -19.39 21.88 -16.67
C VAL B 39 -20.38 22.85 -16.07
N ASN B 40 -20.00 24.12 -16.01
CA ASN B 40 -20.84 25.17 -15.46
C ASN B 40 -21.75 25.70 -16.55
N LEU B 41 -23.03 25.41 -16.43
CA LEU B 41 -24.01 25.90 -17.40
C LEU B 41 -24.54 27.21 -16.85
N LEU B 42 -24.43 27.37 -15.53
CA LEU B 42 -24.89 28.56 -14.80
C LEU B 42 -24.37 29.86 -15.39
N SER B 43 -23.38 29.77 -16.27
CA SER B 43 -22.80 30.95 -16.90
C SER B 43 -22.74 30.82 -18.42
N VAL B 44 -23.75 30.17 -19.00
CA VAL B 44 -23.80 29.96 -20.44
C VAL B 44 -23.91 31.27 -21.21
N ASN B 45 -24.85 32.13 -20.80
CA ASN B 45 -25.04 33.41 -21.47
C ASN B 45 -24.32 34.51 -20.69
N TYR B 46 -23.15 34.15 -20.17
CA TYR B 46 -22.30 35.05 -19.41
C TYR B 46 -20.85 34.73 -19.78
N GLY B 47 -20.64 34.51 -21.09
CA GLY B 47 -19.31 34.18 -21.59
C GLY B 47 -19.36 32.85 -22.33
N GLY B 48 -20.06 31.88 -21.76
CA GLY B 48 -20.18 30.57 -22.36
C GLY B 48 -20.06 29.49 -21.29
N PRO B 49 -20.19 28.22 -21.67
CA PRO B 49 -20.08 27.11 -20.71
C PRO B 49 -18.66 27.02 -20.19
N ARG B 50 -18.52 26.51 -18.98
CA ARG B 50 -17.20 26.40 -18.39
C ARG B 50 -16.92 25.05 -17.80
N LEU B 51 -16.04 24.30 -18.47
CA LEU B 51 -15.62 22.99 -18.00
C LEU B 51 -14.47 23.23 -17.02
N ALA B 52 -14.47 22.51 -15.91
CA ALA B 52 -13.41 22.69 -14.95
C ALA B 52 -13.13 21.45 -14.15
N ALA B 53 -11.86 21.23 -13.84
CA ALA B 53 -11.48 20.10 -13.00
C ALA B 53 -11.60 20.71 -11.62
N VAL B 54 -12.38 20.08 -10.75
CA VAL B 54 -12.61 20.59 -9.42
C VAL B 54 -12.26 19.56 -8.38
N ALA B 55 -11.45 19.93 -7.41
CA ALA B 55 -11.05 19.00 -6.36
C ALA B 55 -10.67 19.74 -5.09
N ASN B 56 -10.35 18.95 -4.06
CA ASN B 56 -9.95 19.49 -2.76
C ASN B 56 -8.45 19.64 -2.68
N ALA B 57 -8.02 20.57 -1.84
CA ALA B 57 -6.60 20.82 -1.62
C ALA B 57 -6.45 21.05 -0.13
N GLY B 58 -5.67 20.19 0.52
CA GLY B 58 -5.45 20.32 1.94
C GLY B 58 -6.70 20.03 2.74
N THR B 59 -6.78 20.61 3.94
CA THR B 59 -7.91 20.41 4.83
C THR B 59 -9.10 21.35 4.55
N ALA B 60 -8.84 22.48 3.91
CA ALA B 60 -9.91 23.43 3.63
C ALA B 60 -9.65 24.25 2.39
N GLY B 61 -9.64 23.59 1.25
CA GLY B 61 -9.41 24.28 -0.01
C GLY B 61 -10.10 23.63 -1.20
N LEU B 62 -10.52 24.45 -2.15
CA LEU B 62 -11.20 23.97 -3.34
C LEU B 62 -10.50 24.42 -4.63
N ILE B 63 -9.99 23.47 -5.40
CA ILE B 63 -9.27 23.74 -6.65
C ILE B 63 -10.27 23.84 -7.80
N SER B 64 -10.00 24.75 -8.73
CA SER B 64 -10.87 24.90 -9.88
C SER B 64 -9.94 25.09 -11.05
N PHE B 65 -9.73 24.01 -11.80
CA PHE B 65 -8.89 24.03 -12.99
C PHE B 65 -9.87 24.31 -14.11
N GLU B 66 -10.14 25.59 -14.35
CA GLU B 66 -11.14 25.98 -15.35
C GLU B 66 -10.69 26.47 -16.72
N VAL B 67 -11.43 26.05 -17.74
CA VAL B 67 -11.15 26.40 -19.13
C VAL B 67 -12.03 27.57 -19.58
N SER B 68 -11.40 28.64 -20.07
CA SER B 68 -12.12 29.82 -20.55
C SER B 68 -13.04 29.41 -21.69
N PRO B 69 -14.18 30.10 -21.86
CA PRO B 69 -15.12 29.77 -22.93
C PRO B 69 -14.57 29.97 -24.34
N ASP B 70 -13.42 30.64 -24.42
CA ASP B 70 -12.76 30.89 -25.70
C ASP B 70 -12.42 29.56 -26.36
N ALA B 71 -12.23 28.54 -25.54
CA ALA B 71 -11.89 27.22 -26.03
C ALA B 71 -13.12 26.49 -26.59
N VAL B 72 -14.32 26.94 -26.23
CA VAL B 72 -15.52 26.28 -26.72
C VAL B 72 -15.74 26.56 -28.20
N ALA B 73 -16.26 25.58 -28.93
CA ALA B 73 -16.50 25.73 -30.37
C ALA B 73 -17.99 25.69 -30.68
N GLU B 74 -18.74 24.97 -29.87
CA GLU B 74 -20.16 24.86 -30.10
C GLU B 74 -20.83 24.42 -28.82
N TRP B 75 -21.91 25.11 -28.47
CA TRP B 75 -22.65 24.77 -27.26
C TRP B 75 -24.10 24.64 -27.64
N GLN B 76 -24.78 23.68 -27.05
CA GLN B 76 -26.19 23.47 -27.34
C GLN B 76 -26.90 22.90 -26.12
N ASN B 77 -27.91 23.62 -25.67
CA ASN B 77 -28.71 23.17 -24.55
C ASN B 77 -30.08 22.83 -25.13
N HIS B 78 -30.39 21.54 -25.16
CA HIS B 78 -31.64 21.07 -25.72
C HIS B 78 -32.80 21.02 -24.74
N GLN B 79 -32.55 21.36 -23.48
CA GLN B 79 -33.61 21.37 -22.47
C GLN B 79 -34.15 22.79 -22.32
N SER B 80 -35.35 22.90 -21.76
CA SER B 80 -35.94 24.22 -21.53
C SER B 80 -35.10 24.89 -20.47
N PRO B 81 -34.78 26.17 -20.67
CA PRO B 81 -33.96 26.92 -19.71
C PRO B 81 -34.24 26.57 -18.26
N GLU B 82 -35.50 26.33 -17.96
CA GLU B 82 -35.94 26.00 -16.61
C GLU B 82 -35.61 24.58 -16.12
N GLU B 83 -35.40 23.64 -17.04
CA GLU B 83 -35.07 22.26 -16.69
C GLU B 83 -33.56 22.01 -16.52
N ALA B 84 -32.77 22.55 -17.44
CA ALA B 84 -31.32 22.40 -17.42
C ALA B 84 -30.79 22.82 -16.06
N PRO B 85 -29.76 22.12 -15.57
CA PRO B 85 -29.15 22.44 -14.27
C PRO B 85 -28.17 23.61 -14.35
N ALA B 86 -27.74 24.07 -13.17
CA ALA B 86 -26.77 25.14 -13.11
C ALA B 86 -25.44 24.49 -13.46
N ALA B 87 -25.33 23.21 -13.16
CA ALA B 87 -24.10 22.50 -13.45
C ALA B 87 -24.24 20.99 -13.36
N VAL B 88 -23.48 20.30 -14.20
CA VAL B 88 -23.46 18.85 -14.19
C VAL B 88 -22.02 18.48 -13.84
N SER B 89 -21.84 17.28 -13.29
CA SER B 89 -20.50 16.82 -12.96
C SER B 89 -20.42 15.34 -12.71
N PHE B 90 -19.36 14.75 -13.26
CA PHE B 90 -19.07 13.33 -13.12
C PHE B 90 -17.70 13.27 -12.45
N ARG B 91 -17.33 12.15 -11.85
CA ARG B 91 -16.04 12.14 -11.19
C ARG B 91 -14.89 11.91 -12.16
N ASN B 92 -13.80 12.62 -11.92
CA ASN B 92 -12.61 12.56 -12.78
C ASN B 92 -12.08 11.16 -12.99
N LEU B 93 -12.02 10.39 -11.91
CA LEU B 93 -11.56 9.01 -11.99
C LEU B 93 -12.81 8.22 -12.31
N ALA B 94 -12.92 7.80 -13.56
CA ALA B 94 -14.08 7.07 -14.03
C ALA B 94 -14.41 5.82 -13.22
N TYR B 95 -15.68 5.42 -13.28
CA TYR B 95 -16.14 4.25 -12.54
C TYR B 95 -15.28 3.03 -12.74
N GLY B 96 -14.85 2.46 -11.62
CA GLY B 96 -14.04 1.27 -11.65
C GLY B 96 -12.69 1.47 -12.31
N ARG B 97 -12.72 1.89 -13.59
CA ARG B 97 -11.49 2.07 -14.35
C ARG B 97 -10.27 2.73 -13.71
N THR B 98 -9.18 2.55 -14.45
CA THR B 98 -7.85 2.99 -14.08
C THR B 98 -7.49 4.23 -14.85
N CYS B 99 -8.43 4.76 -15.60
CA CYS B 99 -8.12 5.92 -16.40
C CYS B 99 -8.75 7.20 -15.85
N VAL B 100 -7.91 8.21 -15.67
CA VAL B 100 -8.38 9.48 -15.16
C VAL B 100 -8.77 10.31 -16.37
N LEU B 101 -10.06 10.62 -16.45
CA LEU B 101 -10.61 11.36 -17.56
C LEU B 101 -9.93 12.69 -17.84
N GLY B 102 -9.66 13.47 -16.80
CA GLY B 102 -8.99 14.74 -17.02
C GLY B 102 -7.68 14.60 -17.78
N LYS B 103 -6.97 13.50 -17.54
CA LYS B 103 -5.69 13.23 -18.20
C LYS B 103 -5.88 13.01 -19.69
N GLU B 104 -6.88 12.20 -20.04
CA GLU B 104 -7.16 11.91 -21.43
C GLU B 104 -7.70 13.17 -22.09
N LEU B 105 -8.63 13.81 -21.39
CA LEU B 105 -9.29 15.03 -21.89
C LEU B 105 -8.30 16.13 -22.24
N PHE B 106 -7.47 16.51 -21.28
CA PHE B 106 -6.48 17.55 -21.51
C PHE B 106 -5.22 17.05 -22.19
N GLY B 107 -5.34 15.92 -22.89
CA GLY B 107 -4.21 15.34 -23.60
C GLY B 107 -3.70 16.25 -24.70
N SER B 108 -2.43 16.13 -25.03
CA SER B 108 -1.85 17.00 -26.05
C SER B 108 -2.00 16.54 -27.49
N ALA B 109 -2.48 15.31 -27.69
CA ALA B 109 -2.66 14.76 -29.04
C ALA B 109 -4.13 14.73 -29.43
N VAL B 110 -4.96 15.43 -28.65
CA VAL B 110 -6.40 15.46 -28.93
C VAL B 110 -6.81 16.62 -29.84
N GLU B 111 -7.31 16.30 -31.03
CA GLU B 111 -7.75 17.30 -31.99
C GLU B 111 -9.08 17.90 -31.59
N GLN B 112 -10.03 17.03 -31.25
CA GLN B 112 -11.35 17.45 -30.86
C GLN B 112 -11.85 16.72 -29.62
N ALA B 113 -12.21 17.49 -28.59
CA ALA B 113 -12.75 16.93 -27.37
C ALA B 113 -14.18 17.46 -27.31
N SER B 114 -15.10 16.66 -26.79
CA SER B 114 -16.48 17.11 -26.70
C SER B 114 -17.25 16.29 -25.67
N LEU B 115 -18.31 16.90 -25.13
CA LEU B 115 -19.14 16.22 -24.14
C LEU B 115 -20.61 16.22 -24.53
N GLN B 116 -21.30 15.16 -24.17
CA GLN B 116 -22.72 15.05 -24.46
C GLN B 116 -23.43 14.51 -23.25
N PHE B 117 -24.44 15.24 -22.80
CA PHE B 117 -25.18 14.81 -21.64
C PHE B 117 -26.53 14.25 -22.04
N TYR B 118 -26.86 13.11 -21.45
CA TYR B 118 -28.10 12.41 -21.75
C TYR B 118 -28.98 12.16 -20.55
N LYS B 119 -30.16 11.62 -20.83
CA LYS B 119 -31.17 11.29 -19.85
C LYS B 119 -32.07 10.23 -20.49
N ARG B 120 -32.87 9.52 -19.71
CA ARG B 120 -33.77 8.53 -20.28
C ARG B 120 -35.10 9.22 -20.63
N PRO B 121 -35.65 8.86 -21.72
CA PRO B 121 -36.91 9.46 -22.22
C PRO B 121 -38.08 9.66 -21.30
N GLN B 122 -38.11 8.75 -20.39
CA GLN B 122 -39.13 8.71 -19.41
C GLN B 122 -38.54 9.34 -18.15
N GLY B 123 -39.24 9.14 -17.05
CA GLY B 123 -38.83 9.70 -15.77
C GLY B 123 -37.38 10.15 -15.70
N GLY B 124 -37.19 11.33 -15.11
CA GLY B 124 -35.90 11.96 -14.92
C GLY B 124 -35.94 13.34 -15.56
N SER B 125 -35.81 14.39 -14.77
CA SER B 125 -35.91 15.76 -15.31
C SER B 125 -34.55 16.33 -15.71
N ARG B 126 -33.49 15.76 -15.16
CA ARG B 126 -32.16 16.25 -15.42
C ARG B 126 -31.23 15.25 -16.08
N PRO B 127 -30.14 15.74 -16.67
CA PRO B 127 -29.16 14.87 -17.34
C PRO B 127 -28.75 13.76 -16.39
N GLU B 128 -28.58 12.55 -16.91
CA GLU B 128 -28.21 11.42 -16.07
C GLU B 128 -26.82 10.87 -16.45
N PHE B 129 -26.39 11.13 -17.68
CA PHE B 129 -25.11 10.64 -18.15
C PHE B 129 -24.34 11.65 -19.00
N VAL B 130 -23.07 11.37 -19.18
CA VAL B 130 -22.20 12.20 -19.99
C VAL B 130 -21.41 11.28 -20.89
N LYS B 131 -21.09 11.75 -22.08
CA LYS B 131 -20.28 10.95 -22.99
C LYS B 131 -19.12 11.81 -23.53
N LEU B 132 -17.94 11.59 -22.99
CA LEU B 132 -16.77 12.32 -23.48
C LEU B 132 -16.19 11.55 -24.65
N THR B 133 -15.72 12.26 -25.65
CA THR B 133 -15.10 11.61 -26.77
C THR B 133 -13.93 12.48 -27.21
N MSE B 134 -12.76 11.87 -27.35
CA MSE B 134 -11.61 12.63 -27.81
C MSE B 134 -11.12 12.01 -29.13
O MSE B 134 -10.92 10.81 -29.22
CB MSE B 134 -10.48 12.63 -26.78
CG MSE B 134 -10.55 11.61 -25.70
SE MSE B 134 -11.68 12.12 -24.24
CE MSE B 134 -12.94 10.68 -24.34
N GLU B 135 -10.97 12.86 -30.14
CA GLU B 135 -10.49 12.46 -31.45
C GLU B 135 -9.06 12.97 -31.57
N TYR B 136 -8.14 12.06 -31.86
CA TYR B 136 -6.73 12.40 -31.94
C TYR B 136 -6.11 12.88 -33.26
N ASP B 137 -4.88 13.38 -33.15
CA ASP B 137 -4.07 13.89 -34.25
C ASP B 137 -4.06 12.99 -35.47
N ASP B 138 -3.70 11.73 -35.23
CA ASP B 138 -3.60 10.75 -36.29
C ASP B 138 -4.83 10.63 -37.20
N LYS B 139 -5.88 11.39 -36.91
CA LYS B 139 -7.09 11.35 -37.72
C LYS B 139 -7.64 9.94 -37.79
N VAL B 140 -7.29 9.10 -36.82
CA VAL B 140 -7.74 7.72 -36.82
C VAL B 140 -8.21 7.23 -35.47
N SER B 141 -7.52 7.63 -34.42
CA SER B 141 -7.84 7.19 -33.07
C SER B 141 -8.90 8.02 -32.36
N LYS B 142 -9.90 7.34 -31.81
CA LYS B 142 -10.97 7.98 -31.06
C LYS B 142 -11.13 7.23 -29.75
N SER B 143 -11.72 7.90 -28.76
CA SER B 143 -11.96 7.29 -27.47
C SER B 143 -13.29 7.87 -27.02
N HIS B 144 -14.19 7.01 -26.52
CA HIS B 144 -15.49 7.46 -26.04
C HIS B 144 -15.71 6.93 -24.64
N HIS B 145 -16.02 7.81 -23.69
CA HIS B 145 -16.26 7.40 -22.32
C HIS B 145 -17.66 7.76 -21.86
N THR B 146 -18.40 6.75 -21.43
CA THR B 146 -19.75 6.94 -20.96
C THR B 146 -19.76 6.79 -19.46
N CYS B 147 -20.23 7.83 -18.78
CA CYS B 147 -20.25 7.81 -17.32
C CYS B 147 -21.58 8.29 -16.78
N ALA B 148 -21.76 8.06 -15.49
CA ALA B 148 -22.95 8.49 -14.79
C ALA B 148 -22.63 9.83 -14.14
N LEU B 149 -23.58 10.77 -14.20
CA LEU B 149 -23.38 12.07 -13.57
C LEU B 149 -23.51 11.86 -12.07
N MSE B 150 -23.19 12.88 -11.30
CA MSE B 150 -23.30 12.74 -9.87
C MSE B 150 -24.38 13.62 -9.30
O MSE B 150 -24.93 14.48 -10.01
CB MSE B 150 -21.99 13.09 -9.21
CG MSE B 150 -20.91 12.08 -9.41
SE MSE B 150 -19.40 12.69 -8.43
CE MSE B 150 -19.03 14.26 -9.50
N PRO B 151 -24.70 13.42 -8.03
CA PRO B 151 -25.73 14.22 -7.37
C PRO B 151 -25.31 15.67 -7.55
N TYR B 152 -26.20 16.48 -8.10
CA TYR B 152 -25.88 17.87 -8.38
C TYR B 152 -25.26 18.71 -7.29
N MSE B 153 -24.29 19.50 -7.69
CA MSE B 153 -23.57 20.41 -6.82
C MSE B 153 -23.52 21.74 -7.56
O MSE B 153 -23.61 21.77 -8.79
CB MSE B 153 -22.15 19.92 -6.61
CG MSE B 153 -22.02 18.51 -6.10
SE MSE B 153 -20.23 17.86 -6.47
CE MSE B 153 -19.22 19.51 -6.27
N PRO B 154 -23.37 22.85 -6.83
CA PRO B 154 -23.32 24.16 -7.50
C PRO B 154 -22.00 24.28 -8.24
N PRO B 155 -21.87 25.32 -9.06
CA PRO B 155 -20.58 25.44 -9.76
C PRO B 155 -19.50 25.82 -8.76
N ALA B 156 -18.44 25.04 -8.68
CA ALA B 156 -17.36 25.36 -7.75
C ALA B 156 -16.99 26.82 -8.00
N SER B 157 -16.75 27.15 -9.25
CA SER B 157 -16.40 28.51 -9.66
C SER B 157 -17.63 29.42 -9.59
N ASP B 158 -18.20 29.55 -8.40
CA ASP B 158 -19.40 30.36 -8.22
C ASP B 158 -19.45 30.84 -6.78
N ARG B 159 -18.61 30.24 -5.95
CA ARG B 159 -18.54 30.56 -4.53
C ARG B 159 -18.02 31.97 -4.19
N LEU B 160 -17.44 32.64 -5.17
CA LEU B 160 -16.89 33.98 -4.91
C LEU B 160 -17.51 35.14 -5.69
N ARG B 161 -18.66 34.93 -6.34
CA ARG B 161 -19.22 36.03 -7.10
C ARG B 161 -19.71 37.19 -6.26
N ASN B 162 -20.14 36.91 -5.03
CA ASN B 162 -20.62 37.98 -4.16
C ASN B 162 -19.59 38.44 -3.15
N GLU B 163 -18.36 37.95 -3.28
CA GLU B 163 -17.30 38.33 -2.36
C GLU B 163 -16.68 39.65 -2.82
N GLN B 164 -16.09 40.39 -1.87
CA GLN B 164 -15.46 41.67 -2.19
C GLN B 164 -13.96 41.60 -2.06
N MSE B 165 -13.27 41.77 -3.19
CA MSE B 165 -11.82 41.69 -3.20
C MSE B 165 -11.22 43.00 -2.69
O MSE B 165 -11.39 44.06 -3.29
CB MSE B 165 -11.34 41.39 -4.62
CG MSE B 165 -9.84 41.14 -4.73
SE MSE B 165 -9.36 40.35 -6.41
CE MSE B 165 -10.00 41.77 -7.55
N ILE B 166 -10.49 42.89 -1.58
CA ILE B 166 -9.87 44.06 -0.98
C ILE B 166 -8.38 44.14 -1.31
N GLY B 167 -7.94 43.34 -2.27
CA GLY B 167 -6.54 43.38 -2.64
C GLY B 167 -5.98 42.05 -3.10
N GLN B 168 -4.85 42.11 -3.78
CA GLN B 168 -4.18 40.91 -4.25
C GLN B 168 -2.69 41.16 -4.47
N VAL B 169 -1.86 40.21 -4.04
CA VAL B 169 -0.42 40.36 -4.18
C VAL B 169 0.19 39.22 -5.00
N LEU B 170 1.03 39.61 -5.97
CA LEU B 170 1.72 38.69 -6.87
C LEU B 170 2.95 38.14 -6.14
N LEU B 171 3.11 36.83 -6.14
CA LEU B 171 4.25 36.23 -5.46
C LEU B 171 5.33 35.71 -6.40
N MSE B 172 6.44 36.45 -6.42
CA MSE B 172 7.63 36.14 -7.20
C MSE B 172 8.03 34.68 -6.93
O MSE B 172 8.10 34.25 -5.77
CB MSE B 172 8.72 37.08 -6.72
CG MSE B 172 9.92 37.27 -7.60
SE MSE B 172 11.16 38.28 -6.51
CE MSE B 172 10.33 40.03 -6.51
N PRO B 173 8.33 33.91 -7.98
CA PRO B 173 8.72 32.50 -7.89
C PRO B 173 9.46 32.05 -6.62
N LYS B 174 10.54 32.75 -6.28
CA LYS B 174 11.30 32.39 -5.08
C LYS B 174 10.50 32.63 -3.80
N THR B 175 9.80 33.76 -3.75
CA THR B 175 8.99 34.10 -2.58
C THR B 175 7.93 33.00 -2.43
N ALA B 176 7.27 32.69 -3.54
CA ALA B 176 6.24 31.67 -3.53
C ALA B 176 6.77 30.35 -2.95
N SER B 177 7.88 29.85 -3.48
CA SER B 177 8.46 28.59 -3.01
C SER B 177 8.78 28.71 -1.54
N SER B 178 9.35 29.85 -1.18
CA SER B 178 9.70 30.11 0.18
C SER B 178 8.47 29.96 1.08
N LEU B 179 7.37 30.60 0.70
CA LEU B 179 6.11 30.52 1.47
C LEU B 179 5.60 29.09 1.45
N GLN B 180 5.56 28.54 0.26
CA GLN B 180 5.08 27.19 0.03
C GLN B 180 5.79 26.18 0.90
N LYS B 181 7.07 26.42 1.16
CA LYS B 181 7.85 25.51 1.98
C LYS B 181 7.50 25.70 3.46
N TRP B 182 7.38 26.97 3.85
CA TRP B 182 7.04 27.31 5.22
C TRP B 182 5.70 26.67 5.55
N ALA B 183 4.74 26.87 4.65
CA ALA B 183 3.41 26.32 4.83
C ALA B 183 3.50 24.83 5.09
N ARG B 184 4.28 24.11 4.29
CA ARG B 184 4.44 22.66 4.45
C ARG B 184 5.02 22.31 5.81
N GLN B 185 5.97 23.12 6.25
CA GLN B 185 6.62 22.94 7.54
C GLN B 185 5.63 22.98 8.70
N GLN B 186 4.45 23.55 8.47
CA GLN B 186 3.45 23.68 9.53
C GLN B 186 2.48 22.50 9.63
N GLY B 187 2.65 21.49 8.80
CA GLY B 187 1.79 20.32 8.86
C GLY B 187 0.28 20.58 8.89
N SER B 188 -0.40 19.91 9.81
CA SER B 188 -1.85 20.03 9.94
C SER B 188 -2.32 21.25 10.72
N GLY B 189 -1.43 22.22 10.87
CA GLY B 189 -1.81 23.42 11.60
C GLY B 189 -2.54 24.45 10.75
N GLY B 190 -2.85 25.57 11.37
CA GLY B 190 -3.53 26.64 10.67
C GLY B 190 -2.56 27.80 10.50
N VAL B 191 -2.86 28.67 9.57
CA VAL B 191 -2.02 29.82 9.32
C VAL B 191 -2.92 31.02 9.39
N LYS B 192 -2.48 32.04 10.13
CA LYS B 192 -3.24 33.27 10.26
C LYS B 192 -2.55 34.23 9.29
N VAL B 193 -3.23 34.51 8.17
CA VAL B 193 -2.68 35.40 7.16
C VAL B 193 -3.10 36.84 7.43
N THR B 194 -2.13 37.74 7.44
CA THR B 194 -2.40 39.16 7.70
C THR B 194 -1.97 40.07 6.57
N LEU B 195 -2.90 40.85 6.09
CA LEU B 195 -2.63 41.84 5.05
C LEU B 195 -2.50 43.23 5.65
N ASN B 196 -1.34 43.82 5.57
CA ASN B 196 -1.12 45.13 6.18
C ASN B 196 -0.81 46.23 5.18
N PRO B 197 -1.85 46.93 4.67
CA PRO B 197 -1.70 48.02 3.70
C PRO B 197 -0.71 49.07 4.18
N ASP B 198 -0.69 49.27 5.50
CA ASP B 198 0.18 50.27 6.09
C ASP B 198 1.63 49.86 6.01
N LEU B 199 1.93 48.61 6.34
CA LEU B 199 3.31 48.16 6.32
C LEU B 199 3.74 47.52 4.98
N TYR B 200 2.82 47.41 4.05
CA TYR B 200 3.15 46.80 2.74
C TYR B 200 3.74 45.42 3.03
N VAL B 201 3.09 44.70 3.92
CA VAL B 201 3.57 43.39 4.31
C VAL B 201 2.46 42.35 4.44
N THR B 202 2.79 41.11 4.14
CA THR B 202 1.83 40.03 4.27
C THR B 202 2.50 39.13 5.32
N THR B 203 1.76 38.72 6.33
CA THR B 203 2.33 37.88 7.38
C THR B 203 1.57 36.59 7.59
N TYR B 204 2.31 35.54 7.94
CA TYR B 204 1.72 34.25 8.17
C TYR B 204 2.26 33.70 9.49
N THR B 205 1.36 33.18 10.32
CA THR B 205 1.78 32.61 11.58
C THR B 205 1.03 31.34 11.88
N SER B 206 1.75 30.38 12.47
CA SER B 206 1.17 29.11 12.84
C SER B 206 1.82 28.70 14.16
N GLY B 207 1.19 29.10 15.25
CA GLY B 207 1.73 28.81 16.56
C GLY B 207 2.84 29.80 16.80
N GLU B 208 4.02 29.30 17.15
CA GLU B 208 5.16 30.16 17.40
C GLU B 208 5.83 30.47 16.08
N ALA B 209 5.66 29.57 15.12
CA ALA B 209 6.23 29.73 13.78
C ALA B 209 5.70 31.02 13.15
N CYS B 210 6.50 31.60 12.26
CA CYS B 210 6.13 32.87 11.65
C CYS B 210 6.92 33.16 10.36
N LEU B 211 6.42 34.08 9.53
CA LEU B 211 7.06 34.39 8.25
C LEU B 211 6.50 35.71 7.68
N THR B 212 7.39 36.63 7.29
CA THR B 212 6.94 37.93 6.76
C THR B 212 7.42 38.23 5.33
N LEU B 213 6.48 38.52 4.43
CA LEU B 213 6.82 38.82 3.03
C LEU B 213 6.46 40.25 2.64
N ASP B 214 7.46 41.03 2.21
CA ASP B 214 7.22 42.42 1.80
C ASP B 214 6.75 42.45 0.36
N TYR B 215 6.14 43.58 -0.03
CA TYR B 215 5.65 43.72 -1.38
C TYR B 215 5.63 45.18 -1.82
N LYS B 216 5.98 45.43 -3.08
CA LYS B 216 5.98 46.78 -3.63
C LYS B 216 4.55 47.10 -4.03
N PRO B 217 4.09 48.30 -3.68
CA PRO B 217 2.73 48.79 -3.98
C PRO B 217 2.50 49.16 -5.44
N LEU B 218 1.24 49.00 -5.86
CA LEU B 218 0.84 49.38 -7.20
C LEU B 218 -0.12 50.51 -6.92
N SER B 219 0.18 51.69 -7.44
CA SER B 219 -0.68 52.84 -7.22
C SER B 219 -2.03 52.63 -7.89
N VAL B 220 -2.67 51.49 -7.64
CA VAL B 220 -3.97 51.17 -8.22
C VAL B 220 -4.73 50.20 -7.32
N GLY B 221 -6.06 50.19 -7.45
CA GLY B 221 -6.88 49.31 -6.63
C GLY B 221 -6.92 47.86 -7.08
N PRO B 222 -7.33 46.93 -6.18
CA PRO B 222 -7.42 45.50 -6.43
C PRO B 222 -7.94 45.12 -7.81
N TYR B 223 -9.19 45.47 -8.10
CA TYR B 223 -9.80 45.12 -9.38
C TYR B 223 -9.15 45.63 -10.66
N GLU B 224 -8.14 46.48 -10.55
CA GLU B 224 -7.48 47.00 -11.73
C GLU B 224 -6.07 46.46 -11.84
N ALA B 225 -5.74 45.52 -10.96
CA ALA B 225 -4.40 44.92 -10.95
C ALA B 225 -4.42 43.54 -11.62
N PHE B 226 -3.28 43.18 -12.20
CA PHE B 226 -3.13 41.89 -12.84
C PHE B 226 -4.31 41.50 -13.73
N THR B 227 -4.74 42.45 -14.57
CA THR B 227 -5.86 42.24 -15.49
C THR B 227 -5.45 41.43 -16.72
N GLY B 228 -4.16 41.44 -17.02
CA GLY B 228 -3.70 40.70 -18.18
C GLY B 228 -2.52 39.82 -17.82
N PRO B 229 -1.76 39.35 -18.82
CA PRO B 229 -0.60 38.50 -18.55
C PRO B 229 0.39 39.16 -17.60
N VAL B 230 1.09 38.33 -16.83
CA VAL B 230 2.11 38.84 -15.92
C VAL B 230 3.39 38.98 -16.74
N ALA B 231 3.70 40.21 -17.12
CA ALA B 231 4.90 40.51 -17.91
C ALA B 231 6.17 40.34 -17.08
N LYS B 232 6.07 40.63 -15.78
CA LYS B 232 7.20 40.50 -14.87
C LYS B 232 6.84 39.78 -13.58
N ALA B 233 7.77 38.96 -13.10
CA ALA B 233 7.54 38.24 -11.87
C ALA B 233 8.28 38.95 -10.75
N GLN B 234 7.53 39.74 -9.96
CA GLN B 234 8.09 40.47 -8.84
C GLN B 234 7.08 40.59 -7.71
N ASP B 235 7.56 40.69 -6.47
CA ASP B 235 6.66 40.81 -5.33
C ASP B 235 5.97 42.17 -5.32
N VAL B 236 4.87 42.23 -6.06
CA VAL B 236 4.07 43.43 -6.20
C VAL B 236 2.67 43.19 -5.65
N GLY B 237 2.00 44.25 -5.22
CA GLY B 237 0.66 44.10 -4.67
C GLY B 237 -0.21 45.35 -4.65
N ALA B 238 -1.52 45.14 -4.80
CA ALA B 238 -2.50 46.22 -4.78
C ALA B 238 -3.48 45.89 -3.66
N VAL B 239 -3.25 46.48 -2.49
CA VAL B 239 -4.07 46.23 -1.32
C VAL B 239 -4.82 47.50 -0.92
N GLU B 240 -6.08 47.37 -0.53
CA GLU B 240 -6.84 48.56 -0.14
C GLU B 240 -7.51 48.40 1.21
N ALA B 241 -7.07 47.43 2.01
CA ALA B 241 -7.69 47.22 3.31
C ALA B 241 -6.91 46.20 4.10
N HIS B 242 -7.03 46.25 5.42
CA HIS B 242 -6.38 45.29 6.28
C HIS B 242 -7.28 44.07 6.30
N VAL B 243 -6.78 42.97 6.84
CA VAL B 243 -7.58 41.76 6.96
C VAL B 243 -6.77 40.60 7.50
N VAL B 244 -7.45 39.69 8.18
CA VAL B 244 -6.79 38.52 8.72
C VAL B 244 -7.57 37.31 8.24
N CYS B 245 -6.85 36.30 7.77
CA CYS B 245 -7.50 35.10 7.28
C CYS B 245 -7.00 33.88 8.02
N SER B 246 -7.92 32.98 8.34
CA SER B 246 -7.54 31.75 9.02
C SER B 246 -7.72 30.62 8.01
N VAL B 247 -6.61 30.13 7.46
CA VAL B 247 -6.66 29.06 6.49
C VAL B 247 -5.89 27.83 7.01
N ALA B 248 -5.91 26.75 6.24
CA ALA B 248 -5.20 25.56 6.66
C ALA B 248 -3.82 25.57 6.02
N ALA B 249 -2.79 25.42 6.83
CA ALA B 249 -1.43 25.43 6.31
C ALA B 249 -1.28 24.48 5.12
N ASP B 250 -1.84 23.28 5.21
CA ASP B 250 -1.73 22.31 4.12
C ASP B 250 -2.42 22.76 2.82
N SER B 251 -3.59 23.40 2.94
CA SER B 251 -4.32 23.90 1.78
C SER B 251 -3.54 25.03 1.11
N LEU B 252 -2.94 25.88 1.95
CA LEU B 252 -2.14 26.99 1.47
C LEU B 252 -0.92 26.47 0.72
N ALA B 253 -0.33 25.41 1.24
CA ALA B 253 0.86 24.81 0.62
C ALA B 253 0.54 24.23 -0.76
N ALA B 254 -0.61 23.55 -0.86
CA ALA B 254 -1.03 22.94 -2.11
C ALA B 254 -1.34 24.04 -3.14
N ALA B 255 -1.97 25.10 -2.68
CA ALA B 255 -2.35 26.18 -3.59
C ALA B 255 -1.12 26.82 -4.19
N LEU B 256 -0.20 27.25 -3.33
CA LEU B 256 1.00 27.91 -3.81
C LEU B 256 1.72 27.03 -4.80
N SER B 257 1.68 25.72 -4.55
CA SER B 257 2.32 24.80 -5.46
C SER B 257 1.60 24.79 -6.83
N LEU B 258 0.32 24.43 -6.82
CA LEU B 258 -0.48 24.36 -8.05
C LEU B 258 -0.46 25.63 -8.90
N CYS B 259 -0.43 26.80 -8.27
CA CYS B 259 -0.46 28.03 -9.05
C CYS B 259 0.86 28.50 -9.62
N ARG B 260 1.94 27.80 -9.28
CA ARG B 260 3.25 28.13 -9.81
C ARG B 260 3.54 27.01 -10.80
N ILE B 261 2.99 27.15 -12.01
CA ILE B 261 3.20 26.16 -13.06
C ILE B 261 4.47 26.57 -13.82
N PRO B 262 5.48 25.67 -13.85
CA PRO B 262 6.75 25.93 -14.53
C PRO B 262 6.64 26.63 -15.89
N ALA B 263 7.37 27.72 -16.05
CA ALA B 263 7.37 28.49 -17.29
C ALA B 263 5.96 28.87 -17.75
N VAL B 264 5.01 28.89 -16.84
CA VAL B 264 3.64 29.21 -17.20
C VAL B 264 2.96 30.27 -16.32
N SER B 265 2.87 29.97 -15.03
CA SER B 265 2.19 30.89 -14.12
C SER B 265 2.96 31.13 -12.85
N VAL B 266 2.53 32.15 -12.14
CA VAL B 266 3.12 32.53 -10.87
C VAL B 266 1.90 32.76 -9.95
N PRO B 267 2.01 32.43 -8.65
CA PRO B 267 0.91 32.60 -7.69
C PRO B 267 0.50 34.02 -7.36
N ILE B 268 -0.81 34.29 -7.35
CA ILE B 268 -1.29 35.60 -6.97
C ILE B 268 -2.31 35.40 -5.86
N LEU B 269 -2.07 36.02 -4.71
CA LEU B 269 -3.00 35.87 -3.60
C LEU B 269 -4.10 36.93 -3.67
N ARG B 270 -5.34 36.48 -3.77
CA ARG B 270 -6.47 37.40 -3.79
C ARG B 270 -7.09 37.40 -2.40
N PHE B 271 -7.16 38.57 -1.79
CA PHE B 271 -7.74 38.69 -0.46
C PHE B 271 -9.16 39.22 -0.56
N TYR B 272 -10.05 38.64 0.24
CA TYR B 272 -11.45 39.06 0.25
C TYR B 272 -11.84 39.68 1.59
N ARG B 273 -12.80 40.59 1.58
CA ARG B 273 -13.21 41.25 2.81
C ARG B 273 -13.61 40.24 3.86
N SER B 274 -14.24 39.14 3.48
CA SER B 274 -14.55 38.10 4.46
C SER B 274 -13.19 37.44 4.69
N GLY B 275 -13.06 36.57 5.68
CA GLY B 275 -11.74 35.99 5.89
C GLY B 275 -11.18 35.12 4.78
N ILE B 276 -11.93 34.97 3.69
CA ILE B 276 -11.57 34.11 2.57
C ILE B 276 -10.41 34.57 1.67
N ILE B 277 -9.63 33.61 1.19
CA ILE B 277 -8.50 33.87 0.30
C ILE B 277 -8.56 32.95 -0.92
N ALA B 278 -8.17 33.46 -2.07
CA ALA B 278 -8.17 32.65 -3.28
C ALA B 278 -6.81 32.76 -3.96
N VAL B 279 -6.04 31.67 -3.94
CA VAL B 279 -4.75 31.66 -4.59
C VAL B 279 -5.06 31.42 -6.05
N VAL B 280 -4.65 32.37 -6.88
CA VAL B 280 -4.90 32.35 -8.31
C VAL B 280 -3.61 32.18 -9.09
N ALA B 281 -3.67 31.48 -10.22
CA ALA B 281 -2.50 31.29 -11.07
C ALA B 281 -2.39 32.43 -12.09
N GLY B 282 -1.45 33.35 -11.85
CA GLY B 282 -1.27 34.47 -12.76
C GLY B 282 -0.45 33.99 -13.94
N LEU B 283 -1.02 34.07 -15.13
CA LEU B 283 -0.32 33.62 -16.34
C LEU B 283 0.75 34.58 -16.81
N LEU B 284 1.91 34.02 -17.14
CA LEU B 284 3.03 34.80 -17.63
C LEU B 284 2.81 35.15 -19.10
N THR B 285 3.28 36.34 -19.51
CA THR B 285 3.16 36.78 -20.89
C THR B 285 3.69 35.68 -21.82
N SER B 286 4.79 35.05 -21.41
CA SER B 286 5.38 33.96 -22.18
C SER B 286 4.28 32.96 -22.49
N ALA B 287 4.00 32.07 -21.54
CA ALA B 287 2.93 31.09 -21.73
C ALA B 287 1.80 31.88 -22.40
N GLY B 288 1.64 31.68 -23.70
CA GLY B 288 0.65 32.41 -24.47
C GLY B 288 -0.74 32.64 -23.91
N ASP B 289 -1.72 32.55 -24.80
CA ASP B 289 -3.11 32.73 -24.40
C ASP B 289 -3.72 31.40 -24.05
N LEU B 290 -3.28 30.85 -22.91
CA LEU B 290 -3.81 29.59 -22.45
C LEU B 290 -5.21 29.89 -21.92
N PRO B 291 -6.22 29.08 -22.29
CA PRO B 291 -7.58 29.32 -21.82
C PRO B 291 -7.74 28.73 -20.41
N LEU B 292 -6.84 29.12 -19.52
CA LEU B 292 -6.86 28.59 -18.17
C LEU B 292 -7.17 29.58 -17.05
N ASP B 293 -8.05 29.16 -16.16
CA ASP B 293 -8.41 29.94 -15.00
C ASP B 293 -8.31 28.98 -13.83
N LEU B 294 -7.07 28.82 -13.37
CA LEU B 294 -6.72 27.94 -12.26
C LEU B 294 -6.73 28.72 -10.95
N SER B 295 -7.48 28.22 -9.98
CA SER B 295 -7.51 28.87 -8.68
C SER B 295 -7.76 27.84 -7.59
N VAL B 296 -7.48 28.21 -6.36
CA VAL B 296 -7.70 27.35 -5.23
C VAL B 296 -8.24 28.26 -4.16
N ILE B 297 -9.40 27.94 -3.63
CA ILE B 297 -10.00 28.76 -2.59
C ILE B 297 -9.62 28.27 -1.19
N LEU B 298 -9.06 29.16 -0.38
CA LEU B 298 -8.67 28.80 0.97
C LEU B 298 -9.83 29.18 1.89
N PHE B 299 -10.59 28.19 2.33
CA PHE B 299 -11.73 28.45 3.20
C PHE B 299 -11.25 28.75 4.61
N ASN B 300 -12.17 29.23 5.44
CA ASN B 300 -11.88 29.55 6.84
C ASN B 300 -11.60 28.25 7.58
N HIS B 301 -10.46 28.19 8.25
CA HIS B 301 -10.09 26.99 8.98
C HIS B 301 -9.92 27.28 10.45
N ALA B 302 -10.77 26.67 11.25
CA ALA B 302 -10.72 26.85 12.69
C ALA B 302 -9.53 26.05 13.21
N SER B 303 -8.55 26.73 13.79
CA SER B 303 -7.36 26.05 14.32
C SER B 303 -7.66 25.35 15.66
N MSE C 5 62.44 20.78 36.94
CA MSE C 5 62.26 22.21 36.58
C MSE C 5 61.46 22.97 37.63
O MSE C 5 61.14 22.43 38.69
CB MSE C 5 61.54 22.33 35.24
CG MSE C 5 62.11 21.47 34.16
SE MSE C 5 61.37 21.99 32.48
CE MSE C 5 62.87 22.99 31.79
N GLU C 6 61.11 24.21 37.31
CA GLU C 6 60.35 25.03 38.24
C GLU C 6 58.85 24.84 38.11
N THR C 7 58.22 24.44 39.22
CA THR C 7 56.79 24.22 39.26
C THR C 7 56.09 25.56 39.50
N THR C 8 55.71 26.25 38.43
CA THR C 8 55.05 27.54 38.55
C THR C 8 53.77 27.50 39.39
N GLN C 9 52.85 26.59 39.08
CA GLN C 9 51.60 26.47 39.86
C GLN C 9 51.10 25.04 39.90
N THR C 10 50.20 24.77 40.86
CA THR C 10 49.65 23.44 41.05
C THR C 10 48.16 23.45 41.41
N LEU C 11 47.41 22.69 40.66
CA LEU C 11 45.97 22.53 40.88
C LEU C 11 45.60 21.06 41.05
N ARG C 12 44.91 20.76 42.11
CA ARG C 12 44.53 19.39 42.39
C ARG C 12 43.08 19.37 42.91
N PHE C 13 42.17 18.87 42.09
CA PHE C 13 40.77 18.82 42.47
C PHE C 13 40.48 17.79 43.54
N LYS C 14 39.29 17.85 44.12
CA LYS C 14 38.87 16.93 45.16
C LYS C 14 38.51 15.57 44.56
N THR C 15 38.25 14.60 45.43
CA THR C 15 37.88 13.25 45.01
C THR C 15 36.61 13.24 44.17
N LYS C 16 36.69 12.60 43.00
CA LYS C 16 35.55 12.49 42.11
C LYS C 16 34.86 13.83 41.82
N ALA C 17 35.56 14.93 42.06
CA ALA C 17 35.00 16.26 41.83
C ALA C 17 34.67 16.48 40.36
N LEU C 18 35.60 16.12 39.49
CA LEU C 18 35.38 16.30 38.07
C LEU C 18 34.59 15.14 37.48
N ALA C 19 34.71 13.96 38.09
CA ALA C 19 34.00 12.78 37.59
C ALA C 19 32.53 13.09 37.44
N VAL C 20 32.00 13.90 38.35
CA VAL C 20 30.60 14.30 38.35
C VAL C 20 30.15 14.95 37.04
N LEU C 21 31.02 15.74 36.42
CA LEU C 21 30.67 16.43 35.18
C LEU C 21 30.88 15.59 33.91
N SER C 22 31.30 14.34 34.09
CA SER C 22 31.55 13.47 32.96
C SER C 22 30.42 13.50 31.93
N LYS C 23 29.19 13.31 32.38
CA LYS C 23 28.09 13.34 31.44
C LYS C 23 27.93 14.70 30.80
N CYS C 24 28.05 15.76 31.60
CA CYS C 24 27.94 17.12 31.08
C CYS C 24 28.96 17.29 29.98
N TYR C 25 30.18 16.85 30.25
CA TYR C 25 31.22 16.96 29.24
C TYR C 25 30.81 16.21 27.99
N ASP C 26 30.32 14.98 28.17
CA ASP C 26 29.91 14.13 27.06
C ASP C 26 28.94 14.83 26.14
N HIS C 27 27.99 15.53 26.74
CA HIS C 27 26.98 16.26 25.99
C HIS C 27 27.65 17.33 25.14
N ALA C 28 28.80 17.82 25.59
CA ALA C 28 29.51 18.89 24.89
C ALA C 28 30.84 18.52 24.21
N GLN C 29 31.26 17.27 24.34
CA GLN C 29 32.54 16.83 23.76
C GLN C 29 32.77 17.16 22.29
N THR C 30 31.77 16.98 21.45
CA THR C 30 31.93 17.27 20.05
C THR C 30 32.31 18.73 19.80
N HIS C 31 31.78 19.63 20.63
CA HIS C 31 32.06 21.05 20.50
C HIS C 31 33.37 21.44 21.16
N LEU C 32 33.70 20.73 22.22
CA LEU C 32 34.92 21.00 22.96
C LEU C 32 36.18 20.42 22.34
N LYS C 33 36.06 19.27 21.67
CA LYS C 33 37.22 18.60 21.08
C LYS C 33 38.29 19.51 20.47
N GLY C 34 37.92 20.30 19.47
CA GLY C 34 38.90 21.18 18.84
C GLY C 34 39.21 22.45 19.62
N GLY C 35 38.77 22.50 20.88
CA GLY C 35 38.98 23.69 21.68
C GLY C 35 40.26 23.75 22.51
N VAL C 36 40.17 24.47 23.63
CA VAL C 36 41.31 24.68 24.51
C VAL C 36 41.01 24.43 26.00
N LEU C 37 42.01 23.92 26.71
CA LEU C 37 41.89 23.70 28.15
C LEU C 37 42.78 24.75 28.84
N GLN C 38 42.20 25.53 29.75
CA GLN C 38 42.98 26.55 30.45
C GLN C 38 42.53 26.79 31.88
N VAL C 39 43.46 27.22 32.72
CA VAL C 39 43.13 27.54 34.10
C VAL C 39 43.23 29.06 34.16
N ASN C 40 42.19 29.69 34.70
CA ASN C 40 42.14 31.15 34.79
C ASN C 40 42.70 31.62 36.13
N LEU C 41 43.88 32.24 36.09
CA LEU C 41 44.54 32.74 37.29
C LEU C 41 43.86 33.97 37.88
N LEU C 42 43.29 34.82 37.02
CA LEU C 42 42.60 36.02 37.46
C LEU C 42 41.37 35.63 38.28
N SER C 43 40.75 34.52 37.90
CA SER C 43 39.55 34.05 38.61
C SER C 43 39.85 33.74 40.07
N VAL C 44 41.12 33.58 40.41
CA VAL C 44 41.50 33.27 41.79
C VAL C 44 41.07 34.39 42.72
N ASN C 45 40.94 35.60 42.16
CA ASN C 45 40.55 36.78 42.90
C ASN C 45 39.05 36.83 43.17
N TYR C 46 38.32 35.83 42.70
CA TYR C 46 36.88 35.80 42.87
C TYR C 46 36.36 34.52 43.53
N GLY C 47 37.25 33.69 44.06
CA GLY C 47 36.79 32.47 44.70
C GLY C 47 37.65 31.24 44.50
N GLY C 48 38.56 31.29 43.52
CA GLY C 48 39.43 30.16 43.27
C GLY C 48 39.85 30.03 41.81
N PRO C 49 40.72 29.06 41.49
CA PRO C 49 41.19 28.84 40.12
C PRO C 49 40.04 28.31 39.29
N ARG C 50 40.01 28.72 38.02
CA ARG C 50 38.95 28.31 37.13
C ARG C 50 39.44 27.42 35.99
N LEU C 51 39.28 26.11 36.14
CA LEU C 51 39.66 25.18 35.08
C LEU C 51 38.53 25.22 34.06
N ALA C 52 38.85 25.42 32.79
CA ALA C 52 37.80 25.50 31.81
C ALA C 52 38.13 24.90 30.46
N ALA C 53 37.08 24.48 29.77
CA ALA C 53 37.21 23.94 28.44
C ALA C 53 36.60 25.06 27.59
N VAL C 54 37.43 25.69 26.77
CA VAL C 54 36.95 26.78 25.92
C VAL C 54 37.04 26.40 24.46
N ALA C 55 36.00 26.72 23.70
CA ALA C 55 35.97 26.40 22.27
C ALA C 55 35.10 27.39 21.51
N ASN C 56 35.24 27.38 20.19
CA ASN C 56 34.50 28.25 19.31
C ASN C 56 33.14 27.64 18.98
N ALA C 57 32.11 28.48 18.86
CA ALA C 57 30.76 28.02 18.55
C ALA C 57 30.12 28.84 17.45
N GLY C 58 29.79 28.21 16.32
CA GLY C 58 29.18 28.91 15.20
C GLY C 58 30.12 29.97 14.65
N THR C 59 29.59 30.96 13.93
CA THR C 59 30.46 32.00 13.39
C THR C 59 30.75 33.13 14.37
N ALA C 60 30.01 33.23 15.48
CA ALA C 60 30.26 34.32 16.43
C ALA C 60 29.92 33.98 17.87
N GLY C 61 30.48 32.90 18.38
CA GLY C 61 30.19 32.52 19.75
C GLY C 61 31.36 31.87 20.45
N LEU C 62 31.36 31.96 21.76
CA LEU C 62 32.43 31.38 22.56
C LEU C 62 31.88 30.47 23.66
N ILE C 63 32.30 29.22 23.66
CA ILE C 63 31.85 28.26 24.65
C ILE C 63 32.85 28.22 25.79
N SER C 64 32.35 28.31 27.02
CA SER C 64 33.21 28.26 28.19
C SER C 64 32.62 27.22 29.12
N PHE C 65 33.29 26.07 29.23
CA PHE C 65 32.86 24.98 30.06
C PHE C 65 33.71 25.07 31.32
N GLU C 66 33.24 25.83 32.29
CA GLU C 66 33.98 26.06 33.54
C GLU C 66 33.63 25.19 34.74
N VAL C 67 34.65 24.87 35.52
CA VAL C 67 34.48 24.09 36.73
C VAL C 67 34.58 25.07 37.89
N SER C 68 33.48 25.27 38.62
CA SER C 68 33.51 26.19 39.74
C SER C 68 34.55 25.77 40.78
N PRO C 69 35.17 26.74 41.47
CA PRO C 69 36.21 26.54 42.49
C PRO C 69 35.93 25.56 43.62
N ASP C 70 34.68 25.48 44.08
CA ASP C 70 34.37 24.54 45.15
C ASP C 70 34.83 23.13 44.81
N ALA C 71 35.28 22.95 43.56
CA ALA C 71 35.76 21.66 43.09
C ALA C 71 37.25 21.48 43.41
N VAL C 72 38.01 22.58 43.42
CA VAL C 72 39.43 22.52 43.73
C VAL C 72 39.62 22.01 45.16
N ALA C 73 40.75 21.37 45.41
CA ALA C 73 41.04 20.82 46.73
C ALA C 73 42.28 21.49 47.25
N GLU C 74 43.07 22.03 46.32
CA GLU C 74 44.31 22.69 46.68
C GLU C 74 44.86 23.43 45.49
N TRP C 75 45.28 24.67 45.73
CA TRP C 75 45.84 25.50 44.68
C TRP C 75 47.09 26.19 45.20
N GLN C 76 48.19 26.01 44.48
CA GLN C 76 49.45 26.61 44.86
C GLN C 76 50.08 27.34 43.70
N ASN C 77 50.23 28.65 43.86
CA ASN C 77 50.84 29.45 42.83
C ASN C 77 52.22 29.73 43.40
N HIS C 78 53.26 29.44 42.64
CA HIS C 78 54.61 29.67 43.12
C HIS C 78 55.26 30.76 42.27
N GLN C 79 54.46 31.68 41.75
CA GLN C 79 55.00 32.76 40.94
C GLN C 79 54.62 34.11 41.53
N SER C 80 55.54 35.07 41.44
CA SER C 80 55.28 36.39 41.96
C SER C 80 54.11 37.00 41.20
N PRO C 81 53.22 37.71 41.89
CA PRO C 81 52.07 38.33 41.21
C PRO C 81 52.53 39.16 40.01
N GLU C 82 53.75 39.67 40.09
CA GLU C 82 54.30 40.48 39.01
C GLU C 82 54.72 39.60 37.84
N GLU C 83 54.95 38.32 38.11
CA GLU C 83 55.39 37.39 37.07
C GLU C 83 54.40 36.31 36.60
N ALA C 84 53.45 35.95 37.47
CA ALA C 84 52.45 34.94 37.11
C ALA C 84 51.58 35.45 35.95
N PRO C 85 51.17 34.53 35.05
CA PRO C 85 50.34 34.89 33.89
C PRO C 85 48.87 35.10 34.24
N ALA C 86 48.09 35.56 33.26
CA ALA C 86 46.67 35.79 33.50
C ALA C 86 45.95 34.45 33.39
N ALA C 87 46.48 33.58 32.54
CA ALA C 87 45.91 32.26 32.33
C ALA C 87 46.88 31.31 31.60
N VAL C 88 46.81 30.03 31.96
CA VAL C 88 47.62 29.00 31.33
C VAL C 88 46.69 28.21 30.40
N SER C 89 47.17 27.85 29.21
CA SER C 89 46.32 27.15 28.26
C SER C 89 47.03 26.07 27.42
N PHE C 90 46.24 25.13 26.89
CA PHE C 90 46.80 24.06 26.05
C PHE C 90 45.73 23.33 25.26
N ARG C 91 46.06 22.92 24.03
CA ARG C 91 45.12 22.21 23.15
C ARG C 91 44.38 21.09 23.87
N ASN C 92 43.06 21.04 23.68
CA ASN C 92 42.26 20.01 24.30
C ASN C 92 42.69 18.68 23.67
N LEU C 93 42.93 18.72 22.36
CA LEU C 93 43.39 17.55 21.64
C LEU C 93 44.90 17.67 21.68
N ALA C 94 45.53 16.88 22.54
CA ALA C 94 46.99 16.88 22.71
C ALA C 94 47.78 16.55 21.42
N TYR C 95 49.03 17.01 21.40
CA TYR C 95 49.91 16.79 20.26
C TYR C 95 50.08 15.33 19.93
N GLY C 96 49.97 15.02 18.65
CA GLY C 96 50.13 13.65 18.19
C GLY C 96 48.99 12.77 18.64
N ARG C 97 48.72 12.78 19.95
CA ARG C 97 47.66 11.96 20.53
C ARG C 97 46.40 11.90 19.69
N THR C 98 45.62 10.86 19.95
CA THR C 98 44.36 10.66 19.26
C THR C 98 43.28 10.86 20.31
N CYS C 99 43.68 10.88 21.57
CA CYS C 99 42.74 11.06 22.66
C CYS C 99 42.60 12.55 22.99
N VAL C 100 41.44 12.91 23.51
CA VAL C 100 41.17 14.28 23.89
C VAL C 100 41.30 14.37 25.40
N LEU C 101 42.19 15.25 25.85
CA LEU C 101 42.43 15.42 27.27
C LEU C 101 41.14 15.61 28.05
N GLY C 102 40.34 16.60 27.66
CA GLY C 102 39.09 16.85 28.37
C GLY C 102 38.27 15.60 28.64
N LYS C 103 38.17 14.72 27.66
CA LYS C 103 37.40 13.48 27.76
C LYS C 103 37.90 12.59 28.91
N GLU C 104 39.22 12.60 29.13
CA GLU C 104 39.77 11.76 30.19
C GLU C 104 39.73 12.49 31.53
N LEU C 105 40.05 13.78 31.51
CA LEU C 105 40.06 14.61 32.71
C LEU C 105 38.69 14.55 33.36
N PHE C 106 37.65 14.73 32.56
CA PHE C 106 36.31 14.67 33.11
C PHE C 106 35.78 13.26 33.08
N GLY C 107 36.67 12.29 33.24
CA GLY C 107 36.25 10.89 33.23
C GLY C 107 35.53 10.52 34.52
N SER C 108 34.54 9.63 34.42
CA SER C 108 33.77 9.20 35.58
C SER C 108 34.54 8.27 36.51
N ALA C 109 35.48 7.50 35.95
CA ALA C 109 36.27 6.57 36.74
C ALA C 109 37.51 7.26 37.33
N VAL C 110 37.65 8.55 37.07
CA VAL C 110 38.78 9.30 37.61
C VAL C 110 38.41 9.62 39.04
N GLU C 111 39.33 9.39 39.97
CA GLU C 111 39.03 9.68 41.36
C GLU C 111 39.80 10.91 41.81
N GLN C 112 40.99 11.07 41.27
CA GLN C 112 41.84 12.18 41.63
C GLN C 112 42.49 12.80 40.39
N ALA C 113 42.03 13.98 40.01
CA ALA C 113 42.57 14.68 38.83
C ALA C 113 43.43 15.85 39.27
N SER C 114 44.58 16.02 38.64
CA SER C 114 45.49 17.10 39.01
C SER C 114 46.25 17.71 37.84
N LEU C 115 46.57 19.00 37.96
CA LEU C 115 47.32 19.71 36.93
C LEU C 115 48.53 20.44 37.54
N GLN C 116 49.67 20.42 36.84
CA GLN C 116 50.88 21.09 37.31
C GLN C 116 51.59 21.74 36.14
N PHE C 117 51.87 23.02 36.26
CA PHE C 117 52.54 23.74 35.19
C PHE C 117 54.01 23.98 35.53
N TYR C 118 54.83 24.16 34.50
CA TYR C 118 56.24 24.38 34.69
C TYR C 118 56.82 25.32 33.66
N LYS C 119 57.94 25.92 34.04
CA LYS C 119 58.67 26.83 33.17
C LYS C 119 60.12 26.33 33.19
N ARG C 120 60.91 26.74 32.21
CA ARG C 120 62.30 26.33 32.14
C ARG C 120 63.11 27.20 33.11
N PRO C 121 63.56 26.60 34.23
CA PRO C 121 64.34 27.33 35.24
C PRO C 121 65.17 28.46 34.66
N GLN C 122 65.93 28.15 33.63
CA GLN C 122 66.78 29.15 32.99
C GLN C 122 66.09 29.87 31.85
N GLY C 123 65.78 31.14 32.07
CA GLY C 123 65.14 31.97 31.05
C GLY C 123 63.67 31.68 30.83
N GLY C 124 62.93 31.41 31.90
CA GLY C 124 61.51 31.12 31.77
C GLY C 124 60.60 32.17 32.36
N SER C 125 60.09 33.05 31.50
CA SER C 125 59.18 34.13 31.92
C SER C 125 57.89 33.57 32.52
N ARG C 126 57.10 32.89 31.68
CA ARG C 126 55.85 32.28 32.12
C ARG C 126 55.77 30.81 31.75
N PRO C 127 54.89 30.04 32.41
CA PRO C 127 54.70 28.61 32.17
C PRO C 127 54.84 28.16 30.71
N GLU C 128 55.43 26.99 30.51
CA GLU C 128 55.62 26.44 29.17
C GLU C 128 55.06 25.03 29.06
N PHE C 129 54.98 24.31 30.17
CA PHE C 129 54.49 22.95 30.13
C PHE C 129 53.45 22.64 31.20
N VAL C 130 52.72 21.54 31.02
CA VAL C 130 51.72 21.10 31.95
C VAL C 130 51.72 19.58 32.03
N LYS C 131 51.50 19.05 33.22
CA LYS C 131 51.47 17.61 33.41
C LYS C 131 50.16 17.22 34.06
N LEU C 132 49.22 16.77 33.24
CA LEU C 132 47.92 16.36 33.75
C LEU C 132 48.12 14.98 34.32
N THR C 133 47.51 14.71 35.46
CA THR C 133 47.68 13.42 36.08
C THR C 133 46.34 12.93 36.66
N MSE C 134 45.93 11.72 36.27
CA MSE C 134 44.66 11.16 36.72
C MSE C 134 44.77 9.79 37.40
O MSE C 134 45.42 8.88 36.88
CB MSE C 134 43.70 11.08 35.54
CG MSE C 134 43.40 12.42 34.90
SE MSE C 134 44.09 12.62 33.11
CE MSE C 134 45.94 12.92 33.47
N GLU C 135 44.10 9.66 38.54
CA GLU C 135 44.08 8.41 39.30
C GLU C 135 42.67 7.86 39.19
N TYR C 136 42.53 6.55 38.97
CA TYR C 136 41.19 5.96 38.83
C TYR C 136 40.66 5.18 40.02
N ASP C 137 39.38 4.80 39.95
CA ASP C 137 38.69 4.04 40.99
C ASP C 137 39.44 2.81 41.47
N ASP C 138 39.85 1.98 40.52
CA ASP C 138 40.55 0.73 40.84
C ASP C 138 41.77 0.90 41.74
N LYS C 139 42.11 2.14 42.06
CA LYS C 139 43.26 2.42 42.91
C LYS C 139 44.49 1.70 42.37
N VAL C 140 44.52 1.58 41.04
CA VAL C 140 45.60 0.90 40.33
C VAL C 140 46.03 1.69 39.11
N SER C 141 45.09 1.87 38.19
CA SER C 141 45.35 2.58 36.94
C SER C 141 45.70 4.05 37.14
N LYS C 142 46.59 4.58 36.31
CA LYS C 142 47.00 5.98 36.37
C LYS C 142 47.42 6.47 35.00
N SER C 143 47.44 7.77 34.81
CA SER C 143 47.84 8.36 33.53
C SER C 143 48.47 9.73 33.72
N HIS C 144 49.49 10.03 32.93
CA HIS C 144 50.16 11.33 32.99
C HIS C 144 50.51 11.80 31.60
N HIS C 145 49.86 12.86 31.15
CA HIS C 145 50.17 13.42 29.85
C HIS C 145 50.87 14.73 30.17
N THR C 146 51.98 15.00 29.50
CA THR C 146 52.67 16.25 29.72
C THR C 146 52.71 16.94 28.35
N CYS C 147 52.48 18.24 28.32
CA CYS C 147 52.49 18.95 27.05
C CYS C 147 52.85 20.41 27.14
N ALA C 148 52.98 21.03 25.97
CA ALA C 148 53.33 22.43 25.85
C ALA C 148 52.10 23.31 26.04
N LEU C 149 52.34 24.50 26.64
CA LEU C 149 51.31 25.49 26.89
C LEU C 149 51.10 26.40 25.71
N MSE C 150 49.84 26.79 25.55
CA MSE C 150 49.41 27.66 24.48
C MSE C 150 50.06 29.06 24.52
O MSE C 150 50.12 29.69 25.57
CB MSE C 150 47.88 27.76 24.49
CG MSE C 150 47.18 26.48 24.09
SE MSE C 150 46.90 26.36 22.31
CE MSE C 150 47.13 28.07 21.82
N PRO C 151 50.58 29.56 23.32
CA PRO C 151 51.02 30.92 23.31
C PRO C 151 49.92 31.61 23.86
N TYR C 152 50.24 32.75 24.14
CA TYR C 152 49.20 33.22 24.86
C TYR C 152 48.09 33.75 24.09
N MSE C 153 47.07 33.13 24.51
CA MSE C 153 45.77 33.44 24.20
C MSE C 153 45.21 33.78 25.51
O MSE C 153 45.42 33.15 26.56
CB MSE C 153 45.02 32.29 23.52
CG MSE C 153 44.43 31.30 24.50
SE MSE C 153 42.93 30.56 23.82
CE MSE C 153 42.65 31.59 22.38
N PRO C 154 44.48 34.78 25.38
CA PRO C 154 43.77 35.39 26.49
C PRO C 154 42.90 34.48 27.34
N PRO C 155 42.48 34.96 28.53
CA PRO C 155 41.64 34.17 29.43
C PRO C 155 40.25 34.28 28.82
N ALA C 156 39.65 33.16 28.44
CA ALA C 156 38.33 33.23 27.84
C ALA C 156 37.28 32.68 28.80
N SER C 157 37.61 32.66 30.10
CA SER C 157 36.70 32.13 31.11
C SER C 157 35.69 33.12 31.70
N ASP C 158 36.05 33.76 32.81
CA ASP C 158 35.17 34.72 33.50
C ASP C 158 35.00 36.06 32.80
N ARG C 159 34.74 36.04 31.50
CA ARG C 159 34.58 37.27 30.74
C ARG C 159 33.38 38.16 31.08
N LEU C 160 32.32 37.57 31.62
CA LEU C 160 31.10 38.33 31.91
C LEU C 160 30.89 38.98 33.28
N ARG C 161 31.84 38.83 34.19
CA ARG C 161 31.65 39.42 35.52
C ARG C 161 31.40 40.93 35.54
N ASN C 162 31.82 41.64 34.50
CA ASN C 162 31.63 43.09 34.46
C ASN C 162 30.60 43.59 33.45
N GLU C 163 29.80 42.68 32.94
CA GLU C 163 28.78 43.05 31.98
C GLU C 163 27.51 43.48 32.72
N GLN C 164 26.72 44.33 32.08
CA GLN C 164 25.48 44.81 32.68
C GLN C 164 24.25 44.13 32.09
N MSE C 165 23.63 43.25 32.86
CA MSE C 165 22.43 42.56 32.41
C MSE C 165 21.30 43.53 32.23
O MSE C 165 21.14 44.47 33.00
CB MSE C 165 22.01 41.50 33.42
CG MSE C 165 22.62 40.14 33.17
SE MSE C 165 21.49 38.79 33.92
CE MSE C 165 21.73 39.22 35.78
N ILE C 166 20.49 43.30 31.20
CA ILE C 166 19.34 44.14 30.91
C ILE C 166 18.10 43.28 31.05
N GLY C 167 18.31 41.97 31.11
CA GLY C 167 17.19 41.06 31.23
C GLY C 167 17.63 39.63 31.02
N GLN C 168 16.81 38.68 31.46
CA GLN C 168 17.17 37.29 31.26
C GLN C 168 15.94 36.38 31.27
N VAL C 169 15.86 35.49 30.29
CA VAL C 169 14.72 34.59 30.14
C VAL C 169 15.12 33.12 30.21
N LEU C 170 14.33 32.34 30.95
CA LEU C 170 14.57 30.91 31.09
C LEU C 170 13.71 30.19 30.04
N LEU C 171 14.28 29.18 29.38
CA LEU C 171 13.55 28.43 28.36
C LEU C 171 13.36 26.96 28.74
N MSE C 172 12.13 26.44 28.61
CA MSE C 172 11.84 25.05 28.92
C MSE C 172 12.41 24.17 27.82
O MSE C 172 12.55 24.60 26.67
CB MSE C 172 10.35 24.76 28.93
CG MSE C 172 9.49 25.66 29.76
SE MSE C 172 7.73 24.89 29.63
CE MSE C 172 7.28 25.42 27.82
N PRO C 173 12.71 22.90 28.15
CA PRO C 173 13.25 21.98 27.17
C PRO C 173 12.56 22.09 25.80
N LYS C 174 11.24 22.12 25.81
CA LYS C 174 10.47 22.22 24.57
C LYS C 174 10.74 23.52 23.83
N THR C 175 10.41 24.65 24.48
CA THR C 175 10.61 25.97 23.90
C THR C 175 12.04 26.09 23.38
N ALA C 176 12.99 25.55 24.16
CA ALA C 176 14.40 25.59 23.79
C ALA C 176 14.68 24.79 22.53
N SER C 177 13.95 23.70 22.32
CA SER C 177 14.18 22.89 21.13
C SER C 177 13.54 23.55 19.93
N SER C 178 12.44 24.26 20.17
CA SER C 178 11.77 24.94 19.09
C SER C 178 12.72 26.00 18.56
N LEU C 179 13.32 26.76 19.48
CA LEU C 179 14.25 27.82 19.09
C LEU C 179 15.49 27.23 18.40
N GLN C 180 16.03 26.16 18.95
CA GLN C 180 17.22 25.53 18.37
C GLN C 180 16.96 25.08 16.94
N LYS C 181 15.87 24.36 16.74
CA LYS C 181 15.54 23.86 15.41
C LYS C 181 15.40 25.05 14.46
N TRP C 182 14.66 26.05 14.89
CA TRP C 182 14.45 27.25 14.09
C TRP C 182 15.77 27.94 13.75
N ALA C 183 16.71 27.91 14.69
CA ALA C 183 18.00 28.54 14.48
C ALA C 183 18.80 27.78 13.43
N ARG C 184 18.78 26.44 13.52
CA ARG C 184 19.51 25.60 12.56
C ARG C 184 19.02 25.89 11.15
N GLN C 185 17.70 25.93 11.01
CA GLN C 185 17.10 26.19 9.72
C GLN C 185 17.66 27.44 9.05
N GLN C 186 17.96 28.46 9.84
CA GLN C 186 18.48 29.72 9.33
C GLN C 186 19.92 29.70 8.82
N GLY C 187 20.58 28.55 8.91
CA GLY C 187 21.95 28.44 8.45
C GLY C 187 22.91 29.48 9.02
N SER C 188 23.50 30.28 8.14
CA SER C 188 24.47 31.29 8.57
C SER C 188 23.84 32.67 8.73
N GLY C 189 22.54 32.75 8.54
CA GLY C 189 21.87 34.03 8.68
C GLY C 189 22.04 34.65 10.05
N GLY C 190 21.64 35.92 10.16
CA GLY C 190 21.72 36.63 11.41
C GLY C 190 20.34 36.58 12.04
N VAL C 191 20.28 36.69 13.37
CA VAL C 191 19.01 36.64 14.08
C VAL C 191 18.84 37.87 14.98
N LYS C 192 17.74 38.59 14.78
CA LYS C 192 17.46 39.77 15.59
C LYS C 192 16.61 39.28 16.74
N VAL C 193 17.16 39.23 17.94
CA VAL C 193 16.38 38.79 19.09
C VAL C 193 15.75 40.02 19.73
N THR C 194 14.50 39.91 20.13
CA THR C 194 13.82 41.06 20.73
C THR C 194 13.05 40.68 21.97
N LEU C 195 13.23 41.47 23.02
CA LEU C 195 12.54 41.27 24.28
C LEU C 195 11.48 42.32 24.37
N ASN C 196 10.22 41.90 24.44
CA ASN C 196 9.13 42.86 24.52
C ASN C 196 8.40 42.76 25.86
N PRO C 197 8.70 43.67 26.78
CA PRO C 197 8.07 43.68 28.10
C PRO C 197 6.56 43.87 28.02
N ASP C 198 6.10 44.43 26.90
CA ASP C 198 4.67 44.70 26.70
C ASP C 198 3.83 43.48 26.30
N LEU C 199 4.40 42.59 25.49
CA LEU C 199 3.66 41.41 25.06
C LEU C 199 4.13 40.16 25.80
N TYR C 200 5.10 40.32 26.70
CA TYR C 200 5.62 39.19 27.44
C TYR C 200 6.05 38.14 26.43
N VAL C 201 6.80 38.58 25.43
CA VAL C 201 7.22 37.67 24.40
C VAL C 201 8.65 37.96 23.88
N THR C 202 9.31 36.93 23.37
CA THR C 202 10.66 37.03 22.83
C THR C 202 10.53 36.87 21.31
N THR C 203 11.29 37.63 20.54
CA THR C 203 11.16 37.53 19.10
C THR C 203 12.45 37.36 18.34
N TYR C 204 12.56 36.25 17.62
CA TYR C 204 13.74 35.93 16.83
C TYR C 204 13.41 35.99 15.35
N THR C 205 14.06 36.90 14.62
CA THR C 205 13.81 36.99 13.18
C THR C 205 15.12 36.84 12.44
N SER C 206 15.04 36.27 11.24
CA SER C 206 16.21 36.07 10.40
C SER C 206 15.70 36.04 8.98
N GLY C 207 15.73 37.19 8.33
CA GLY C 207 15.22 37.27 6.98
C GLY C 207 13.73 37.40 7.10
N GLU C 208 12.99 36.58 6.35
CA GLU C 208 11.54 36.61 6.39
C GLU C 208 11.10 35.65 7.47
N ALA C 209 12.04 34.80 7.89
CA ALA C 209 11.81 33.79 8.92
C ALA C 209 11.71 34.43 10.29
N CYS C 210 10.78 33.95 11.10
CA CYS C 210 10.60 34.52 12.41
C CYS C 210 9.92 33.56 13.41
N LEU C 211 10.32 33.66 14.68
CA LEU C 211 9.79 32.83 15.75
C LEU C 211 9.36 33.72 16.93
N THR C 212 8.17 33.49 17.49
CA THR C 212 7.71 34.28 18.63
C THR C 212 7.47 33.37 19.82
N LEU C 213 8.05 33.72 20.98
CA LEU C 213 7.93 32.90 22.17
C LEU C 213 7.44 33.69 23.38
N ASP C 214 6.34 33.21 23.97
CA ASP C 214 5.76 33.85 25.16
C ASP C 214 6.54 33.48 26.41
N TYR C 215 6.65 34.45 27.32
CA TYR C 215 7.34 34.21 28.58
C TYR C 215 6.54 34.83 29.71
N LYS C 216 6.53 34.16 30.86
CA LYS C 216 5.80 34.65 32.03
C LYS C 216 6.64 35.67 32.79
N PRO C 217 6.15 36.91 32.91
CA PRO C 217 6.86 37.98 33.59
C PRO C 217 7.18 37.65 35.04
N LEU C 218 8.22 38.26 35.57
CA LEU C 218 8.61 38.06 36.95
C LEU C 218 8.45 39.38 37.67
N SER C 219 8.20 39.29 38.96
CA SER C 219 8.01 40.49 39.76
C SER C 219 9.30 41.33 39.70
N VAL C 220 10.41 40.65 39.97
CA VAL C 220 11.75 41.23 40.02
C VAL C 220 12.46 41.68 38.75
N GLY C 221 13.66 42.22 38.94
CA GLY C 221 14.51 42.67 37.84
C GLY C 221 15.51 41.57 37.53
N PRO C 222 16.28 41.67 36.44
CA PRO C 222 17.29 40.68 36.01
C PRO C 222 18.17 40.04 37.07
N TYR C 223 18.79 40.85 37.93
CA TYR C 223 19.69 40.28 38.94
C TYR C 223 19.00 39.52 40.07
N GLU C 224 17.73 39.81 40.30
CA GLU C 224 16.99 39.12 41.36
C GLU C 224 16.40 37.80 40.88
N ALA C 225 16.85 37.29 39.74
CA ALA C 225 16.29 36.05 39.24
C ALA C 225 17.31 34.98 38.88
N PHE C 226 16.90 33.73 39.06
CA PHE C 226 17.71 32.57 38.75
C PHE C 226 18.99 32.54 39.56
N THR C 227 18.89 33.13 40.75
CA THR C 227 19.98 33.18 41.70
C THR C 227 20.41 31.76 42.03
N GLY C 228 19.45 30.86 42.14
CA GLY C 228 19.78 29.48 42.46
C GLY C 228 19.43 28.50 41.37
N PRO C 229 19.33 27.20 41.69
CA PRO C 229 19.00 26.14 40.73
C PRO C 229 17.57 26.31 40.23
N VAL C 230 17.19 25.52 39.24
CA VAL C 230 15.86 25.59 38.68
C VAL C 230 14.99 24.46 39.26
N ALA C 231 13.99 24.86 40.04
CA ALA C 231 13.07 23.91 40.66
C ALA C 231 12.18 23.29 39.58
N LYS C 232 11.73 24.13 38.65
CA LYS C 232 10.89 23.66 37.56
C LYS C 232 11.01 24.61 36.38
N ALA C 233 11.25 24.03 35.22
CA ALA C 233 11.40 24.83 34.01
C ALA C 233 10.04 25.31 33.46
N GLN C 234 9.92 26.61 33.29
CA GLN C 234 8.73 27.23 32.73
C GLN C 234 9.15 28.57 32.13
N ASP C 235 8.74 28.84 30.90
CA ASP C 235 9.13 30.07 30.27
C ASP C 235 8.79 31.21 31.22
N VAL C 236 9.85 31.76 31.79
CA VAL C 236 9.78 32.82 32.76
C VAL C 236 10.83 33.85 32.40
N GLY C 237 10.54 35.13 32.61
CA GLY C 237 11.52 36.13 32.27
C GLY C 237 11.55 37.37 33.14
N ALA C 238 12.76 37.88 33.36
CA ALA C 238 12.99 39.07 34.14
C ALA C 238 13.41 40.12 33.12
N VAL C 239 12.43 40.85 32.63
CA VAL C 239 12.67 41.87 31.63
C VAL C 239 11.97 43.12 32.11
N GLU C 240 12.60 44.27 31.95
CA GLU C 240 11.98 45.51 32.38
C GLU C 240 11.91 46.51 31.24
N ALA C 241 12.76 46.32 30.24
CA ALA C 241 12.75 47.24 29.10
C ALA C 241 12.87 46.47 27.81
N HIS C 242 12.59 47.14 26.70
CA HIS C 242 12.69 46.53 25.38
C HIS C 242 14.16 46.32 25.05
N VAL C 243 14.47 45.18 24.45
CA VAL C 243 15.84 44.89 24.11
C VAL C 243 15.96 44.29 22.71
N VAL C 244 16.94 44.78 21.95
CA VAL C 244 17.17 44.29 20.61
C VAL C 244 18.62 43.82 20.50
N CYS C 245 18.80 42.54 20.22
CA CYS C 245 20.13 41.96 20.06
C CYS C 245 20.29 41.35 18.67
N SER C 246 21.51 41.40 18.14
CA SER C 246 21.80 40.83 16.83
C SER C 246 22.87 39.76 17.02
N VAL C 247 22.47 38.50 16.80
CA VAL C 247 23.37 37.37 16.99
C VAL C 247 23.39 36.46 15.77
N ALA C 248 24.39 35.58 15.71
CA ALA C 248 24.52 34.64 14.60
C ALA C 248 23.69 33.39 14.87
N ALA C 249 22.87 33.01 13.90
CA ALA C 249 22.01 31.85 14.03
C ALA C 249 22.72 30.57 14.45
N ASP C 250 23.80 30.21 13.77
CA ASP C 250 24.50 28.97 14.11
C ASP C 250 25.09 28.94 15.54
N SER C 251 25.47 30.09 16.06
CA SER C 251 26.02 30.15 17.41
C SER C 251 24.86 30.01 18.39
N LEU C 252 23.75 30.67 18.06
CA LEU C 252 22.54 30.61 18.87
C LEU C 252 22.07 29.16 18.92
N ALA C 253 22.14 28.48 17.77
CA ALA C 253 21.73 27.07 17.65
C ALA C 253 22.62 26.16 18.50
N ALA C 254 23.93 26.34 18.37
CA ALA C 254 24.88 25.55 19.12
C ALA C 254 24.76 25.80 20.62
N ALA C 255 24.42 27.04 20.99
CA ALA C 255 24.28 27.40 22.40
C ALA C 255 23.09 26.72 23.05
N LEU C 256 21.91 26.87 22.45
CA LEU C 256 20.70 26.25 22.99
C LEU C 256 20.96 24.75 23.12
N SER C 257 21.61 24.16 22.13
CA SER C 257 21.91 22.74 22.17
C SER C 257 22.84 22.39 23.36
N LEU C 258 24.00 23.02 23.41
CA LEU C 258 24.97 22.80 24.48
C LEU C 258 24.46 23.10 25.90
N CYS C 259 23.64 24.13 26.03
CA CYS C 259 23.11 24.49 27.35
C CYS C 259 21.90 23.74 27.86
N ARG C 260 21.49 22.69 27.15
CA ARG C 260 20.38 21.89 27.60
C ARG C 260 20.87 20.46 27.65
N ILE C 261 21.52 20.14 28.77
CA ILE C 261 22.06 18.82 29.02
C ILE C 261 20.93 18.07 29.72
N PRO C 262 20.55 16.93 29.14
CA PRO C 262 19.43 16.12 29.67
C PRO C 262 19.48 15.87 31.15
N ALA C 263 18.35 16.03 31.90
CA ALA C 263 18.39 15.82 33.33
C ALA C 263 19.47 16.59 34.03
N VAL C 264 19.94 17.65 33.43
CA VAL C 264 20.92 18.46 34.14
C VAL C 264 20.59 19.94 34.05
N SER C 265 20.61 20.48 32.83
CA SER C 265 20.35 21.91 32.66
C SER C 265 19.24 22.27 31.70
N VAL C 266 18.94 23.56 31.70
CA VAL C 266 17.90 24.14 30.88
C VAL C 266 18.50 25.49 30.47
N PRO C 267 18.33 25.92 29.20
CA PRO C 267 18.89 27.19 28.77
C PRO C 267 18.33 28.48 29.38
N ILE C 268 19.25 29.39 29.72
CA ILE C 268 18.86 30.69 30.24
C ILE C 268 19.58 31.72 29.38
N LEU C 269 18.82 32.64 28.80
CA LEU C 269 19.43 33.66 27.96
C LEU C 269 19.61 34.95 28.75
N ARG C 270 20.85 35.42 28.85
CA ARG C 270 21.13 36.66 29.56
C ARG C 270 21.49 37.73 28.54
N PHE C 271 20.86 38.89 28.66
CA PHE C 271 21.08 40.01 27.76
C PHE C 271 21.88 41.14 28.43
N TYR C 272 22.82 41.73 27.71
CA TYR C 272 23.65 42.81 28.25
C TYR C 272 23.66 44.06 27.40
N ARG C 273 23.95 45.20 28.01
CA ARG C 273 23.99 46.48 27.29
C ARG C 273 24.86 46.43 26.03
N SER C 274 26.03 45.79 26.13
CA SER C 274 26.94 45.70 24.99
C SER C 274 26.33 45.03 23.77
N GLY C 275 25.05 44.67 23.88
CA GLY C 275 24.37 44.03 22.76
C GLY C 275 24.71 42.58 22.61
N ILE C 276 25.20 41.98 23.69
CA ILE C 276 25.61 40.58 23.73
C ILE C 276 24.56 39.69 24.43
N ILE C 277 24.55 38.41 24.06
CA ILE C 277 23.65 37.46 24.68
C ILE C 277 24.52 36.31 25.18
N ALA C 278 24.31 35.93 26.44
CA ALA C 278 25.06 34.82 27.00
C ALA C 278 24.07 33.72 27.38
N VAL C 279 24.19 32.57 26.72
CA VAL C 279 23.32 31.45 27.02
C VAL C 279 24.03 30.65 28.08
N VAL C 280 23.37 30.43 29.20
CA VAL C 280 23.99 29.68 30.26
C VAL C 280 23.20 28.40 30.57
N ALA C 281 23.90 27.45 31.16
CA ALA C 281 23.33 26.18 31.55
C ALA C 281 22.73 26.35 32.95
N GLY C 282 21.41 26.58 33.02
CA GLY C 282 20.76 26.75 34.30
C GLY C 282 20.54 25.36 34.88
N LEU C 283 21.26 25.06 35.97
CA LEU C 283 21.18 23.75 36.61
C LEU C 283 19.88 23.45 37.34
N LEU C 284 19.34 22.27 37.06
CA LEU C 284 18.10 21.81 37.67
C LEU C 284 18.34 21.37 39.09
N THR C 285 17.47 21.76 40.01
CA THR C 285 17.64 21.33 41.40
C THR C 285 17.81 19.83 41.42
N SER C 286 17.01 19.13 40.61
CA SER C 286 17.06 17.67 40.54
C SER C 286 18.47 17.21 40.17
N ALA C 287 19.13 17.95 39.29
CA ALA C 287 20.49 17.60 38.91
C ALA C 287 21.23 17.78 40.21
N GLY C 288 22.35 17.11 40.38
CA GLY C 288 23.05 17.25 41.63
C GLY C 288 23.45 18.68 41.94
N ASP C 289 24.56 18.80 42.65
CA ASP C 289 25.10 20.09 43.00
C ASP C 289 26.38 20.18 42.20
N LEU C 290 26.23 20.00 40.89
CA LEU C 290 27.33 20.02 39.93
C LEU C 290 28.21 21.27 39.96
N PRO C 291 29.54 21.09 39.90
CA PRO C 291 30.55 22.17 39.90
C PRO C 291 30.67 22.74 38.51
N LEU C 292 29.55 22.84 37.80
CA LEU C 292 29.56 23.33 36.42
C LEU C 292 29.04 24.72 36.16
N ASP C 293 29.83 25.51 35.44
CA ASP C 293 29.44 26.85 35.05
C ASP C 293 29.59 26.91 33.53
N LEU C 294 28.59 26.41 32.83
CA LEU C 294 28.63 26.36 31.38
C LEU C 294 27.92 27.52 30.71
N SER C 295 28.58 28.21 29.79
CA SER C 295 27.91 29.30 29.09
C SER C 295 28.43 29.39 27.67
N VAL C 296 27.71 30.11 26.84
CA VAL C 296 28.12 30.32 25.46
C VAL C 296 27.78 31.76 25.11
N ILE C 297 28.81 32.58 24.94
CA ILE C 297 28.58 33.97 24.63
C ILE C 297 28.34 34.15 23.15
N LEU C 298 27.27 34.85 22.81
CA LEU C 298 26.92 35.13 21.42
C LEU C 298 27.28 36.58 21.17
N PHE C 299 28.25 36.82 20.30
CA PHE C 299 28.66 38.20 20.03
C PHE C 299 27.74 38.92 19.09
N ASN C 300 27.81 40.26 19.12
CA ASN C 300 26.98 41.09 18.24
C ASN C 300 27.37 40.75 16.82
N HIS C 301 26.41 40.25 16.05
CA HIS C 301 26.68 39.83 14.68
C HIS C 301 25.67 40.40 13.67
N ALA C 302 26.19 41.12 12.68
CA ALA C 302 25.34 41.70 11.65
C ALA C 302 25.53 40.95 10.33
N SER C 303 24.58 41.09 9.42
CA SER C 303 24.66 40.42 8.12
C SER C 303 25.39 41.29 7.09
N MSE D 5 57.81 -1.89 44.39
CA MSE D 5 57.26 -2.56 43.17
C MSE D 5 58.34 -3.28 42.39
O MSE D 5 59.36 -2.70 42.03
CB MSE D 5 56.57 -1.54 42.27
CG MSE D 5 55.22 -1.08 42.78
SE MSE D 5 53.95 -2.55 42.99
CE MSE D 5 53.22 -2.55 41.20
N GLU D 6 58.12 -4.57 42.12
CA GLU D 6 59.11 -5.36 41.38
C GLU D 6 58.87 -5.39 39.88
N THR D 7 59.87 -4.94 39.13
CA THR D 7 59.82 -4.93 37.68
C THR D 7 60.09 -6.37 37.23
N THR D 8 59.19 -6.94 36.45
CA THR D 8 59.38 -8.29 35.98
C THR D 8 59.92 -8.29 34.55
N GLN D 9 59.48 -7.34 33.74
CA GLN D 9 59.95 -7.26 32.36
C GLN D 9 60.09 -5.83 31.84
N THR D 10 60.86 -5.66 30.77
CA THR D 10 61.07 -4.36 30.17
C THR D 10 61.20 -4.44 28.65
N LEU D 11 60.31 -3.74 27.97
CA LEU D 11 60.32 -3.73 26.50
C LEU D 11 60.46 -2.31 25.97
N ARG D 12 61.49 -2.08 25.16
CA ARG D 12 61.73 -0.78 24.57
C ARG D 12 61.81 -0.95 23.07
N PHE D 13 61.10 -0.12 22.31
CA PHE D 13 61.15 -0.23 20.86
C PHE D 13 62.08 0.79 20.25
N LYS D 14 62.55 0.49 19.05
CA LYS D 14 63.46 1.38 18.34
C LYS D 14 62.76 2.71 18.08
N THR D 15 63.52 3.71 17.66
CA THR D 15 62.96 5.03 17.39
C THR D 15 61.96 4.99 16.25
N LYS D 16 60.74 5.45 16.53
CA LYS D 16 59.68 5.47 15.53
C LYS D 16 59.37 4.09 14.95
N ALA D 17 59.85 3.05 15.60
CA ALA D 17 59.63 1.69 15.15
C ALA D 17 58.15 1.36 14.98
N LEU D 18 57.35 1.62 16.02
CA LEU D 18 55.95 1.32 15.94
C LEU D 18 55.20 2.41 15.20
N ALA D 19 55.84 3.56 15.04
CA ALA D 19 55.21 4.70 14.38
C ALA D 19 54.83 4.39 12.94
N VAL D 20 55.70 3.67 12.26
CA VAL D 20 55.47 3.32 10.86
C VAL D 20 54.23 2.45 10.65
N LEU D 21 53.66 1.92 11.74
CA LEU D 21 52.48 1.06 11.62
C LEU D 21 51.16 1.79 11.90
N SER D 22 51.21 3.10 12.10
CA SER D 22 49.99 3.85 12.39
C SER D 22 48.87 3.58 11.38
N LYS D 23 49.15 3.82 10.10
CA LYS D 23 48.18 3.61 9.04
C LYS D 23 47.60 2.18 9.08
N CYS D 24 48.45 1.21 9.36
CA CYS D 24 48.06 -0.19 9.45
C CYS D 24 47.13 -0.37 10.65
N TYR D 25 47.56 0.12 11.82
CA TYR D 25 46.73 -0.01 13.01
C TYR D 25 45.41 0.70 12.76
N ASP D 26 45.48 1.85 12.09
CA ASP D 26 44.27 2.64 11.78
C ASP D 26 43.28 1.80 11.00
N HIS D 27 43.79 1.12 9.98
CA HIS D 27 42.98 0.28 9.15
C HIS D 27 42.26 -0.78 9.97
N ALA D 28 42.94 -1.30 11.00
CA ALA D 28 42.36 -2.35 11.85
C ALA D 28 41.85 -1.93 13.23
N GLN D 29 41.92 -0.63 13.52
CA GLN D 29 41.49 -0.14 14.82
C GLN D 29 40.08 -0.52 15.24
N THR D 30 39.14 -0.53 14.31
CA THR D 30 37.77 -0.87 14.64
C THR D 30 37.65 -2.25 15.25
N HIS D 31 38.39 -3.22 14.69
CA HIS D 31 38.39 -4.59 15.18
C HIS D 31 39.24 -4.72 16.45
N LEU D 32 40.41 -4.10 16.43
CA LEU D 32 41.30 -4.18 17.56
C LEU D 32 40.85 -3.50 18.85
N LYS D 33 39.92 -2.57 18.75
CA LYS D 33 39.48 -1.84 19.94
C LYS D 33 39.07 -2.68 21.15
N GLY D 34 38.06 -3.51 20.98
CA GLY D 34 37.61 -4.32 22.10
C GLY D 34 38.51 -5.51 22.32
N GLY D 35 39.71 -5.42 21.76
CA GLY D 35 40.66 -6.51 21.87
C GLY D 35 41.53 -6.47 23.10
N VAL D 36 42.74 -7.00 22.95
CA VAL D 36 43.68 -7.08 24.04
C VAL D 36 45.10 -6.85 23.54
N LEU D 37 45.88 -6.08 24.28
CA LEU D 37 47.28 -5.85 23.92
C LEU D 37 48.07 -6.92 24.68
N GLN D 38 48.97 -7.60 23.98
CA GLN D 38 49.71 -8.69 24.62
C GLN D 38 51.18 -8.80 24.22
N VAL D 39 52.00 -9.26 25.15
CA VAL D 39 53.42 -9.46 24.88
C VAL D 39 53.69 -10.94 25.08
N ASN D 40 54.04 -11.61 23.99
CA ASN D 40 54.32 -13.05 24.03
C ASN D 40 55.74 -13.32 24.48
N LEU D 41 55.88 -14.04 25.58
CA LEU D 41 57.19 -14.37 26.12
C LEU D 41 57.84 -15.53 25.37
N LEU D 42 57.07 -16.60 25.16
CA LEU D 42 57.57 -17.78 24.44
C LEU D 42 58.29 -17.36 23.16
N SER D 43 57.77 -16.33 22.51
CA SER D 43 58.34 -15.82 21.27
C SER D 43 59.82 -15.47 21.43
N VAL D 44 60.22 -15.07 22.63
CA VAL D 44 61.60 -14.67 22.87
C VAL D 44 62.57 -15.73 22.36
N ASN D 45 62.14 -16.98 22.41
CA ASN D 45 62.96 -18.08 21.93
C ASN D 45 63.19 -17.90 20.42
N TYR D 46 62.09 -17.95 19.67
CA TYR D 46 62.11 -17.83 18.22
C TYR D 46 62.47 -16.45 17.65
N GLY D 47 63.30 -15.68 18.33
CA GLY D 47 63.66 -14.39 17.76
C GLY D 47 63.42 -13.12 18.56
N GLY D 48 62.68 -13.23 19.65
CA GLY D 48 62.42 -12.05 20.45
C GLY D 48 60.97 -11.92 20.85
N PRO D 49 60.66 -11.02 21.80
CA PRO D 49 59.33 -10.76 22.31
C PRO D 49 58.43 -10.18 21.23
N ARG D 50 57.18 -10.61 21.24
CA ARG D 50 56.24 -10.12 20.25
C ARG D 50 55.08 -9.41 20.93
N LEU D 51 55.07 -8.07 20.79
CA LEU D 51 54.01 -7.24 21.31
C LEU D 51 52.93 -7.42 20.25
N ALA D 52 51.70 -7.67 20.67
CA ALA D 52 50.65 -7.85 19.68
C ALA D 52 49.25 -7.47 20.13
N ALA D 53 48.48 -6.98 19.18
CA ALA D 53 47.10 -6.60 19.44
C ALA D 53 46.27 -7.79 18.93
N VAL D 54 45.52 -8.43 19.82
CA VAL D 54 44.71 -9.55 19.40
C VAL D 54 43.25 -9.33 19.76
N ALA D 55 42.36 -9.74 18.87
CA ALA D 55 40.94 -9.57 19.11
C ALA D 55 40.18 -10.61 18.31
N ASN D 56 38.95 -10.88 18.72
CA ASN D 56 38.12 -11.83 18.01
C ASN D 56 37.59 -11.18 16.74
N ALA D 57 37.17 -12.00 15.77
CA ALA D 57 36.65 -11.50 14.51
C ALA D 57 35.61 -12.47 13.98
N GLY D 58 34.37 -12.02 13.95
CA GLY D 58 33.29 -12.85 13.46
C GLY D 58 33.02 -14.02 14.38
N THR D 59 32.10 -14.88 13.99
CA THR D 59 31.73 -16.04 14.79
C THR D 59 32.93 -16.91 15.17
N ALA D 60 33.87 -17.15 14.26
CA ALA D 60 35.00 -18.00 14.60
C ALA D 60 36.33 -17.55 14.00
N GLY D 61 36.87 -16.44 14.50
CA GLY D 61 38.15 -15.96 14.00
C GLY D 61 38.97 -15.25 15.06
N LEU D 62 40.28 -15.20 14.87
CA LEU D 62 41.19 -14.55 15.82
C LEU D 62 42.19 -13.61 15.13
N ILE D 63 42.09 -12.32 15.38
CA ILE D 63 43.01 -11.37 14.77
C ILE D 63 44.27 -11.24 15.61
N SER D 64 45.42 -11.21 14.94
CA SER D 64 46.69 -11.07 15.62
C SER D 64 47.52 -10.04 14.83
N PHE D 65 47.56 -8.82 15.36
CA PHE D 65 48.28 -7.69 14.79
C PHE D 65 49.64 -7.65 15.48
N GLU D 66 50.56 -8.50 15.04
CA GLU D 66 51.87 -8.59 15.67
C GLU D 66 52.97 -7.68 15.14
N VAL D 67 53.83 -7.26 16.06
CA VAL D 67 54.97 -6.41 15.74
C VAL D 67 56.16 -7.36 15.75
N SER D 68 56.97 -7.33 14.70
CA SER D 68 58.11 -8.24 14.63
C SER D 68 59.27 -7.80 15.51
N PRO D 69 59.98 -8.77 16.09
CA PRO D 69 61.13 -8.56 16.98
C PRO D 69 62.17 -7.55 16.50
N ASP D 70 62.35 -7.42 15.19
CA ASP D 70 63.34 -6.49 14.68
C ASP D 70 63.02 -5.04 15.01
N ALA D 71 61.85 -4.81 15.61
CA ALA D 71 61.43 -3.45 15.97
C ALA D 71 61.81 -3.10 17.40
N VAL D 72 61.98 -4.12 18.23
CA VAL D 72 62.34 -3.90 19.64
C VAL D 72 63.79 -3.47 19.76
N ALA D 73 64.01 -2.41 20.50
CA ALA D 73 65.36 -1.90 20.71
C ALA D 73 66.02 -2.61 21.87
N GLU D 74 65.24 -2.91 22.91
CA GLU D 74 65.76 -3.58 24.08
C GLU D 74 64.72 -4.43 24.82
N TRP D 75 65.18 -5.45 25.53
CA TRP D 75 64.28 -6.32 26.26
C TRP D 75 64.97 -7.12 27.37
N GLN D 76 64.58 -6.86 28.61
CA GLN D 76 65.14 -7.57 29.76
C GLN D 76 64.03 -8.33 30.48
N ASN D 77 64.33 -9.56 30.87
CA ASN D 77 63.35 -10.37 31.59
C ASN D 77 63.87 -10.60 32.99
N HIS D 78 63.48 -9.73 33.92
CA HIS D 78 63.94 -9.85 35.29
C HIS D 78 63.20 -10.94 36.10
N GLN D 79 62.94 -12.08 35.47
CA GLN D 79 62.29 -13.18 36.15
C GLN D 79 62.92 -14.54 35.79
N SER D 80 62.87 -15.46 36.75
CA SER D 80 63.44 -16.78 36.55
C SER D 80 62.62 -17.51 35.52
N PRO D 81 63.23 -18.44 34.78
CA PRO D 81 62.50 -19.19 33.76
C PRO D 81 61.33 -19.94 34.40
N GLU D 82 61.53 -20.37 35.64
CA GLU D 82 60.52 -21.12 36.39
C GLU D 82 59.27 -20.28 36.71
N GLU D 83 59.46 -18.99 36.98
CA GLU D 83 58.33 -18.15 37.32
C GLU D 83 57.96 -17.05 36.32
N ALA D 84 58.44 -17.17 35.09
CA ALA D 84 58.09 -16.21 34.06
C ALA D 84 56.80 -16.74 33.46
N PRO D 85 55.92 -15.84 32.98
CA PRO D 85 54.64 -16.24 32.39
C PRO D 85 54.80 -16.53 30.91
N ALA D 86 53.81 -17.22 30.34
CA ALA D 86 53.86 -17.53 28.92
C ALA D 86 53.78 -16.18 28.19
N ALA D 87 52.94 -15.29 28.70
CA ALA D 87 52.76 -13.97 28.12
C ALA D 87 51.98 -13.05 29.04
N VAL D 88 52.21 -11.75 28.90
CA VAL D 88 51.50 -10.75 29.70
C VAL D 88 50.50 -10.09 28.76
N SER D 89 49.36 -9.67 29.31
CA SER D 89 48.34 -9.04 28.51
C SER D 89 47.41 -8.11 29.29
N PHE D 90 46.87 -7.12 28.58
CA PHE D 90 45.97 -6.15 29.18
C PHE D 90 45.00 -5.69 28.10
N ARG D 91 43.76 -5.40 28.46
CA ARG D 91 42.79 -4.97 27.45
C ARG D 91 43.19 -3.63 26.82
N ASN D 92 43.08 -3.57 25.50
CA ASN D 92 43.43 -2.41 24.67
C ASN D 92 42.67 -1.16 25.12
N LEU D 93 41.40 -1.35 25.46
CA LEU D 93 40.57 -0.27 25.94
C LEU D 93 40.81 -0.12 27.44
N ALA D 94 41.75 0.75 27.80
CA ALA D 94 42.11 0.99 29.20
C ALA D 94 40.94 1.15 30.18
N TYR D 95 41.16 0.73 31.42
CA TYR D 95 40.13 0.82 32.45
C TYR D 95 39.53 2.19 32.59
N GLY D 96 38.23 2.22 32.47
CA GLY D 96 37.36 3.42 32.57
C GLY D 96 37.56 4.51 31.54
N ARG D 97 38.79 4.78 31.17
CA ARG D 97 39.02 5.86 30.25
C ARG D 97 38.45 5.52 28.86
N THR D 98 38.55 6.48 27.95
CA THR D 98 38.07 6.29 26.59
C THR D 98 39.20 6.23 25.59
N CYS D 99 40.42 6.28 26.07
CA CYS D 99 41.53 6.18 25.14
C CYS D 99 41.83 4.70 24.86
N VAL D 100 42.13 4.41 23.60
CA VAL D 100 42.47 3.06 23.21
C VAL D 100 44.00 3.04 23.17
N LEU D 101 44.61 2.35 24.13
CA LEU D 101 46.06 2.30 24.19
C LEU D 101 46.72 2.07 22.84
N GLY D 102 46.25 1.09 22.08
CA GLY D 102 46.84 0.82 20.78
C GLY D 102 46.84 2.02 19.85
N LYS D 103 45.82 2.85 19.96
CA LYS D 103 45.74 4.04 19.12
C LYS D 103 46.84 5.02 19.48
N GLU D 104 47.23 5.06 20.74
CA GLU D 104 48.29 5.96 21.19
C GLU D 104 49.63 5.28 20.97
N LEU D 105 49.67 3.98 21.27
CA LEU D 105 50.89 3.19 21.12
C LEU D 105 51.42 3.19 19.70
N PHE D 106 50.54 3.00 18.72
CA PHE D 106 50.94 2.98 17.32
C PHE D 106 50.71 4.34 16.65
N GLY D 107 50.68 5.40 17.45
CA GLY D 107 50.49 6.72 16.89
C GLY D 107 51.70 7.07 16.04
N SER D 108 51.50 7.86 14.99
CA SER D 108 52.61 8.21 14.12
C SER D 108 53.64 9.16 14.73
N ALA D 109 53.21 9.99 15.67
CA ALA D 109 54.10 10.95 16.30
C ALA D 109 54.94 10.39 17.44
N VAL D 110 54.57 9.23 17.97
CA VAL D 110 55.34 8.63 19.06
C VAL D 110 56.74 8.29 18.56
N GLU D 111 57.77 8.85 19.20
CA GLU D 111 59.14 8.58 18.77
C GLU D 111 59.80 7.45 19.56
N GLN D 112 59.30 7.18 20.75
CA GLN D 112 59.83 6.12 21.59
C GLN D 112 58.72 5.49 22.41
N ALA D 113 58.54 4.18 22.26
CA ALA D 113 57.51 3.49 22.99
C ALA D 113 58.17 2.49 23.93
N SER D 114 57.64 2.38 25.13
CA SER D 114 58.19 1.46 26.12
C SER D 114 57.08 0.80 26.92
N LEU D 115 57.36 -0.39 27.43
CA LEU D 115 56.40 -1.15 28.21
C LEU D 115 57.12 -1.86 29.35
N GLN D 116 56.75 -1.53 30.59
CA GLN D 116 57.36 -2.17 31.75
C GLN D 116 56.28 -2.86 32.57
N PHE D 117 56.58 -4.07 33.01
CA PHE D 117 55.62 -4.81 33.80
C PHE D 117 56.13 -4.97 35.23
N TYR D 118 55.20 -4.98 36.19
CA TYR D 118 55.57 -5.10 37.58
C TYR D 118 54.61 -6.01 38.31
N LYS D 119 55.00 -6.37 39.53
CA LYS D 119 54.18 -7.21 40.39
C LYS D 119 54.47 -6.78 41.83
N ARG D 120 53.56 -7.08 42.74
CA ARG D 120 53.73 -6.71 44.14
C ARG D 120 55.09 -7.22 44.64
N PRO D 121 55.79 -6.36 45.38
CA PRO D 121 57.14 -6.71 45.87
C PRO D 121 57.29 -8.03 46.55
N GLN D 122 56.31 -8.29 47.30
CA GLN D 122 56.11 -9.55 47.98
C GLN D 122 54.98 -10.35 47.34
N GLY D 123 54.64 -11.39 47.89
CA GLY D 123 53.53 -12.22 47.42
C GLY D 123 52.85 -11.87 46.12
N GLY D 124 53.06 -12.79 45.14
CA GLY D 124 52.57 -12.73 43.78
C GLY D 124 53.62 -13.39 42.86
N SER D 125 53.15 -14.18 41.89
CA SER D 125 54.04 -14.85 40.95
C SER D 125 54.02 -14.15 39.58
N ARG D 126 52.86 -14.21 38.92
CA ARG D 126 52.69 -13.60 37.61
C ARG D 126 52.59 -12.08 37.71
N PRO D 127 53.28 -11.36 36.81
CA PRO D 127 53.23 -9.89 36.85
C PRO D 127 51.77 -9.44 36.95
N GLU D 128 51.56 -8.27 37.56
CA GLU D 128 50.20 -7.77 37.75
C GLU D 128 49.97 -6.41 37.14
N PHE D 129 51.05 -5.68 36.82
CA PHE D 129 50.88 -4.36 36.25
C PHE D 129 51.77 -4.05 35.07
N VAL D 130 51.38 -3.00 34.33
CA VAL D 130 52.12 -2.56 33.16
C VAL D 130 52.08 -1.04 33.11
N LYS D 131 53.14 -0.44 32.59
CA LYS D 131 53.23 0.99 32.47
C LYS D 131 53.73 1.32 31.07
N LEU D 132 52.84 1.83 30.24
CA LEU D 132 53.22 2.19 28.87
C LEU D 132 53.69 3.64 28.87
N THR D 133 54.68 3.95 28.05
CA THR D 133 55.17 5.32 27.99
C THR D 133 55.51 5.71 26.55
N MSE D 134 54.92 6.80 26.08
CA MSE D 134 55.16 7.29 24.72
C MSE D 134 55.76 8.69 24.76
O MSE D 134 55.18 9.59 25.36
CB MSE D 134 53.87 7.35 23.90
CG MSE D 134 53.17 6.03 23.62
SE MSE D 134 51.99 5.51 25.04
CE MSE D 134 53.05 4.09 25.76
N GLU D 135 56.91 8.86 24.11
CA GLU D 135 57.57 10.16 24.03
C GLU D 135 57.34 10.59 22.59
N TYR D 136 56.75 11.76 22.39
CA TYR D 136 56.44 12.22 21.03
C TYR D 136 57.51 12.96 20.23
N ASP D 137 57.20 13.25 18.97
CA ASP D 137 58.09 13.97 18.06
C ASP D 137 58.68 15.15 18.80
N ASP D 138 57.86 16.17 19.10
CA ASP D 138 58.37 17.30 19.84
C ASP D 138 59.00 16.71 21.08
N LYS D 139 60.25 17.05 21.36
CA LYS D 139 60.89 16.48 22.54
C LYS D 139 60.30 17.09 23.81
N VAL D 140 58.99 17.33 23.77
CA VAL D 140 58.27 17.91 24.90
C VAL D 140 57.20 16.98 25.42
N SER D 141 56.22 16.70 24.57
CA SER D 141 55.08 15.84 24.91
C SER D 141 55.47 14.42 25.33
N LYS D 142 54.78 13.92 26.35
CA LYS D 142 55.07 12.60 26.88
C LYS D 142 53.83 12.04 27.60
N SER D 143 53.67 10.73 27.59
CA SER D 143 52.53 10.11 28.28
C SER D 143 52.86 8.77 28.93
N HIS D 144 52.20 8.50 30.05
CA HIS D 144 52.42 7.27 30.80
C HIS D 144 51.09 6.70 31.21
N HIS D 145 50.89 5.43 30.94
CA HIS D 145 49.65 4.78 31.32
C HIS D 145 49.96 3.56 32.20
N THR D 146 49.27 3.46 33.32
CA THR D 146 49.44 2.34 34.24
C THR D 146 48.15 1.54 34.22
N CYS D 147 48.25 0.26 33.88
CA CYS D 147 47.07 -0.59 33.85
C CYS D 147 47.35 -1.89 34.60
N ALA D 148 46.27 -2.62 34.83
CA ALA D 148 46.33 -3.91 35.50
C ALA D 148 46.34 -4.99 34.42
N LEU D 149 47.16 -6.02 34.61
CA LEU D 149 47.21 -7.11 33.64
C LEU D 149 45.97 -7.97 33.85
N MSE D 150 45.68 -8.84 32.89
CA MSE D 150 44.49 -9.66 32.97
C MSE D 150 44.60 -11.03 33.57
O MSE D 150 45.71 -11.55 33.78
CB MSE D 150 43.91 -9.87 31.56
CG MSE D 150 43.30 -8.65 30.90
SE MSE D 150 42.88 -8.97 29.17
CE MSE D 150 41.44 -7.93 28.98
N PRO D 151 43.41 -11.60 33.83
CA PRO D 151 43.40 -13.00 34.25
C PRO D 151 44.31 -13.62 33.31
N TYR D 152 45.05 -14.60 33.69
CA TYR D 152 45.89 -14.95 32.59
C TYR D 152 45.11 -15.43 31.41
N MSE D 153 45.72 -15.28 30.26
CA MSE D 153 45.13 -15.70 29.02
C MSE D 153 46.25 -16.01 28.03
O MSE D 153 47.22 -15.29 27.82
CB MSE D 153 44.11 -14.69 28.51
CG MSE D 153 44.70 -13.53 27.76
SE MSE D 153 43.48 -12.80 26.64
CE MSE D 153 42.12 -13.94 26.85
N PRO D 154 46.02 -17.18 27.46
CA PRO D 154 47.00 -17.86 26.66
C PRO D 154 47.72 -17.01 25.72
N PRO D 155 48.85 -17.43 25.41
CA PRO D 155 49.50 -16.66 24.45
C PRO D 155 48.52 -16.69 23.25
N ALA D 156 48.36 -15.63 22.50
CA ALA D 156 47.58 -15.76 21.28
C ALA D 156 48.34 -15.11 20.14
N SER D 157 49.67 -15.13 20.25
CA SER D 157 50.54 -14.53 19.24
C SER D 157 51.32 -15.54 18.42
N ASP D 158 51.00 -16.81 18.57
CA ASP D 158 51.68 -17.85 17.81
C ASP D 158 51.11 -19.23 18.07
N ARG D 159 50.48 -19.80 17.06
CA ARG D 159 49.91 -21.13 17.15
C ARG D 159 50.40 -21.82 15.89
N LEU D 160 50.24 -21.11 14.79
CA LEU D 160 50.62 -21.56 13.46
C LEU D 160 52.03 -22.14 13.32
N ARG D 161 52.98 -21.67 14.12
CA ARG D 161 54.36 -22.16 14.03
C ARG D 161 54.50 -23.67 13.91
N ASN D 162 53.51 -24.41 14.40
CA ASN D 162 53.55 -25.87 14.35
C ASN D 162 52.57 -26.51 13.37
N GLU D 163 51.54 -25.76 12.99
CA GLU D 163 50.56 -26.25 12.04
C GLU D 163 51.30 -26.60 10.76
N GLN D 164 50.72 -27.48 9.97
CA GLN D 164 51.33 -27.89 8.72
C GLN D 164 50.58 -27.33 7.52
N MSE D 165 51.25 -26.43 6.80
CA MSE D 165 50.65 -25.80 5.64
C MSE D 165 50.52 -26.79 4.50
O MSE D 165 51.45 -27.54 4.22
CB MSE D 165 51.52 -24.61 5.22
CG MSE D 165 50.91 -23.74 4.14
SE MSE D 165 51.82 -22.04 4.08
CE MSE D 165 51.15 -21.35 5.73
N ILE D 166 49.35 -26.82 3.87
CA ILE D 166 49.12 -27.74 2.75
C ILE D 166 48.77 -26.98 1.48
N GLY D 167 48.97 -25.67 1.50
CA GLY D 167 48.69 -24.86 0.34
C GLY D 167 48.34 -23.43 0.69
N GLN D 168 48.76 -22.47 -0.14
CA GLN D 168 48.43 -21.08 0.12
C GLN D 168 48.24 -20.29 -1.18
N VAL D 169 47.24 -19.40 -1.20
CA VAL D 169 46.95 -18.63 -2.39
C VAL D 169 46.86 -17.13 -2.12
N LEU D 170 47.49 -16.35 -2.99
CA LEU D 170 47.50 -14.89 -2.87
C LEU D 170 46.37 -14.29 -3.69
N LEU D 171 45.67 -13.32 -3.12
CA LEU D 171 44.55 -12.68 -3.80
C LEU D 171 44.79 -11.22 -4.11
N MSE D 172 44.60 -10.82 -5.37
CA MSE D 172 44.79 -9.43 -5.77
C MSE D 172 43.70 -8.58 -5.12
O MSE D 172 42.63 -9.09 -4.77
CB MSE D 172 44.65 -9.23 -7.26
CG MSE D 172 45.18 -10.30 -8.15
SE MSE D 172 44.72 -9.75 -9.94
CE MSE D 172 43.01 -8.94 -9.57
N PRO D 173 43.95 -7.28 -4.99
CA PRO D 173 42.98 -6.37 -4.40
C PRO D 173 41.54 -6.61 -4.88
N LYS D 174 41.36 -6.70 -6.20
CA LYS D 174 40.03 -6.92 -6.77
C LYS D 174 39.42 -8.26 -6.41
N THR D 175 40.21 -9.31 -6.55
CA THR D 175 39.80 -10.66 -6.23
C THR D 175 39.34 -10.75 -4.79
N ALA D 176 40.13 -10.14 -3.89
CA ALA D 176 39.82 -10.14 -2.47
C ALA D 176 38.54 -9.38 -2.15
N SER D 177 38.29 -8.30 -2.89
CA SER D 177 37.10 -7.47 -2.68
C SER D 177 35.85 -8.25 -3.00
N SER D 178 35.90 -9.01 -4.10
CA SER D 178 34.77 -9.80 -4.50
C SER D 178 34.47 -10.80 -3.39
N LEU D 179 35.51 -11.51 -2.96
CA LEU D 179 35.38 -12.51 -1.92
C LEU D 179 34.80 -11.90 -0.66
N GLN D 180 35.35 -10.75 -0.27
CA GLN D 180 34.87 -10.08 0.93
C GLN D 180 33.40 -9.70 0.81
N LYS D 181 33.06 -9.06 -0.30
CA LYS D 181 31.69 -8.66 -0.54
C LYS D 181 30.78 -9.88 -0.46
N TRP D 182 31.14 -10.93 -1.19
CA TRP D 182 30.38 -12.17 -1.20
C TRP D 182 30.22 -12.71 0.23
N ALA D 183 31.34 -12.80 0.95
CA ALA D 183 31.32 -13.33 2.31
C ALA D 183 30.34 -12.58 3.20
N ARG D 184 30.38 -11.25 3.15
CA ARG D 184 29.47 -10.47 3.98
C ARG D 184 28.03 -10.82 3.62
N GLN D 185 27.75 -10.91 2.33
CA GLN D 185 26.41 -11.23 1.87
C GLN D 185 25.86 -12.51 2.49
N GLN D 186 26.75 -13.42 2.86
CA GLN D 186 26.35 -14.70 3.44
C GLN D 186 25.99 -14.60 4.92
N GLY D 187 26.07 -13.40 5.46
CA GLY D 187 25.74 -13.20 6.86
C GLY D 187 26.55 -14.07 7.80
N SER D 188 25.84 -14.80 8.67
CA SER D 188 26.48 -15.65 9.66
C SER D 188 26.47 -17.13 9.25
N GLY D 189 26.28 -17.37 7.96
CA GLY D 189 26.29 -18.74 7.48
C GLY D 189 27.72 -19.19 7.37
N GLY D 190 27.92 -20.49 7.11
CA GLY D 190 29.25 -21.02 6.97
C GLY D 190 29.71 -20.98 5.52
N VAL D 191 30.98 -21.24 5.30
CA VAL D 191 31.54 -21.24 3.95
C VAL D 191 32.46 -22.44 3.76
N LYS D 192 32.22 -23.20 2.69
CA LYS D 192 33.07 -24.35 2.35
C LYS D 192 34.11 -23.81 1.37
N VAL D 193 35.37 -23.81 1.77
CA VAL D 193 36.42 -23.32 0.91
C VAL D 193 37.07 -24.53 0.26
N THR D 194 37.29 -24.47 -1.05
CA THR D 194 37.89 -25.59 -1.74
C THR D 194 39.01 -25.18 -2.70
N LEU D 195 40.19 -25.74 -2.50
CA LEU D 195 41.30 -25.48 -3.38
C LEU D 195 41.23 -26.59 -4.39
N ASN D 196 41.30 -26.27 -5.67
CA ASN D 196 41.22 -27.29 -6.71
C ASN D 196 42.40 -27.21 -7.67
N PRO D 197 43.41 -28.05 -7.48
CA PRO D 197 44.58 -28.04 -8.35
C PRO D 197 44.20 -28.41 -9.78
N ASP D 198 43.21 -29.28 -9.92
CA ASP D 198 42.79 -29.73 -11.24
C ASP D 198 42.12 -28.69 -12.14
N LEU D 199 41.60 -27.62 -11.56
CA LEU D 199 40.96 -26.59 -12.36
C LEU D 199 41.68 -25.26 -12.16
N TYR D 200 42.62 -25.24 -11.22
CA TYR D 200 43.36 -24.04 -10.90
C TYR D 200 42.32 -23.06 -10.38
N VAL D 201 41.51 -23.54 -9.44
CA VAL D 201 40.44 -22.72 -8.88
C VAL D 201 40.22 -22.87 -7.39
N THR D 202 39.72 -21.81 -6.77
CA THR D 202 39.37 -21.82 -5.37
C THR D 202 37.88 -21.61 -5.37
N THR D 203 37.16 -22.51 -4.73
CA THR D 203 35.71 -22.43 -4.68
C THR D 203 35.15 -22.15 -3.30
N TYR D 204 34.13 -21.29 -3.22
CA TYR D 204 33.50 -20.96 -1.96
C TYR D 204 32.00 -21.20 -2.02
N THR D 205 31.44 -21.90 -1.04
CA THR D 205 30.00 -22.14 -1.07
C THR D 205 29.33 -22.01 0.28
N SER D 206 28.24 -21.26 0.30
CA SER D 206 27.45 -21.07 1.51
C SER D 206 26.01 -21.26 1.08
N GLY D 207 25.49 -22.46 1.32
CA GLY D 207 24.13 -22.76 0.93
C GLY D 207 24.07 -22.89 -0.58
N GLU D 208 23.14 -22.18 -1.21
CA GLU D 208 22.99 -22.23 -2.66
C GLU D 208 23.96 -21.26 -3.31
N ALA D 209 24.37 -20.27 -2.52
CA ALA D 209 25.31 -19.22 -2.97
C ALA D 209 26.68 -19.84 -3.17
N CYS D 210 27.38 -19.40 -4.20
CA CYS D 210 28.67 -19.94 -4.51
C CYS D 210 29.55 -18.99 -5.33
N LEU D 211 30.86 -19.03 -5.08
CA LEU D 211 31.80 -18.16 -5.78
C LEU D 211 33.03 -18.96 -6.26
N THR D 212 33.42 -18.74 -7.50
CA THR D 212 34.57 -19.42 -8.07
C THR D 212 35.64 -18.45 -8.53
N LEU D 213 36.84 -18.59 -7.98
CA LEU D 213 37.97 -17.72 -8.29
C LEU D 213 39.12 -18.50 -8.90
N ASP D 214 39.59 -18.07 -10.06
CA ASP D 214 40.70 -18.73 -10.73
C ASP D 214 41.99 -18.20 -10.15
N TYR D 215 43.04 -19.03 -10.18
CA TYR D 215 44.35 -18.61 -9.70
C TYR D 215 45.38 -19.26 -10.60
N LYS D 216 46.52 -18.59 -10.80
CA LYS D 216 47.59 -19.15 -11.64
C LYS D 216 48.46 -20.07 -10.79
N PRO D 217 48.70 -21.29 -11.26
CA PRO D 217 49.51 -22.27 -10.52
C PRO D 217 50.97 -21.94 -10.37
N LEU D 218 51.59 -22.51 -9.33
CA LEU D 218 53.00 -22.35 -9.06
C LEU D 218 53.54 -23.78 -9.03
N SER D 219 54.76 -23.97 -9.51
CA SER D 219 55.33 -25.31 -9.50
C SER D 219 55.81 -25.67 -8.10
N VAL D 220 56.21 -24.65 -7.34
CA VAL D 220 56.71 -24.83 -5.99
C VAL D 220 55.66 -25.27 -4.96
N GLY D 221 56.13 -25.75 -3.81
CA GLY D 221 55.26 -26.19 -2.74
C GLY D 221 54.78 -25.03 -1.90
N PRO D 222 53.84 -25.25 -0.96
CA PRO D 222 53.32 -24.16 -0.13
C PRO D 222 54.40 -23.37 0.60
N TYR D 223 55.34 -24.08 1.24
CA TYR D 223 56.42 -23.43 1.98
C TYR D 223 57.43 -22.73 1.11
N GLU D 224 57.51 -23.12 -0.15
CA GLU D 224 58.46 -22.49 -1.06
C GLU D 224 57.98 -21.14 -1.58
N ALA D 225 56.71 -20.83 -1.38
CA ALA D 225 56.15 -19.57 -1.90
C ALA D 225 55.86 -18.46 -0.91
N PHE D 226 55.93 -17.23 -1.41
CA PHE D 226 55.67 -16.05 -0.63
C PHE D 226 56.59 -16.02 0.59
N THR D 227 57.89 -16.16 0.31
CA THR D 227 58.89 -16.16 1.36
C THR D 227 59.49 -14.77 1.48
N GLY D 228 58.90 -13.78 0.80
CA GLY D 228 59.40 -12.42 0.86
C GLY D 228 58.27 -11.45 0.61
N PRO D 229 58.55 -10.19 0.23
CA PRO D 229 57.48 -9.23 -0.03
C PRO D 229 56.63 -9.74 -1.19
N VAL D 230 55.65 -8.93 -1.49
CA VAL D 230 54.83 -9.29 -2.57
C VAL D 230 54.79 -8.22 -3.64
N ALA D 231 54.82 -8.80 -4.81
CA ALA D 231 54.57 -8.14 -6.08
C ALA D 231 53.03 -8.26 -6.06
N LYS D 232 52.17 -7.46 -6.72
CA LYS D 232 50.76 -7.64 -6.24
C LYS D 232 49.55 -8.09 -7.13
N ALA D 233 49.29 -7.53 -8.34
CA ALA D 233 48.14 -7.88 -9.24
C ALA D 233 48.36 -9.14 -10.07
N GLN D 234 47.98 -10.24 -9.43
CA GLN D 234 48.15 -11.57 -9.93
C GLN D 234 47.69 -12.58 -8.88
N ASP D 235 46.61 -13.27 -9.20
CA ASP D 235 46.08 -14.29 -8.32
C ASP D 235 46.90 -15.54 -8.54
N VAL D 236 47.85 -15.74 -7.63
CA VAL D 236 48.75 -16.88 -7.70
C VAL D 236 48.50 -17.84 -6.54
N GLY D 237 48.68 -19.12 -6.80
CA GLY D 237 48.47 -20.11 -5.76
C GLY D 237 49.44 -21.28 -5.84
N ALA D 238 49.72 -21.87 -4.69
CA ALA D 238 50.62 -23.02 -4.58
C ALA D 238 49.81 -24.11 -3.90
N VAL D 239 49.33 -25.07 -4.69
CA VAL D 239 48.53 -26.15 -4.15
C VAL D 239 48.97 -27.50 -4.71
N GLU D 240 49.23 -28.45 -3.83
CA GLU D 240 49.68 -29.76 -4.26
C GLU D 240 48.60 -30.84 -4.22
N ALA D 241 47.36 -30.44 -3.94
CA ALA D 241 46.23 -31.37 -3.91
C ALA D 241 44.99 -30.63 -3.46
N HIS D 242 43.84 -31.26 -3.61
CA HIS D 242 42.57 -30.65 -3.21
C HIS D 242 42.46 -30.48 -1.71
N VAL D 243 41.84 -29.37 -1.31
CA VAL D 243 41.67 -29.07 0.09
C VAL D 243 40.27 -28.51 0.36
N VAL D 244 39.68 -28.91 1.48
CA VAL D 244 38.35 -28.44 1.84
C VAL D 244 38.31 -27.99 3.30
N CYS D 245 37.95 -26.74 3.49
CA CYS D 245 37.84 -26.17 4.83
C CYS D 245 36.44 -25.64 5.02
N SER D 246 36.08 -25.47 6.27
CA SER D 246 34.78 -24.93 6.61
C SER D 246 35.06 -23.78 7.58
N VAL D 247 34.76 -22.56 7.17
CA VAL D 247 35.00 -21.39 8.02
C VAL D 247 33.78 -20.49 8.09
N ALA D 248 33.76 -19.61 9.08
CA ALA D 248 32.64 -18.69 9.26
C ALA D 248 32.75 -17.52 8.28
N ALA D 249 31.73 -17.34 7.44
CA ALA D 249 31.72 -16.27 6.45
C ALA D 249 31.99 -14.88 7.04
N ASP D 250 31.41 -14.58 8.19
CA ASP D 250 31.64 -13.25 8.77
C ASP D 250 33.06 -13.04 9.27
N SER D 251 33.76 -14.12 9.59
CA SER D 251 35.13 -14.01 10.05
C SER D 251 36.01 -13.89 8.82
N LEU D 252 35.63 -14.63 7.78
CA LEU D 252 36.35 -14.60 6.52
C LEU D 252 36.31 -13.16 6.00
N ALA D 253 35.12 -12.60 5.95
CA ALA D 253 34.92 -11.23 5.49
C ALA D 253 35.74 -10.22 6.31
N ALA D 254 35.76 -10.43 7.62
CA ALA D 254 36.51 -9.57 8.52
C ALA D 254 38.00 -9.72 8.20
N ALA D 255 38.40 -10.95 7.89
CA ALA D 255 39.79 -11.26 7.59
C ALA D 255 40.26 -10.65 6.28
N LEU D 256 39.43 -10.76 5.24
CA LEU D 256 39.77 -10.22 3.92
C LEU D 256 39.82 -8.71 3.95
N SER D 257 39.18 -8.13 4.96
CA SER D 257 39.13 -6.69 5.13
C SER D 257 40.40 -6.19 5.84
N LEU D 258 40.76 -6.85 6.94
CA LEU D 258 41.92 -6.47 7.73
C LEU D 258 43.24 -6.70 7.02
N CYS D 259 43.32 -7.76 6.24
CA CYS D 259 44.56 -8.07 5.55
C CYS D 259 44.74 -7.38 4.23
N ARG D 260 43.79 -6.55 3.84
CA ARG D 260 43.93 -5.83 2.59
C ARG D 260 44.06 -4.37 3.01
N ILE D 261 45.27 -4.03 3.47
CA ILE D 261 45.55 -2.66 3.91
C ILE D 261 45.86 -1.83 2.66
N PRO D 262 45.13 -0.74 2.48
CA PRO D 262 45.35 0.12 1.31
C PRO D 262 46.82 0.44 1.12
N ALA D 263 47.36 0.13 -0.05
CA ALA D 263 48.77 0.42 -0.38
C ALA D 263 49.81 -0.13 0.59
N VAL D 264 49.58 -1.32 1.14
CA VAL D 264 50.52 -1.94 2.07
C VAL D 264 50.54 -3.45 1.92
N SER D 265 49.38 -4.07 2.00
CA SER D 265 49.32 -5.52 1.91
C SER D 265 48.26 -6.07 0.97
N VAL D 266 48.31 -7.39 0.83
CA VAL D 266 47.40 -8.14 -0.01
C VAL D 266 47.08 -9.41 0.79
N PRO D 267 45.82 -9.88 0.78
CA PRO D 267 45.51 -11.09 1.55
C PRO D 267 46.11 -12.34 0.95
N ILE D 268 46.62 -13.20 1.81
CA ILE D 268 47.17 -14.47 1.37
C ILE D 268 46.44 -15.51 2.22
N LEU D 269 45.84 -16.50 1.57
CA LEU D 269 45.13 -17.52 2.30
C LEU D 269 46.02 -18.72 2.53
N ARG D 270 46.27 -19.04 3.79
CA ARG D 270 47.08 -20.20 4.15
C ARG D 270 46.20 -21.33 4.65
N PHE D 271 46.28 -22.48 4.00
CA PHE D 271 45.48 -23.63 4.39
C PHE D 271 46.35 -24.60 5.19
N TYR D 272 45.85 -25.06 6.32
CA TYR D 272 46.58 -25.99 7.16
C TYR D 272 45.91 -27.35 7.31
N ARG D 273 46.72 -28.39 7.42
CA ARG D 273 46.24 -29.77 7.55
C ARG D 273 45.14 -29.84 8.62
N SER D 274 45.26 -28.96 9.60
CA SER D 274 44.32 -28.84 10.70
C SER D 274 42.87 -28.54 10.24
N GLY D 275 42.70 -28.01 9.03
CA GLY D 275 41.36 -27.70 8.55
C GLY D 275 41.03 -26.26 8.85
N ILE D 276 42.06 -25.57 9.29
CA ILE D 276 42.02 -24.15 9.66
C ILE D 276 42.57 -23.36 8.49
N ILE D 277 42.18 -22.10 8.36
CA ILE D 277 42.71 -21.25 7.30
C ILE D 277 43.22 -20.03 8.02
N ALA D 278 44.40 -19.58 7.63
CA ALA D 278 44.96 -18.38 8.24
C ALA D 278 45.09 -17.31 7.17
N VAL D 279 44.29 -16.26 7.29
CA VAL D 279 44.37 -15.17 6.33
C VAL D 279 45.51 -14.29 6.82
N VAL D 280 46.46 -14.06 5.95
CA VAL D 280 47.63 -13.30 6.31
C VAL D 280 47.77 -12.04 5.45
N ALA D 281 48.40 -11.01 6.01
CA ALA D 281 48.63 -9.77 5.29
C ALA D 281 50.00 -9.82 4.61
N GLY D 282 50.01 -10.10 3.30
CA GLY D 282 51.26 -10.17 2.57
C GLY D 282 51.71 -8.74 2.28
N LEU D 283 52.90 -8.38 2.72
CA LEU D 283 53.40 -7.02 2.51
C LEU D 283 53.94 -6.78 1.10
N LEU D 284 53.42 -5.74 0.46
CA LEU D 284 53.87 -5.38 -0.88
C LEU D 284 55.27 -4.80 -0.76
N THR D 285 56.11 -5.00 -1.77
CA THR D 285 57.44 -4.43 -1.72
C THR D 285 57.24 -2.91 -1.71
N SER D 286 56.12 -2.48 -2.30
CA SER D 286 55.76 -1.07 -2.38
C SER D 286 55.93 -0.39 -1.03
N ALA D 287 55.46 -1.06 0.02
CA ALA D 287 55.59 -0.54 1.39
C ALA D 287 57.02 -0.85 1.78
N GLY D 288 57.41 -0.47 2.99
CA GLY D 288 58.78 -0.73 3.38
C GLY D 288 58.96 -2.06 4.12
N ASP D 289 59.78 -2.00 5.17
CA ASP D 289 60.02 -3.15 5.99
C ASP D 289 59.23 -2.98 7.27
N LEU D 290 57.92 -2.82 7.10
CA LEU D 290 57.02 -2.66 8.24
C LEU D 290 57.15 -3.87 9.16
N PRO D 291 57.47 -3.63 10.44
CA PRO D 291 57.61 -4.70 11.43
C PRO D 291 56.25 -5.32 11.75
N LEU D 292 55.44 -5.55 10.72
CA LEU D 292 54.11 -6.09 10.91
C LEU D 292 53.82 -7.47 10.38
N ASP D 293 53.31 -8.32 11.25
CA ASP D 293 52.92 -9.67 10.89
C ASP D 293 51.46 -9.79 11.33
N LEU D 294 50.56 -9.29 10.49
CA LEU D 294 49.12 -9.34 10.76
C LEU D 294 48.58 -10.68 10.26
N SER D 295 47.58 -11.21 10.97
CA SER D 295 46.99 -12.47 10.57
C SER D 295 45.62 -12.63 11.21
N VAL D 296 44.76 -13.41 10.58
CA VAL D 296 43.44 -13.67 11.12
C VAL D 296 43.23 -15.16 10.92
N ILE D 297 43.02 -15.88 12.01
CA ILE D 297 42.84 -17.30 11.92
C ILE D 297 41.38 -17.67 11.84
N LEU D 298 41.00 -18.26 10.72
CA LEU D 298 39.63 -18.70 10.53
C LEU D 298 39.62 -20.11 11.08
N PHE D 299 38.80 -20.34 12.11
CA PHE D 299 38.74 -21.66 12.70
C PHE D 299 37.83 -22.56 11.90
N ASN D 300 37.93 -23.86 12.14
CA ASN D 300 37.13 -24.82 11.41
C ASN D 300 35.65 -24.79 11.78
N HIS D 301 35.06 -23.60 11.70
CA HIS D 301 33.64 -23.42 12.00
C HIS D 301 32.83 -24.46 11.23
N ALA D 302 32.00 -25.21 11.94
CA ALA D 302 31.19 -26.25 11.32
C ALA D 302 29.74 -25.84 11.22
N SER D 303 29.22 -25.78 10.00
CA SER D 303 27.82 -25.42 9.75
C SER D 303 27.56 -25.40 8.25
N MSE E 5 82.43 -63.99 64.56
CA MSE E 5 82.34 -63.65 63.11
C MSE E 5 83.23 -62.45 62.77
O MSE E 5 84.34 -62.33 63.30
CB MSE E 5 80.91 -63.33 62.73
CG MSE E 5 80.66 -63.41 61.24
SE MSE E 5 80.28 -65.20 60.64
CE MSE E 5 81.98 -66.04 61.02
N GLU E 6 82.75 -61.55 61.91
CA GLU E 6 83.52 -60.37 61.52
C GLU E 6 82.74 -59.30 60.76
N THR E 7 82.44 -58.21 61.45
CA THR E 7 81.69 -57.08 60.90
C THR E 7 82.47 -56.30 59.85
N THR E 8 81.91 -56.21 58.64
CA THR E 8 82.55 -55.47 57.57
C THR E 8 82.03 -54.03 57.52
N GLN E 9 80.71 -53.87 57.39
CA GLN E 9 80.07 -52.55 57.36
C GLN E 9 78.91 -52.43 58.33
N THR E 10 78.51 -51.21 58.63
CA THR E 10 77.41 -50.96 59.55
C THR E 10 76.58 -49.76 59.09
N LEU E 11 75.28 -49.92 59.05
CA LEU E 11 74.40 -48.82 58.64
C LEU E 11 73.24 -48.67 59.60
N ARG E 12 73.08 -47.47 60.15
CA ARG E 12 71.98 -47.17 61.07
C ARG E 12 71.23 -45.98 60.51
N PHE E 13 69.91 -46.06 60.46
CA PHE E 13 69.11 -44.94 59.95
C PHE E 13 68.61 -44.12 61.12
N LYS E 14 68.38 -42.84 60.88
CA LYS E 14 67.87 -41.93 61.90
C LYS E 14 66.49 -42.38 62.37
N THR E 15 66.06 -41.83 63.50
CA THR E 15 64.78 -42.16 64.10
C THR E 15 63.59 -42.04 63.14
N LYS E 16 62.92 -43.16 62.92
CA LYS E 16 61.74 -43.24 62.05
C LYS E 16 61.99 -42.66 60.65
N ALA E 17 63.26 -42.60 60.27
CA ALA E 17 63.65 -42.08 58.97
C ALA E 17 63.01 -42.87 57.83
N LEU E 18 63.01 -44.19 57.95
CA LEU E 18 62.45 -45.04 56.91
C LEU E 18 60.94 -45.20 57.10
N ALA E 19 60.46 -44.96 58.31
CA ALA E 19 59.05 -45.12 58.59
C ALA E 19 58.23 -44.17 57.73
N VAL E 20 58.72 -42.96 57.55
CA VAL E 20 57.99 -41.98 56.76
C VAL E 20 57.80 -42.38 55.28
N LEU E 21 58.37 -43.51 54.88
CA LEU E 21 58.24 -43.97 53.51
C LEU E 21 57.31 -45.18 53.45
N SER E 22 56.70 -45.51 54.58
CA SER E 22 55.80 -46.66 54.69
C SER E 22 54.75 -46.70 53.58
N LYS E 23 54.10 -45.56 53.36
CA LYS E 23 53.05 -45.44 52.34
C LYS E 23 53.62 -45.59 50.93
N CYS E 24 54.82 -45.04 50.71
CA CYS E 24 55.47 -45.16 49.41
C CYS E 24 55.77 -46.64 49.14
N TYR E 25 56.45 -47.30 50.07
CA TYR E 25 56.78 -48.70 49.88
C TYR E 25 55.54 -49.56 49.67
N ASP E 26 54.50 -49.34 50.46
CA ASP E 26 53.27 -50.12 50.32
C ASP E 26 52.74 -49.97 48.91
N HIS E 27 52.95 -48.78 48.36
CA HIS E 27 52.50 -48.48 47.02
C HIS E 27 53.28 -49.27 45.95
N ALA E 28 54.52 -49.61 46.25
CA ALA E 28 55.36 -50.33 45.30
C ALA E 28 55.61 -51.78 45.68
N GLN E 29 55.23 -52.16 46.89
CA GLN E 29 55.47 -53.50 47.37
C GLN E 29 55.17 -54.67 46.44
N THR E 30 54.06 -54.63 45.71
CA THR E 30 53.78 -55.73 44.80
C THR E 30 54.92 -55.92 43.81
N HIS E 31 55.46 -54.82 43.32
CA HIS E 31 56.58 -54.88 42.38
C HIS E 31 57.88 -55.20 43.11
N LEU E 32 58.07 -54.54 44.24
CA LEU E 32 59.28 -54.71 45.02
C LEU E 32 59.51 -56.09 45.65
N LYS E 33 58.44 -56.84 45.84
CA LYS E 33 58.54 -58.15 46.47
C LYS E 33 59.49 -59.16 45.82
N GLY E 34 59.38 -59.35 44.52
CA GLY E 34 60.24 -60.30 43.85
C GLY E 34 61.65 -59.83 43.64
N GLY E 35 61.93 -58.58 44.02
CA GLY E 35 63.26 -58.02 43.83
C GLY E 35 64.28 -58.27 44.92
N VAL E 36 65.22 -57.34 45.05
CA VAL E 36 66.29 -57.43 46.03
C VAL E 36 66.57 -56.11 46.74
N LEU E 37 67.01 -56.22 47.99
CA LEU E 37 67.39 -55.05 48.77
C LEU E 37 68.88 -54.89 48.50
N GLN E 38 69.33 -53.66 48.35
CA GLN E 38 70.72 -53.45 48.00
C GLN E 38 71.34 -52.18 48.59
N VAL E 39 72.58 -52.27 49.04
CA VAL E 39 73.25 -51.10 49.60
C VAL E 39 74.42 -50.69 48.72
N ASN E 40 74.35 -49.46 48.23
CA ASN E 40 75.38 -48.89 47.37
C ASN E 40 76.46 -48.24 48.22
N LEU E 41 77.71 -48.67 48.01
CA LEU E 41 78.83 -48.12 48.77
C LEU E 41 79.54 -46.98 48.05
N LEU E 42 79.53 -46.98 46.72
CA LEU E 42 80.17 -45.90 45.96
C LEU E 42 79.58 -44.57 46.41
N SER E 43 78.26 -44.50 46.38
CA SER E 43 77.52 -43.29 46.75
C SER E 43 78.00 -42.60 48.02
N VAL E 44 78.76 -43.30 48.86
CA VAL E 44 79.25 -42.73 50.11
C VAL E 44 80.01 -41.42 49.91
N ASN E 45 80.73 -41.30 48.79
CA ASN E 45 81.47 -40.07 48.50
C ASN E 45 80.51 -38.87 48.44
N TYR E 46 79.42 -39.02 47.71
CA TYR E 46 78.43 -37.95 47.61
C TYR E 46 77.21 -38.25 48.46
N GLY E 47 77.16 -37.63 49.64
CA GLY E 47 76.04 -37.83 50.55
C GLY E 47 76.26 -38.94 51.56
N GLY E 48 76.32 -40.18 51.08
CA GLY E 48 76.51 -41.31 51.97
C GLY E 48 76.10 -42.60 51.28
N PRO E 49 75.82 -43.68 52.05
CA PRO E 49 75.41 -44.98 51.50
C PRO E 49 73.98 -44.92 51.02
N ARG E 50 73.60 -45.83 50.14
CA ARG E 50 72.24 -45.82 49.63
C ARG E 50 71.53 -47.17 49.67
N LEU E 51 70.55 -47.28 50.55
CA LEU E 51 69.74 -48.49 50.65
C LEU E 51 68.61 -48.35 49.63
N ALA E 52 68.34 -49.43 48.91
CA ALA E 52 67.29 -49.38 47.91
C ALA E 52 66.76 -50.74 47.59
N ALA E 53 65.48 -50.77 47.26
CA ALA E 53 64.84 -52.02 46.87
C ALA E 53 64.82 -51.94 45.35
N VAL E 54 65.38 -52.94 44.69
CA VAL E 54 65.39 -52.92 43.25
C VAL E 54 64.66 -54.14 42.72
N ALA E 55 63.80 -53.92 41.73
CA ALA E 55 63.06 -55.01 41.14
C ALA E 55 62.77 -54.67 39.68
N ASN E 56 62.27 -55.67 38.95
CA ASN E 56 61.92 -55.53 37.56
C ASN E 56 60.53 -54.92 37.38
N ALA E 57 60.39 -54.13 36.34
CA ALA E 57 59.13 -53.48 36.02
C ALA E 57 58.81 -53.74 34.54
N GLY E 58 57.78 -54.53 34.28
CA GLY E 58 57.41 -54.83 32.91
C GLY E 58 58.47 -55.66 32.18
N THR E 59 58.35 -55.73 30.87
CA THR E 59 59.28 -56.49 30.04
C THR E 59 60.69 -55.89 29.99
N ALA E 60 60.80 -54.58 30.20
CA ALA E 60 62.11 -53.97 30.13
C ALA E 60 62.26 -52.74 31.04
N GLY E 61 62.10 -52.95 32.34
CA GLY E 61 62.22 -51.85 33.27
C GLY E 61 62.90 -52.26 34.55
N LEU E 62 63.57 -51.31 35.19
CA LEU E 62 64.28 -51.55 36.44
C LEU E 62 63.86 -50.53 37.48
N ILE E 63 63.21 -50.99 38.55
CA ILE E 63 62.75 -50.10 39.62
C ILE E 63 63.84 -49.93 40.67
N SER E 64 64.07 -48.69 41.08
CA SER E 64 65.06 -48.40 42.10
C SER E 64 64.41 -47.55 43.18
N PHE E 65 63.96 -48.22 44.25
CA PHE E 65 63.32 -47.57 45.39
C PHE E 65 64.50 -47.20 46.32
N GLU E 66 65.06 -46.01 46.11
CA GLU E 66 66.21 -45.53 46.88
C GLU E 66 65.89 -44.63 48.05
N VAL E 67 66.74 -44.71 49.08
CA VAL E 67 66.61 -43.92 50.28
C VAL E 67 67.69 -42.87 50.31
N SER E 68 67.28 -41.61 50.29
CA SER E 68 68.21 -40.49 50.32
C SER E 68 69.19 -40.69 51.49
N PRO E 69 70.49 -40.43 51.26
CA PRO E 69 71.51 -40.59 52.29
C PRO E 69 71.27 -39.83 53.59
N ASP E 70 70.45 -38.80 53.57
CA ASP E 70 70.16 -38.04 54.79
C ASP E 70 69.45 -38.91 55.82
N ALA E 71 68.66 -39.88 55.34
CA ALA E 71 67.95 -40.76 56.25
C ALA E 71 68.96 -41.54 57.09
N VAL E 72 70.21 -41.56 56.64
CA VAL E 72 71.25 -42.26 57.37
C VAL E 72 71.68 -41.51 58.62
N ALA E 73 71.89 -42.27 59.69
CA ALA E 73 72.28 -41.70 60.97
C ALA E 73 73.76 -41.93 61.21
N GLU E 74 74.22 -43.13 60.90
CA GLU E 74 75.62 -43.45 61.10
C GLU E 74 76.06 -44.53 60.14
N TRP E 75 77.22 -44.34 59.54
CA TRP E 75 77.77 -45.31 58.60
C TRP E 75 79.21 -45.60 58.97
N GLN E 76 79.57 -46.87 58.84
CA GLN E 76 80.93 -47.28 59.17
C GLN E 76 81.39 -48.44 58.33
N ASN E 77 82.47 -48.19 57.60
CA ASN E 77 83.06 -49.21 56.76
C ASN E 77 84.30 -49.67 57.50
N HIS E 78 84.44 -50.98 57.66
CA HIS E 78 85.57 -51.53 58.38
C HIS E 78 86.54 -52.25 57.47
N GLN E 79 86.11 -52.48 56.24
CA GLN E 79 86.97 -53.14 55.28
C GLN E 79 87.86 -52.07 54.65
N SER E 80 88.89 -52.50 53.93
CA SER E 80 89.77 -51.56 53.25
C SER E 80 89.07 -51.17 51.94
N PRO E 81 89.27 -49.92 51.48
CA PRO E 81 88.62 -49.47 50.24
C PRO E 81 88.83 -50.47 49.09
N GLU E 82 89.91 -51.23 49.18
CA GLU E 82 90.24 -52.21 48.17
C GLU E 82 89.36 -53.45 48.27
N GLU E 83 89.15 -53.92 49.50
CA GLU E 83 88.31 -55.10 49.76
C GLU E 83 86.82 -54.82 49.60
N ALA E 84 86.33 -53.81 50.31
CA ALA E 84 84.92 -53.41 50.28
C ALA E 84 84.33 -53.54 48.89
N PRO E 85 83.06 -53.95 48.79
CA PRO E 85 82.45 -54.09 47.47
C PRO E 85 81.86 -52.76 47.00
N ALA E 86 81.48 -52.71 45.73
CA ALA E 86 80.87 -51.52 45.20
C ALA E 86 79.47 -51.51 45.81
N ALA E 87 78.90 -52.71 45.98
CA ALA E 87 77.56 -52.85 46.54
C ALA E 87 77.21 -54.25 47.06
N VAL E 88 76.49 -54.27 48.17
CA VAL E 88 76.03 -55.54 48.74
C VAL E 88 74.54 -55.59 48.39
N SER E 89 74.00 -56.80 48.28
CA SER E 89 72.59 -56.95 47.96
C SER E 89 72.06 -58.32 48.36
N PHE E 90 70.89 -58.32 48.97
CA PHE E 90 70.24 -59.55 49.41
C PHE E 90 68.79 -59.65 48.92
N ARG E 91 68.28 -60.88 48.85
CA ARG E 91 66.94 -61.15 48.39
C ARG E 91 65.86 -60.56 49.31
N ASN E 92 65.07 -59.61 48.78
CA ASN E 92 64.02 -58.95 49.55
C ASN E 92 63.12 -59.98 50.23
N LEU E 93 62.81 -61.06 49.52
CA LEU E 93 62.00 -62.12 50.10
C LEU E 93 62.97 -63.10 50.74
N ALA E 94 63.23 -62.88 52.02
CA ALA E 94 64.15 -63.71 52.81
C ALA E 94 63.99 -65.22 52.60
N TYR E 95 65.11 -65.93 52.75
CA TYR E 95 65.13 -67.38 52.59
C TYR E 95 64.05 -68.07 53.38
N GLY E 96 63.20 -68.81 52.67
CA GLY E 96 62.12 -69.53 53.32
C GLY E 96 61.05 -68.65 53.93
N ARG E 97 61.35 -68.07 55.10
CA ARG E 97 60.40 -67.22 55.83
C ARG E 97 59.49 -66.40 54.91
N THR E 98 58.22 -66.74 54.99
CA THR E 98 57.17 -66.13 54.19
C THR E 98 57.06 -64.61 54.20
N CYS E 99 57.73 -63.94 55.13
CA CYS E 99 57.63 -62.49 55.17
C CYS E 99 58.64 -61.79 54.25
N VAL E 100 58.30 -60.58 53.84
CA VAL E 100 59.18 -59.81 52.97
C VAL E 100 59.96 -58.79 53.80
N LEU E 101 61.28 -58.89 53.76
CA LEU E 101 62.13 -57.98 54.51
C LEU E 101 61.80 -56.51 54.28
N GLY E 102 61.42 -56.15 53.05
CA GLY E 102 61.10 -54.76 52.73
C GLY E 102 59.89 -54.16 53.44
N LYS E 103 58.81 -54.93 53.53
CA LYS E 103 57.60 -54.43 54.20
C LYS E 103 57.91 -54.12 55.66
N GLU E 104 58.72 -54.98 56.27
CA GLU E 104 59.10 -54.80 57.67
C GLU E 104 60.01 -53.59 57.78
N LEU E 105 61.17 -53.68 57.14
CA LEU E 105 62.17 -52.62 57.15
C LEU E 105 61.60 -51.21 56.96
N PHE E 106 60.61 -51.07 56.09
CA PHE E 106 60.00 -49.76 55.84
C PHE E 106 58.70 -49.57 56.60
N GLY E 107 58.57 -50.26 57.73
CA GLY E 107 57.38 -50.14 58.55
C GLY E 107 57.27 -48.79 59.23
N SER E 108 56.04 -48.32 59.38
CA SER E 108 55.78 -47.04 60.01
C SER E 108 56.02 -47.07 61.51
N ALA E 109 55.96 -48.25 62.10
CA ALA E 109 56.16 -48.42 63.53
C ALA E 109 57.62 -48.68 63.92
N VAL E 110 58.51 -48.60 62.93
CA VAL E 110 59.93 -48.85 63.21
C VAL E 110 60.62 -47.53 63.58
N GLU E 111 61.04 -47.44 64.84
CA GLU E 111 61.70 -46.25 65.31
C GLU E 111 63.18 -46.22 64.89
N GLN E 112 63.85 -47.37 64.98
CA GLN E 112 65.25 -47.45 64.63
C GLN E 112 65.53 -48.68 63.76
N ALA E 113 66.01 -48.43 62.54
CA ALA E 113 66.35 -49.51 61.61
C ALA E 113 67.84 -49.48 61.31
N SER E 114 68.43 -50.67 61.20
CA SER E 114 69.84 -50.75 60.89
C SER E 114 70.19 -52.09 60.29
N LEU E 115 71.26 -52.10 59.49
CA LEU E 115 71.72 -53.32 58.84
C LEU E 115 73.20 -53.48 59.18
N GLN E 116 73.64 -54.73 59.26
CA GLN E 116 75.03 -55.05 59.55
C GLN E 116 75.52 -56.17 58.66
N PHE E 117 76.56 -55.91 57.90
CA PHE E 117 77.11 -56.94 57.03
C PHE E 117 78.36 -57.45 57.68
N TYR E 118 78.70 -58.70 57.40
CA TYR E 118 79.87 -59.28 58.00
C TYR E 118 80.33 -60.55 57.27
N LYS E 119 81.60 -60.87 57.45
CA LYS E 119 82.23 -62.02 56.80
C LYS E 119 82.88 -62.95 57.83
N ARG E 120 83.33 -64.11 57.37
CA ARG E 120 84.01 -65.06 58.23
C ARG E 120 85.50 -64.76 58.15
N PRO E 121 86.20 -64.76 59.30
CA PRO E 121 87.63 -64.49 59.41
C PRO E 121 88.53 -65.19 58.39
N GLN E 122 88.46 -66.51 58.34
CA GLN E 122 89.30 -67.28 57.43
C GLN E 122 88.63 -67.67 56.12
N GLY E 123 88.66 -66.77 55.14
CA GLY E 123 88.06 -67.05 53.84
C GLY E 123 87.13 -65.97 53.33
N GLY E 124 87.19 -65.71 52.03
CA GLY E 124 86.35 -64.69 51.42
C GLY E 124 86.87 -63.29 51.68
N SER E 125 86.70 -62.39 50.73
CA SER E 125 87.19 -61.03 50.92
C SER E 125 86.08 -60.05 51.28
N ARG E 126 84.93 -60.18 50.61
CA ARG E 126 83.80 -59.28 50.86
C ARG E 126 82.74 -59.92 51.75
N PRO E 127 81.79 -59.12 52.25
CA PRO E 127 80.70 -59.55 53.13
C PRO E 127 79.89 -60.74 52.63
N GLU E 128 79.51 -61.62 53.54
CA GLU E 128 78.73 -62.81 53.20
C GLU E 128 77.32 -62.76 53.76
N PHE E 129 77.18 -62.12 54.91
CA PHE E 129 75.88 -62.04 55.56
C PHE E 129 75.49 -60.64 55.96
N VAL E 130 74.22 -60.47 56.28
CA VAL E 130 73.68 -59.20 56.71
C VAL E 130 72.72 -59.47 57.86
N LYS E 131 72.64 -58.53 58.79
CA LYS E 131 71.74 -58.67 59.91
C LYS E 131 70.91 -57.41 59.99
N LEU E 132 69.64 -57.55 59.63
CA LEU E 132 68.69 -56.46 59.64
C LEU E 132 68.08 -56.42 61.03
N THR E 133 67.94 -55.23 61.60
CA THR E 133 67.34 -55.12 62.93
C THR E 133 66.36 -53.95 63.01
N MSE E 134 65.13 -54.27 63.41
CA MSE E 134 64.10 -53.25 63.55
C MSE E 134 63.67 -53.13 65.02
O MSE E 134 63.35 -54.12 65.69
CB MSE E 134 62.90 -53.58 62.66
CG MSE E 134 63.19 -53.55 61.15
SE MSE E 134 64.05 -55.17 60.46
CE MSE E 134 63.04 -55.40 58.85
N GLU E 135 63.69 -51.89 65.52
CA GLU E 135 63.29 -51.58 66.87
C GLU E 135 62.04 -50.72 66.75
N TYR E 136 60.91 -51.25 67.21
CA TYR E 136 59.62 -50.57 67.10
C TYR E 136 59.28 -49.46 68.08
N ASP E 137 58.15 -48.79 67.81
CA ASP E 137 57.65 -47.72 68.65
C ASP E 137 57.56 -48.12 70.10
N ASP E 138 56.82 -49.19 70.35
CA ASP E 138 56.56 -49.70 71.69
C ASP E 138 57.76 -49.82 72.63
N LYS E 139 58.94 -49.41 72.19
CA LYS E 139 60.14 -49.47 73.02
C LYS E 139 60.30 -50.86 73.64
N VAL E 140 59.70 -51.85 72.99
CA VAL E 140 59.75 -53.22 73.48
C VAL E 140 60.02 -54.23 72.36
N SER E 141 59.25 -54.14 71.29
CA SER E 141 59.38 -55.06 70.17
C SER E 141 60.61 -54.85 69.30
N LYS E 142 61.23 -55.96 68.89
CA LYS E 142 62.41 -55.96 68.05
C LYS E 142 62.42 -57.16 67.12
N SER E 143 63.01 -56.99 65.95
CA SER E 143 63.14 -58.08 65.00
C SER E 143 64.56 -58.12 64.47
N HIS E 144 65.12 -59.32 64.37
CA HIS E 144 66.48 -59.53 63.87
C HIS E 144 66.44 -60.53 62.73
N HIS E 145 66.88 -60.09 61.56
CA HIS E 145 66.92 -60.95 60.39
C HIS E 145 68.34 -61.06 59.83
N THR E 146 68.88 -62.27 59.82
CA THR E 146 70.20 -62.45 59.23
C THR E 146 70.03 -63.42 58.06
N CYS E 147 70.75 -63.15 56.98
CA CYS E 147 70.68 -64.00 55.80
C CYS E 147 71.91 -63.83 54.94
N ALA E 148 72.01 -64.69 53.93
CA ALA E 148 73.14 -64.65 53.03
C ALA E 148 72.95 -63.59 51.99
N LEU E 149 74.04 -63.01 51.52
CA LEU E 149 73.99 -62.00 50.47
C LEU E 149 73.95 -62.81 49.19
N MSE E 150 73.74 -62.16 48.06
CA MSE E 150 73.70 -62.89 46.80
C MSE E 150 74.96 -62.60 46.01
O MSE E 150 75.71 -61.68 46.33
CB MSE E 150 72.52 -62.45 45.97
CG MSE E 150 71.19 -62.65 46.63
SE MSE E 150 69.91 -61.80 45.51
CE MSE E 150 70.37 -59.97 45.91
N PRO E 151 75.19 -63.38 44.95
CA PRO E 151 76.38 -63.14 44.14
C PRO E 151 76.35 -61.64 43.81
N TYR E 152 77.49 -60.99 43.93
CA TYR E 152 77.52 -59.55 43.68
C TYR E 152 77.04 -59.08 42.32
N MSE E 153 76.42 -57.91 42.33
CA MSE E 153 75.89 -57.26 41.14
C MSE E 153 76.21 -55.79 41.35
O MSE E 153 76.44 -55.36 42.47
CB MSE E 153 74.40 -57.41 41.05
CG MSE E 153 73.87 -58.80 41.22
SE MSE E 153 71.99 -58.68 41.55
CE MSE E 153 72.04 -58.52 43.48
N PRO E 154 76.22 -55.00 40.27
CA PRO E 154 76.51 -53.58 40.45
C PRO E 154 75.33 -52.92 41.13
N PRO E 155 75.46 -51.65 41.53
CA PRO E 155 74.36 -50.94 42.19
C PRO E 155 73.35 -50.47 41.14
N ALA E 156 72.23 -51.18 41.00
CA ALA E 156 71.20 -50.84 40.03
C ALA E 156 71.06 -49.32 39.88
N SER E 157 71.11 -48.61 41.01
CA SER E 157 71.01 -47.15 40.98
C SER E 157 72.34 -46.53 40.54
N ASP E 158 72.97 -47.14 39.53
CA ASP E 158 74.26 -46.68 39.03
C ASP E 158 74.33 -46.76 37.51
N ARG E 159 73.33 -47.39 36.89
CA ARG E 159 73.29 -47.55 35.43
C ARG E 159 73.26 -46.25 34.63
N LEU E 160 72.57 -45.24 35.13
CA LEU E 160 72.46 -43.97 34.44
C LEU E 160 73.61 -43.03 34.75
N ARG E 161 74.61 -43.50 35.50
CA ARG E 161 75.72 -42.64 35.88
C ARG E 161 76.39 -41.88 34.73
N ASN E 162 76.55 -42.52 33.57
CA ASN E 162 77.20 -41.84 32.46
C ASN E 162 76.31 -41.61 31.23
N GLU E 163 75.07 -41.24 31.49
CA GLU E 163 74.11 -40.97 30.43
C GLU E 163 73.88 -39.46 30.35
N GLN E 164 73.55 -38.95 29.16
CA GLN E 164 73.29 -37.52 29.00
C GLN E 164 71.79 -37.25 28.97
N MSE E 165 71.30 -36.55 30.00
CA MSE E 165 69.89 -36.21 30.06
C MSE E 165 69.71 -35.00 29.14
O MSE E 165 70.31 -33.96 29.37
CB MSE E 165 69.51 -35.85 31.50
CG MSE E 165 68.08 -35.42 31.70
SE MSE E 165 67.60 -35.49 33.57
CE MSE E 165 68.41 -33.86 34.19
N ILE E 166 68.92 -35.15 28.10
CA ILE E 166 68.69 -34.07 27.15
C ILE E 166 67.30 -33.45 27.29
N GLY E 167 66.70 -33.68 28.44
CA GLY E 167 65.39 -33.13 28.69
C GLY E 167 64.58 -33.98 29.64
N GLN E 168 63.76 -33.32 30.45
CA GLN E 168 62.88 -34.03 31.36
C GLN E 168 61.57 -33.24 31.44
N VAL E 169 60.46 -33.96 31.31
CA VAL E 169 59.16 -33.30 31.35
C VAL E 169 58.28 -33.79 32.50
N LEU E 170 57.71 -32.83 33.22
CA LEU E 170 56.83 -33.09 34.35
C LEU E 170 55.42 -33.39 33.86
N LEU E 171 54.74 -34.32 34.53
CA LEU E 171 53.38 -34.69 34.16
C LEU E 171 52.39 -34.38 35.26
N MSE E 172 51.19 -33.97 34.86
CA MSE E 172 50.13 -33.68 35.81
C MSE E 172 49.43 -35.00 36.08
O MSE E 172 49.34 -35.84 35.20
CB MSE E 172 49.09 -32.74 35.20
CG MSE E 172 49.43 -31.29 35.13
SE MSE E 172 47.85 -30.45 34.40
CE MSE E 172 46.50 -31.38 35.46
N PRO E 173 48.90 -35.18 37.30
CA PRO E 173 48.21 -36.42 37.65
C PRO E 173 47.27 -36.90 36.53
N LYS E 174 46.54 -35.98 35.93
CA LYS E 174 45.63 -36.30 34.84
C LYS E 174 46.44 -36.89 33.70
N THR E 175 47.40 -36.09 33.22
CA THR E 175 48.27 -36.48 32.12
C THR E 175 48.90 -37.85 32.37
N ALA E 176 49.52 -38.01 33.54
CA ALA E 176 50.16 -39.28 33.87
C ALA E 176 49.12 -40.39 33.77
N SER E 177 47.90 -40.08 34.20
CA SER E 177 46.82 -41.05 34.17
C SER E 177 46.47 -41.45 32.73
N SER E 178 46.44 -40.48 31.82
CA SER E 178 46.13 -40.78 30.43
C SER E 178 47.20 -41.71 29.87
N LEU E 179 48.46 -41.31 30.04
CA LEU E 179 49.59 -42.07 29.55
C LEU E 179 49.56 -43.49 30.08
N GLN E 180 49.41 -43.63 31.40
CA GLN E 180 49.38 -44.93 32.01
C GLN E 180 48.31 -45.81 31.41
N LYS E 181 47.10 -45.27 31.31
CA LYS E 181 45.96 -45.98 30.76
C LYS E 181 46.28 -46.40 29.34
N TRP E 182 46.72 -45.44 28.54
CA TRP E 182 47.06 -45.68 27.15
C TRP E 182 48.11 -46.79 27.06
N ALA E 183 49.16 -46.66 27.87
CA ALA E 183 50.23 -47.64 27.88
C ALA E 183 49.70 -49.03 28.20
N ARG E 184 48.82 -49.14 29.20
CA ARG E 184 48.25 -50.44 29.53
C ARG E 184 47.44 -50.99 28.37
N GLN E 185 46.85 -50.11 27.59
CA GLN E 185 46.05 -50.55 26.46
C GLN E 185 46.88 -51.16 25.32
N GLN E 186 48.18 -50.92 25.30
CA GLN E 186 49.01 -51.45 24.23
C GLN E 186 49.55 -52.83 24.54
N GLY E 187 49.13 -53.36 25.70
CA GLY E 187 49.54 -54.69 26.11
C GLY E 187 51.00 -55.03 25.90
N SER E 188 51.24 -56.22 25.37
CA SER E 188 52.60 -56.70 25.14
C SER E 188 53.39 -55.91 24.10
N GLY E 189 52.76 -54.88 23.55
CA GLY E 189 53.43 -54.08 22.53
C GLY E 189 54.55 -53.17 22.99
N GLY E 190 55.14 -52.45 22.04
CA GLY E 190 56.20 -51.52 22.33
C GLY E 190 55.73 -50.11 22.12
N VAL E 191 56.42 -49.14 22.71
CA VAL E 191 56.02 -47.75 22.56
C VAL E 191 57.19 -46.92 22.05
N LYS E 192 56.97 -46.26 20.92
CA LYS E 192 57.98 -45.40 20.33
C LYS E 192 57.70 -44.03 20.93
N VAL E 193 58.62 -43.54 21.74
CA VAL E 193 58.44 -42.25 22.41
C VAL E 193 59.25 -41.18 21.71
N THR E 194 58.60 -40.07 21.39
CA THR E 194 59.31 -38.99 20.72
C THR E 194 59.28 -37.72 21.56
N LEU E 195 60.44 -37.09 21.67
CA LEU E 195 60.59 -35.85 22.42
C LEU E 195 61.01 -34.81 21.39
N ASN E 196 60.05 -34.04 20.89
CA ASN E 196 60.34 -33.01 19.89
C ASN E 196 60.38 -31.60 20.50
N PRO E 197 61.57 -30.99 20.56
CA PRO E 197 61.76 -29.63 21.12
C PRO E 197 61.03 -28.56 20.30
N ASP E 198 61.01 -28.72 18.99
CA ASP E 198 60.34 -27.76 18.10
C ASP E 198 58.88 -27.68 18.50
N LEU E 199 58.16 -28.79 18.36
CA LEU E 199 56.77 -28.81 18.79
C LEU E 199 56.93 -28.85 20.30
N TYR E 200 55.92 -28.47 21.05
CA TYR E 200 56.05 -28.51 22.50
C TYR E 200 55.28 -29.70 23.01
N VAL E 201 55.61 -30.87 22.50
CA VAL E 201 54.91 -32.10 22.87
C VAL E 201 55.74 -33.38 22.86
N THR E 202 55.29 -34.35 23.64
CA THR E 202 55.93 -35.65 23.68
C THR E 202 54.89 -36.54 23.01
N THR E 203 55.34 -37.50 22.21
CA THR E 203 54.42 -38.37 21.51
C THR E 203 54.71 -39.82 21.74
N TYR E 204 53.66 -40.61 21.86
CA TYR E 204 53.81 -42.03 22.09
C TYR E 204 53.10 -42.79 20.97
N THR E 205 53.73 -43.86 20.51
CA THR E 205 53.20 -44.66 19.42
C THR E 205 53.33 -46.13 19.70
N SER E 206 52.33 -46.89 19.28
CA SER E 206 52.34 -48.33 19.44
C SER E 206 51.49 -48.91 18.33
N GLY E 207 52.11 -49.03 17.16
CA GLY E 207 51.42 -49.54 16.00
C GLY E 207 50.67 -48.37 15.39
N GLU E 208 49.36 -48.53 15.29
CA GLU E 208 48.50 -47.50 14.70
C GLU E 208 47.98 -46.59 15.79
N ALA E 209 47.96 -47.13 17.01
CA ALA E 209 47.50 -46.40 18.19
C ALA E 209 48.54 -45.35 18.49
N CYS E 210 48.09 -44.25 19.05
CA CYS E 210 48.99 -43.16 19.36
C CYS E 210 48.42 -42.21 20.41
N LEU E 211 49.29 -41.41 21.01
CA LEU E 211 48.88 -40.48 22.04
C LEU E 211 49.86 -39.33 22.06
N THR E 212 49.36 -38.09 22.02
CA THR E 212 50.22 -36.91 22.05
C THR E 212 49.87 -36.09 23.28
N LEU E 213 50.90 -35.64 23.99
CA LEU E 213 50.73 -34.85 25.21
C LEU E 213 51.54 -33.58 25.09
N ASP E 214 50.91 -32.45 25.45
CA ASP E 214 51.57 -31.14 25.38
C ASP E 214 52.24 -30.77 26.70
N TYR E 215 53.19 -29.84 26.63
CA TYR E 215 53.88 -29.35 27.81
C TYR E 215 54.34 -27.92 27.55
N LYS E 216 54.36 -27.11 28.60
CA LYS E 216 54.81 -25.72 28.49
C LYS E 216 56.33 -25.63 28.53
N PRO E 217 56.93 -24.96 27.54
CA PRO E 217 58.38 -24.77 27.42
C PRO E 217 58.94 -24.06 28.64
N LEU E 218 60.06 -24.56 29.17
CA LEU E 218 60.67 -23.95 30.34
C LEU E 218 62.16 -23.72 30.05
N SER E 219 62.50 -22.53 29.58
CA SER E 219 63.88 -22.19 29.23
C SER E 219 64.88 -22.53 30.33
N VAL E 220 65.37 -23.77 30.33
CA VAL E 220 66.33 -24.18 31.33
C VAL E 220 66.96 -25.52 31.00
N GLY E 221 68.25 -25.64 31.26
CA GLY E 221 68.95 -26.88 31.00
C GLY E 221 68.24 -28.02 31.72
N PRO E 222 68.20 -29.22 31.11
CA PRO E 222 67.53 -30.35 31.74
C PRO E 222 67.99 -30.58 33.17
N TYR E 223 69.30 -30.48 33.39
CA TYR E 223 69.86 -30.70 34.72
C TYR E 223 69.49 -29.63 35.73
N GLU E 224 68.72 -28.63 35.31
CA GLU E 224 68.35 -27.57 36.22
C GLU E 224 66.86 -27.61 36.56
N ALA E 225 66.08 -28.23 35.67
CA ALA E 225 64.65 -28.34 35.88
C ALA E 225 64.30 -29.24 37.06
N PHE E 226 63.19 -28.92 37.71
CA PHE E 226 62.66 -29.67 38.84
C PHE E 226 63.74 -30.07 39.85
N THR E 227 64.49 -29.06 40.28
CA THR E 227 65.56 -29.20 41.26
C THR E 227 64.97 -29.43 42.65
N GLY E 228 63.91 -28.71 42.95
CA GLY E 228 63.26 -28.83 44.24
C GLY E 228 61.87 -29.41 44.16
N PRO E 229 61.19 -29.61 45.31
CA PRO E 229 59.83 -30.17 45.36
C PRO E 229 58.89 -29.47 44.39
N VAL E 230 57.97 -30.25 43.83
CA VAL E 230 56.97 -29.73 42.89
C VAL E 230 55.87 -29.04 43.66
N ALA E 231 55.73 -27.73 43.42
CA ALA E 231 54.70 -26.92 44.08
C ALA E 231 53.33 -27.46 43.67
N LYS E 232 53.23 -27.95 42.44
CA LYS E 232 52.00 -28.52 41.92
C LYS E 232 52.21 -28.94 40.47
N ALA E 233 51.73 -30.14 40.14
CA ALA E 233 51.87 -30.69 38.80
C ALA E 233 51.40 -29.75 37.68
N GLN E 234 52.26 -29.59 36.68
CA GLN E 234 52.01 -28.75 35.50
C GLN E 234 52.71 -29.41 34.34
N ASP E 235 51.98 -29.75 33.28
CA ASP E 235 52.64 -30.38 32.14
C ASP E 235 53.65 -29.40 31.55
N VAL E 236 54.89 -29.50 32.02
CA VAL E 236 55.94 -28.63 31.55
C VAL E 236 57.20 -29.45 31.40
N GLY E 237 58.15 -28.92 30.64
CA GLY E 237 59.39 -29.65 30.45
C GLY E 237 60.53 -28.82 29.90
N ALA E 238 61.74 -29.14 30.34
CA ALA E 238 62.93 -28.46 29.89
C ALA E 238 63.57 -29.48 28.96
N VAL E 239 63.33 -29.31 27.67
CA VAL E 239 63.87 -30.22 26.67
C VAL E 239 64.93 -29.51 25.84
N GLU E 240 65.97 -30.22 25.42
CA GLU E 240 67.03 -29.57 24.63
C GLU E 240 67.44 -30.26 23.34
N ALA E 241 66.82 -31.40 23.02
CA ALA E 241 67.17 -32.12 21.81
C ALA E 241 66.10 -33.12 21.39
N HIS E 242 66.03 -33.41 20.09
CA HIS E 242 65.08 -34.37 19.56
C HIS E 242 65.56 -35.75 19.95
N VAL E 243 64.64 -36.67 20.24
CA VAL E 243 65.02 -38.04 20.61
C VAL E 243 63.86 -38.98 20.41
N VAL E 244 64.17 -40.23 20.12
CA VAL E 244 63.14 -41.23 19.95
C VAL E 244 63.59 -42.40 20.80
N CYS E 245 62.70 -42.89 21.65
CA CYS E 245 63.04 -44.01 22.51
C CYS E 245 62.07 -45.15 22.30
N SER E 246 62.59 -46.35 22.25
CA SER E 246 61.74 -47.51 22.09
C SER E 246 61.71 -48.18 23.45
N VAL E 247 60.52 -48.22 24.02
CA VAL E 247 60.25 -48.76 25.34
C VAL E 247 59.19 -49.84 25.31
N ALA E 248 59.16 -50.68 26.35
CA ALA E 248 58.16 -51.72 26.46
C ALA E 248 56.90 -51.03 27.01
N ALA E 249 55.74 -51.34 26.44
CA ALA E 249 54.52 -50.70 26.89
C ALA E 249 54.19 -50.98 28.35
N ASP E 250 54.30 -52.24 28.77
CA ASP E 250 54.00 -52.58 30.16
C ASP E 250 54.98 -51.94 31.15
N SER E 251 56.25 -51.79 30.77
CA SER E 251 57.22 -51.16 31.65
C SER E 251 56.82 -49.70 31.81
N LEU E 252 56.47 -49.06 30.70
CA LEU E 252 56.04 -47.66 30.72
C LEU E 252 54.80 -47.49 31.59
N ALA E 253 53.85 -48.42 31.51
CA ALA E 253 52.63 -48.34 32.31
C ALA E 253 52.94 -48.48 33.80
N ALA E 254 53.74 -49.49 34.16
CA ALA E 254 54.13 -49.71 35.55
C ALA E 254 54.89 -48.51 36.13
N ALA E 255 55.84 -48.00 35.37
CA ALA E 255 56.63 -46.85 35.81
C ALA E 255 55.72 -45.70 36.18
N LEU E 256 54.80 -45.35 35.27
CA LEU E 256 53.86 -44.27 35.52
C LEU E 256 52.98 -44.57 36.72
N SER E 257 52.63 -45.84 36.90
CA SER E 257 51.80 -46.24 38.02
C SER E 257 52.58 -46.11 39.32
N LEU E 258 53.84 -46.53 39.28
CA LEU E 258 54.70 -46.48 40.44
C LEU E 258 55.14 -45.09 40.89
N CYS E 259 55.49 -44.23 39.93
CA CYS E 259 55.96 -42.89 40.25
C CYS E 259 54.89 -41.88 40.59
N ARG E 260 53.65 -42.36 40.67
CA ARG E 260 52.52 -41.51 41.03
C ARG E 260 51.97 -42.08 42.33
N ILE E 261 52.62 -41.72 43.44
CA ILE E 261 52.22 -42.17 44.76
C ILE E 261 51.23 -41.15 45.29
N PRO E 262 49.98 -41.57 45.53
CA PRO E 262 48.93 -40.69 46.05
C PRO E 262 49.39 -39.66 47.09
N ALA E 263 49.21 -38.39 46.75
CA ALA E 263 49.57 -37.25 47.60
C ALA E 263 51.03 -37.26 48.05
N VAL E 264 51.91 -37.72 47.18
CA VAL E 264 53.32 -37.78 47.51
C VAL E 264 54.20 -37.35 46.34
N SER E 265 53.95 -37.93 45.18
CA SER E 265 54.75 -37.64 44.00
C SER E 265 53.95 -37.69 42.71
N VAL E 266 54.47 -37.01 41.70
CA VAL E 266 53.87 -36.96 40.38
C VAL E 266 55.00 -37.37 39.42
N PRO E 267 54.71 -38.14 38.36
CA PRO E 267 55.74 -38.58 37.40
C PRO E 267 56.47 -37.52 36.60
N ILE E 268 57.77 -37.71 36.44
CA ILE E 268 58.61 -36.82 35.65
C ILE E 268 59.36 -37.76 34.70
N LEU E 269 59.28 -37.47 33.40
CA LEU E 269 59.95 -38.31 32.42
C LEU E 269 61.30 -37.75 32.02
N ARG E 270 62.35 -38.54 32.25
CA ARG E 270 63.70 -38.12 31.91
C ARG E 270 64.18 -38.82 30.66
N PHE E 271 64.62 -38.02 29.69
CA PHE E 271 65.10 -38.55 28.41
C PHE E 271 66.62 -38.43 28.24
N TYR E 272 67.26 -39.54 27.89
CA TYR E 272 68.70 -39.55 27.67
C TYR E 272 69.03 -39.72 26.19
N ARG E 273 70.12 -39.08 25.77
CA ARG E 273 70.54 -39.13 24.38
C ARG E 273 70.78 -40.54 23.84
N SER E 274 70.80 -41.53 24.72
CA SER E 274 71.02 -42.89 24.29
C SER E 274 69.74 -43.64 23.98
N GLY E 275 68.60 -43.03 24.32
CA GLY E 275 67.33 -43.72 24.07
C GLY E 275 66.77 -44.34 25.33
N ILE E 276 67.48 -44.15 26.44
CA ILE E 276 67.06 -44.65 27.75
C ILE E 276 66.06 -43.63 28.34
N ILE E 277 64.98 -44.11 28.94
CA ILE E 277 64.03 -43.23 29.60
C ILE E 277 63.92 -43.61 31.07
N ALA E 278 64.04 -42.63 31.94
CA ALA E 278 63.93 -42.89 33.36
C ALA E 278 62.68 -42.19 33.87
N VAL E 279 61.79 -42.94 34.50
CA VAL E 279 60.58 -42.37 35.06
C VAL E 279 60.88 -42.18 36.53
N VAL E 280 60.91 -40.93 36.96
CA VAL E 280 61.21 -40.59 38.34
C VAL E 280 59.93 -40.19 39.08
N ALA E 281 59.93 -40.31 40.40
CA ALA E 281 58.77 -39.91 41.19
C ALA E 281 59.06 -38.51 41.72
N GLY E 282 58.45 -37.49 41.12
CA GLY E 282 58.66 -36.12 41.55
C GLY E 282 57.87 -35.78 42.81
N LEU E 283 58.55 -35.67 43.93
CA LEU E 283 57.92 -35.39 45.20
C LEU E 283 57.20 -34.05 45.30
N LEU E 284 55.96 -34.12 45.80
CA LEU E 284 55.13 -32.94 46.00
C LEU E 284 55.60 -32.23 47.25
N THR E 285 55.44 -30.91 47.27
CA THR E 285 55.81 -30.14 48.45
C THR E 285 54.80 -30.54 49.53
N SER E 286 53.62 -30.96 49.09
CA SER E 286 52.56 -31.40 49.98
C SER E 286 53.12 -32.39 50.98
N ALA E 287 53.90 -33.36 50.50
CA ALA E 287 54.51 -34.35 51.37
C ALA E 287 55.72 -33.64 51.99
N GLY E 288 56.28 -34.21 53.05
CA GLY E 288 57.43 -33.58 53.68
C GLY E 288 58.72 -33.83 52.94
N ASP E 289 59.85 -33.76 53.65
CA ASP E 289 61.14 -34.01 53.04
C ASP E 289 61.42 -35.51 53.08
N LEU E 290 60.48 -36.30 52.57
CA LEU E 290 60.66 -37.74 52.56
C LEU E 290 61.96 -38.05 51.83
N PRO E 291 62.84 -38.86 52.45
CA PRO E 291 64.12 -39.24 51.85
C PRO E 291 63.93 -40.34 50.81
N LEU E 292 63.22 -40.01 49.74
CA LEU E 292 62.97 -41.00 48.70
C LEU E 292 63.42 -40.60 47.32
N ASP E 293 64.16 -41.50 46.67
CA ASP E 293 64.63 -41.30 45.31
C ASP E 293 64.10 -42.47 44.50
N LEU E 294 62.82 -42.43 44.21
CA LEU E 294 62.19 -43.48 43.45
C LEU E 294 62.24 -43.23 41.96
N SER E 295 62.58 -44.26 41.21
CA SER E 295 62.65 -44.13 39.76
C SER E 295 62.61 -45.50 39.14
N VAL E 296 62.21 -45.53 37.88
CA VAL E 296 62.14 -46.77 37.12
C VAL E 296 62.76 -46.48 35.77
N ILE E 297 63.65 -47.37 35.34
CA ILE E 297 64.32 -47.19 34.06
C ILE E 297 63.69 -48.03 32.97
N LEU E 298 63.27 -47.36 31.91
CA LEU E 298 62.69 -48.03 30.78
C LEU E 298 63.85 -48.31 29.84
N PHE E 299 64.12 -49.59 29.61
CA PHE E 299 65.21 -50.00 28.74
C PHE E 299 64.77 -50.08 27.29
N ASN E 300 65.74 -50.04 26.39
CA ASN E 300 65.44 -50.14 24.97
C ASN E 300 64.74 -51.47 24.75
N HIS E 301 63.65 -51.44 24.00
CA HIS E 301 62.85 -52.63 23.72
C HIS E 301 62.62 -52.59 22.21
N ALA E 302 62.62 -53.75 21.57
CA ALA E 302 62.45 -53.82 20.12
C ALA E 302 61.04 -54.14 19.59
N SER E 303 60.54 -53.26 18.70
CA SER E 303 59.25 -53.36 18.01
C SER E 303 57.98 -53.61 18.84
N MSE F 5 -9.33 -20.70 -100.68
CA MSE F 5 -8.88 -20.78 -99.25
C MSE F 5 -10.05 -20.77 -98.28
O MSE F 5 -10.86 -19.84 -98.26
CB MSE F 5 -7.96 -19.60 -98.94
CG MSE F 5 -6.55 -19.77 -99.47
SE MSE F 5 -5.69 -21.28 -98.64
CE MSE F 5 -5.60 -22.45 -100.18
N GLU F 6 -10.11 -21.81 -97.46
CA GLU F 6 -11.19 -21.95 -96.47
C GLU F 6 -10.81 -21.53 -95.05
N THR F 7 -11.73 -20.84 -94.39
CA THR F 7 -11.51 -20.40 -93.03
C THR F 7 -12.04 -21.47 -92.11
N THR F 8 -11.17 -22.04 -91.27
CA THR F 8 -11.60 -23.08 -90.35
C THR F 8 -12.14 -22.49 -89.06
N GLN F 9 -11.44 -21.49 -88.51
CA GLN F 9 -11.93 -20.84 -87.29
C GLN F 9 -11.51 -19.38 -87.16
N THR F 10 -12.28 -18.62 -86.41
CA THR F 10 -12.04 -17.21 -86.20
C THR F 10 -12.03 -16.88 -84.71
N LEU F 11 -11.04 -16.12 -84.30
CA LEU F 11 -10.91 -15.72 -82.91
C LEU F 11 -10.58 -14.24 -82.78
N ARG F 12 -11.56 -13.46 -82.36
CA ARG F 12 -11.36 -12.02 -82.24
C ARG F 12 -11.40 -11.64 -80.77
N PHE F 13 -10.40 -10.90 -80.31
CA PHE F 13 -10.37 -10.49 -78.90
C PHE F 13 -11.08 -9.17 -78.67
N LYS F 14 -11.42 -8.93 -77.41
CA LYS F 14 -12.10 -7.70 -77.03
C LYS F 14 -11.16 -6.51 -77.13
N THR F 15 -11.73 -5.31 -77.25
CA THR F 15 -10.93 -4.11 -77.35
C THR F 15 -9.94 -3.95 -76.20
N LYS F 16 -8.66 -3.78 -76.57
CA LYS F 16 -7.57 -3.61 -75.62
C LYS F 16 -7.42 -4.75 -74.60
N ALA F 17 -8.14 -5.85 -74.82
CA ALA F 17 -8.08 -7.00 -73.92
C ALA F 17 -6.64 -7.45 -73.70
N LEU F 18 -6.04 -8.06 -74.72
CA LEU F 18 -4.65 -8.52 -74.62
C LEU F 18 -3.69 -7.38 -74.28
N ALA F 19 -4.00 -6.17 -74.76
CA ALA F 19 -3.15 -5.02 -74.54
C ALA F 19 -2.75 -4.85 -73.09
N VAL F 20 -3.69 -5.16 -72.20
CA VAL F 20 -3.47 -5.02 -70.77
C VAL F 20 -2.44 -6.01 -70.21
N LEU F 21 -2.04 -6.98 -71.02
CA LEU F 21 -1.06 -7.98 -70.58
C LEU F 21 0.35 -7.66 -71.03
N SER F 22 0.49 -6.65 -71.87
CA SER F 22 1.77 -6.25 -72.41
C SER F 22 2.94 -6.32 -71.42
N LYS F 23 2.74 -5.86 -70.19
CA LYS F 23 3.82 -5.88 -69.21
C LYS F 23 4.11 -7.28 -68.69
N CYS F 24 3.07 -8.11 -68.61
CA CYS F 24 3.26 -9.49 -68.16
C CYS F 24 4.05 -10.22 -69.22
N TYR F 25 3.68 -10.02 -70.49
CA TYR F 25 4.40 -10.65 -71.57
C TYR F 25 5.85 -10.22 -71.50
N ASP F 26 6.07 -8.91 -71.49
CA ASP F 26 7.44 -8.40 -71.41
C ASP F 26 8.22 -9.08 -70.31
N HIS F 27 7.56 -9.40 -69.20
CA HIS F 27 8.22 -10.06 -68.08
C HIS F 27 8.68 -11.46 -68.47
N ALA F 28 7.79 -12.22 -69.11
CA ALA F 28 8.08 -13.58 -69.54
C ALA F 28 8.87 -13.57 -70.85
N GLN F 29 8.69 -12.51 -71.62
CA GLN F 29 9.33 -12.27 -72.92
C GLN F 29 10.46 -13.19 -73.36
N THR F 30 11.60 -13.11 -72.67
CA THR F 30 12.74 -13.94 -73.02
C THR F 30 12.37 -15.41 -73.19
N HIS F 31 11.89 -16.04 -72.12
CA HIS F 31 11.50 -17.44 -72.19
C HIS F 31 10.57 -17.79 -73.33
N LEU F 32 9.56 -16.96 -73.54
CA LEU F 32 8.59 -17.23 -74.58
C LEU F 32 9.07 -17.07 -76.01
N LYS F 33 10.10 -16.26 -76.22
CA LYS F 33 10.61 -16.01 -77.55
C LYS F 33 10.79 -17.24 -78.43
N GLY F 34 11.46 -18.25 -77.90
CA GLY F 34 11.71 -19.45 -78.68
C GLY F 34 10.63 -20.52 -78.60
N GLY F 35 9.45 -20.12 -78.12
CA GLY F 35 8.37 -21.08 -78.00
C GLY F 35 7.38 -21.13 -79.13
N VAL F 36 6.16 -21.46 -78.76
CA VAL F 36 5.05 -21.60 -79.70
C VAL F 36 3.82 -20.83 -79.24
N LEU F 37 3.01 -20.37 -80.18
CA LEU F 37 1.76 -19.71 -79.83
C LEU F 37 0.73 -20.70 -80.31
N GLN F 38 -0.23 -21.06 -79.46
CA GLN F 38 -1.25 -22.01 -79.89
C GLN F 38 -2.60 -21.70 -79.29
N VAL F 39 -3.64 -22.10 -80.00
CA VAL F 39 -5.00 -21.90 -79.53
C VAL F 39 -5.57 -23.27 -79.13
N ASN F 40 -6.02 -23.36 -77.88
CA ASN F 40 -6.59 -24.57 -77.31
C ASN F 40 -8.06 -24.60 -77.69
N LEU F 41 -8.47 -25.55 -78.52
CA LEU F 41 -9.87 -25.64 -78.90
C LEU F 41 -10.65 -26.46 -77.87
N LEU F 42 -9.98 -27.43 -77.24
CA LEU F 42 -10.61 -28.28 -76.24
C LEU F 42 -11.18 -27.45 -75.10
N SER F 43 -10.50 -26.36 -74.79
CA SER F 43 -10.91 -25.46 -73.71
C SER F 43 -12.25 -24.79 -73.99
N VAL F 44 -12.76 -24.94 -75.22
CA VAL F 44 -14.05 -24.36 -75.59
C VAL F 44 -15.09 -24.93 -74.64
N ASN F 45 -14.83 -26.13 -74.15
CA ASN F 45 -15.72 -26.80 -73.21
C ASN F 45 -15.63 -26.10 -71.86
N TYR F 46 -14.54 -26.31 -71.14
CA TYR F 46 -14.36 -25.68 -69.84
C TYR F 46 -14.02 -24.19 -69.95
N GLY F 47 -14.86 -23.46 -70.66
CA GLY F 47 -14.65 -22.04 -70.85
C GLY F 47 -14.77 -21.69 -72.33
N GLY F 48 -13.80 -20.94 -72.84
CA GLY F 48 -13.82 -20.58 -74.24
C GLY F 48 -12.50 -20.95 -74.86
N PRO F 49 -12.17 -20.42 -76.06
CA PRO F 49 -10.92 -20.71 -76.76
C PRO F 49 -9.77 -20.17 -75.92
N ARG F 50 -8.63 -20.85 -75.96
CA ARG F 50 -7.48 -20.42 -75.18
C ARG F 50 -6.20 -20.17 -75.97
N LEU F 51 -5.88 -18.90 -76.19
CA LEU F 51 -4.66 -18.57 -76.89
C LEU F 51 -3.55 -18.57 -75.86
N ALA F 52 -2.41 -19.17 -76.19
CA ALA F 52 -1.29 -19.22 -75.25
C ALA F 52 0.09 -19.27 -75.89
N ALA F 53 1.08 -18.83 -75.13
CA ALA F 53 2.44 -18.84 -75.58
C ALA F 53 3.12 -19.92 -74.75
N VAL F 54 3.52 -21.00 -75.39
CA VAL F 54 4.15 -22.15 -74.75
C VAL F 54 5.66 -22.21 -75.00
N ALA F 55 6.43 -22.52 -73.96
CA ALA F 55 7.88 -22.61 -74.11
C ALA F 55 8.50 -23.46 -73.01
N ASN F 56 9.81 -23.72 -73.13
CA ASN F 56 10.53 -24.51 -72.13
C ASN F 56 11.09 -23.64 -71.04
N ALA F 57 11.23 -24.21 -69.86
CA ALA F 57 11.80 -23.51 -68.72
C ALA F 57 12.71 -24.50 -68.03
N GLY F 58 14.01 -24.23 -68.11
CA GLY F 58 15.00 -25.10 -67.49
C GLY F 58 15.11 -26.48 -68.11
N THR F 59 15.54 -27.44 -67.31
CA THR F 59 15.69 -28.81 -67.79
C THR F 59 14.34 -29.48 -67.99
N ALA F 60 13.46 -29.38 -67.00
CA ALA F 60 12.16 -30.00 -67.15
C ALA F 60 11.01 -29.07 -66.77
N GLY F 61 10.73 -28.09 -67.62
CA GLY F 61 9.67 -27.15 -67.34
C GLY F 61 8.91 -26.67 -68.57
N LEU F 62 7.61 -26.49 -68.41
CA LEU F 62 6.78 -26.04 -69.51
C LEU F 62 5.99 -24.81 -69.09
N ILE F 63 6.27 -23.68 -69.74
CA ILE F 63 5.60 -22.42 -69.48
C ILE F 63 4.34 -22.32 -70.31
N SER F 64 3.26 -21.88 -69.69
CA SER F 64 2.00 -21.68 -70.39
C SER F 64 1.51 -20.29 -70.00
N PHE F 65 1.66 -19.37 -70.93
CA PHE F 65 1.25 -17.99 -70.75
C PHE F 65 -0.03 -17.91 -71.54
N GLU F 66 -1.18 -17.92 -70.88
CA GLU F 66 -2.41 -17.85 -71.64
C GLU F 66 -3.46 -16.87 -71.16
N VAL F 67 -4.29 -16.43 -72.11
CA VAL F 67 -5.34 -15.49 -71.83
C VAL F 67 -6.68 -16.18 -71.59
N SER F 68 -7.35 -15.76 -70.53
CA SER F 68 -8.65 -16.31 -70.17
C SER F 68 -9.67 -16.01 -71.24
N PRO F 69 -10.63 -16.92 -71.45
CA PRO F 69 -11.69 -16.79 -72.44
C PRO F 69 -12.52 -15.51 -72.29
N ASP F 70 -12.53 -14.92 -71.10
CA ASP F 70 -13.30 -13.68 -70.89
C ASP F 70 -12.75 -12.54 -71.77
N ALA F 71 -11.55 -12.75 -72.30
CA ALA F 71 -10.91 -11.75 -73.14
C ALA F 71 -11.35 -11.83 -74.60
N VAL F 72 -11.86 -12.99 -75.02
CA VAL F 72 -12.24 -13.12 -76.42
C VAL F 72 -13.61 -12.50 -76.66
N ALA F 73 -13.69 -11.75 -77.76
CA ALA F 73 -14.91 -11.07 -78.15
C ALA F 73 -15.75 -11.97 -79.03
N GLU F 74 -15.10 -12.82 -79.81
CA GLU F 74 -15.85 -13.72 -80.68
C GLU F 74 -15.07 -14.92 -81.20
N TRP F 75 -15.64 -16.10 -80.98
CA TRP F 75 -15.04 -17.34 -81.44
C TRP F 75 -16.02 -18.00 -82.40
N GLN F 76 -15.49 -18.47 -83.52
CA GLN F 76 -16.30 -19.14 -84.52
C GLN F 76 -15.52 -20.31 -85.09
N ASN F 77 -16.15 -21.48 -85.07
CA ASN F 77 -15.54 -22.70 -85.57
C ASN F 77 -16.39 -23.20 -86.73
N HIS F 78 -15.77 -23.31 -87.89
CA HIS F 78 -16.48 -23.74 -89.07
C HIS F 78 -16.20 -25.19 -89.41
N GLN F 79 -15.38 -25.83 -88.57
CA GLN F 79 -15.07 -27.23 -88.76
C GLN F 79 -16.00 -28.01 -87.86
N SER F 80 -16.18 -29.30 -88.16
CA SER F 80 -17.04 -30.16 -87.37
C SER F 80 -16.25 -30.66 -86.17
N PRO F 81 -16.92 -31.30 -85.21
CA PRO F 81 -16.24 -31.80 -84.01
C PRO F 81 -15.28 -32.92 -84.41
N GLU F 82 -15.64 -33.59 -85.49
CA GLU F 82 -14.87 -34.72 -86.01
C GLU F 82 -13.74 -34.25 -86.93
N GLU F 83 -13.59 -32.94 -87.06
CA GLU F 83 -12.55 -32.34 -87.90
C GLU F 83 -11.62 -31.48 -87.04
N ALA F 84 -12.23 -30.52 -86.37
CA ALA F 84 -11.54 -29.57 -85.50
C ALA F 84 -10.48 -30.25 -84.67
N PRO F 85 -9.23 -29.76 -84.75
CA PRO F 85 -8.14 -30.34 -83.97
C PRO F 85 -8.26 -29.88 -82.52
N ALA F 86 -7.48 -30.50 -81.63
CA ALA F 86 -7.52 -30.12 -80.23
C ALA F 86 -6.80 -28.78 -80.07
N ALA F 87 -5.88 -28.48 -80.99
CA ALA F 87 -5.13 -27.24 -80.95
C ALA F 87 -4.34 -26.94 -82.23
N VAL F 88 -4.24 -25.65 -82.55
CA VAL F 88 -3.47 -25.18 -83.71
C VAL F 88 -2.23 -24.50 -83.14
N SER F 89 -1.08 -24.64 -83.79
CA SER F 89 0.13 -24.04 -83.26
C SER F 89 1.02 -23.44 -84.35
N PHE F 90 1.70 -22.36 -84.01
CA PHE F 90 2.62 -21.71 -84.95
C PHE F 90 3.76 -21.10 -84.16
N ARG F 91 4.96 -21.19 -84.71
CA ARG F 91 6.15 -20.68 -84.04
C ARG F 91 6.00 -19.22 -83.64
N ASN F 92 6.30 -18.92 -82.38
CA ASN F 92 6.19 -17.54 -81.87
C ASN F 92 7.12 -16.62 -82.66
N LEU F 93 8.31 -17.12 -82.96
CA LEU F 93 9.27 -16.37 -83.76
C LEU F 93 8.88 -16.69 -85.18
N ALA F 94 8.23 -15.72 -85.84
CA ALA F 94 7.76 -15.90 -87.21
C ALA F 94 8.83 -16.31 -88.19
N TYR F 95 8.46 -17.12 -89.18
CA TYR F 95 9.41 -17.59 -90.16
C TYR F 95 10.22 -16.47 -90.74
N GLY F 96 11.54 -16.64 -90.72
CA GLY F 96 12.44 -15.65 -91.28
C GLY F 96 12.34 -14.30 -90.62
N ARG F 97 11.12 -13.89 -90.30
CA ARG F 97 10.87 -12.61 -89.67
C ARG F 97 11.82 -12.36 -88.51
N THR F 98 11.97 -11.08 -88.19
CA THR F 98 12.87 -10.65 -87.13
C THR F 98 12.11 -10.18 -85.91
N CYS F 99 10.82 -10.46 -85.87
CA CYS F 99 10.03 -10.06 -84.72
C CYS F 99 9.29 -11.27 -84.17
N VAL F 100 8.94 -11.19 -82.90
CA VAL F 100 8.20 -12.26 -82.25
C VAL F 100 6.73 -11.86 -82.27
N LEU F 101 5.88 -12.76 -82.74
CA LEU F 101 4.47 -12.48 -82.84
C LEU F 101 3.86 -12.15 -81.48
N GLY F 102 4.24 -12.89 -80.46
CA GLY F 102 3.72 -12.66 -79.13
C GLY F 102 4.00 -11.25 -78.64
N LYS F 103 5.19 -10.74 -78.91
CA LYS F 103 5.52 -9.40 -78.48
C LYS F 103 4.55 -8.42 -79.15
N GLU F 104 4.33 -8.59 -80.46
CA GLU F 104 3.43 -7.73 -81.21
C GLU F 104 1.99 -7.91 -80.74
N LEU F 105 1.59 -9.17 -80.53
CA LEU F 105 0.23 -9.53 -80.09
C LEU F 105 -0.17 -8.92 -78.76
N PHE F 106 0.73 -8.90 -77.80
CA PHE F 106 0.41 -8.34 -76.51
C PHE F 106 0.88 -6.89 -76.37
N GLY F 107 0.94 -6.19 -77.50
CA GLY F 107 1.37 -4.81 -77.50
C GLY F 107 0.39 -3.92 -76.77
N SER F 108 0.91 -3.04 -75.92
CA SER F 108 0.06 -2.14 -75.15
C SER F 108 -0.77 -1.21 -76.01
N ALA F 109 -0.29 -0.93 -77.22
CA ALA F 109 -1.00 -0.02 -78.13
C ALA F 109 -1.98 -0.70 -79.09
N VAL F 110 -2.19 -2.00 -78.93
CA VAL F 110 -3.09 -2.72 -79.82
C VAL F 110 -4.56 -2.59 -79.43
N GLU F 111 -5.33 -1.99 -80.33
CA GLU F 111 -6.75 -1.76 -80.15
C GLU F 111 -7.53 -3.07 -80.31
N GLN F 112 -7.34 -3.74 -81.43
CA GLN F 112 -8.04 -4.98 -81.70
C GLN F 112 -7.10 -6.03 -82.25
N ALA F 113 -7.11 -7.21 -81.63
CA ALA F 113 -6.27 -8.32 -82.08
C ALA F 113 -7.23 -9.44 -82.50
N SER F 114 -6.82 -10.22 -83.49
CA SER F 114 -7.65 -11.32 -83.97
C SER F 114 -6.85 -12.32 -84.77
N LEU F 115 -7.26 -13.57 -84.69
CA LEU F 115 -6.59 -14.63 -85.42
C LEU F 115 -7.56 -15.40 -86.29
N GLN F 116 -7.07 -15.75 -87.49
CA GLN F 116 -7.84 -16.50 -88.48
C GLN F 116 -7.04 -17.73 -88.92
N PHE F 117 -7.71 -18.88 -88.99
CA PHE F 117 -7.04 -20.10 -89.41
C PHE F 117 -7.64 -20.61 -90.71
N TYR F 118 -6.77 -20.98 -91.66
CA TYR F 118 -7.19 -21.45 -92.97
C TYR F 118 -6.62 -22.80 -93.35
N LYS F 119 -7.14 -23.35 -94.45
CA LYS F 119 -6.70 -24.64 -95.00
C LYS F 119 -7.10 -24.66 -96.47
N ARG F 120 -6.24 -25.24 -97.31
CA ARG F 120 -6.53 -25.32 -98.73
C ARG F 120 -7.85 -26.04 -98.93
N PRO F 121 -8.75 -25.44 -99.73
CA PRO F 121 -10.09 -25.93 -100.08
C PRO F 121 -10.22 -27.42 -100.29
N GLN F 122 -9.32 -28.01 -101.04
CA GLN F 122 -9.38 -29.44 -101.31
C GLN F 122 -8.76 -30.27 -100.19
N GLY F 123 -8.23 -31.44 -100.55
CA GLY F 123 -7.62 -32.33 -99.57
C GLY F 123 -6.91 -31.67 -98.41
N GLY F 124 -7.34 -31.98 -97.18
CA GLY F 124 -6.72 -31.40 -96.02
C GLY F 124 -7.68 -31.25 -94.86
N SER F 125 -7.67 -32.25 -93.99
CA SER F 125 -8.54 -32.27 -92.81
C SER F 125 -8.31 -31.11 -91.83
N ARG F 126 -7.06 -30.90 -91.44
CA ARG F 126 -6.73 -29.85 -90.48
C ARG F 126 -6.31 -28.52 -91.12
N PRO F 127 -6.40 -27.42 -90.34
CA PRO F 127 -6.03 -26.08 -90.82
C PRO F 127 -4.53 -26.06 -91.13
N GLU F 128 -4.12 -25.18 -92.04
CA GLU F 128 -2.73 -25.11 -92.45
C GLU F 128 -2.03 -23.77 -92.21
N PHE F 129 -2.80 -22.68 -92.20
CA PHE F 129 -2.24 -21.35 -92.01
C PHE F 129 -3.03 -20.50 -91.03
N VAL F 130 -2.40 -19.42 -90.59
CA VAL F 130 -3.06 -18.49 -89.69
C VAL F 130 -2.71 -17.07 -90.11
N LYS F 131 -3.64 -16.15 -89.91
CA LYS F 131 -3.41 -14.76 -90.24
C LYS F 131 -3.73 -13.87 -89.03
N LEU F 132 -2.68 -13.46 -88.33
CA LEU F 132 -2.84 -12.61 -87.16
C LEU F 132 -2.99 -11.17 -87.61
N THR F 133 -3.85 -10.44 -86.92
CA THR F 133 -4.10 -9.05 -87.25
C THR F 133 -4.10 -8.15 -86.02
N MSE F 134 -3.37 -7.04 -86.08
CA MSE F 134 -3.32 -6.07 -84.98
C MSE F 134 -3.72 -4.68 -85.46
O MSE F 134 -3.07 -4.11 -86.33
CB MSE F 134 -1.93 -5.99 -84.36
CG MSE F 134 -1.48 -7.23 -83.61
SE MSE F 134 -1.03 -8.65 -84.80
CE MSE F 134 0.74 -9.05 -84.13
N GLU F 135 -4.79 -4.14 -84.89
CA GLU F 135 -5.24 -2.80 -85.23
C GLU F 135 -4.83 -1.91 -84.06
N TYR F 136 -4.24 -0.76 -84.36
CA TYR F 136 -3.76 0.13 -83.32
C TYR F 136 -4.59 1.32 -82.87
N ASP F 137 -4.14 1.91 -81.77
CA ASP F 137 -4.72 3.10 -81.12
C ASP F 137 -4.97 4.24 -82.08
N ASP F 138 -3.91 4.66 -82.75
CA ASP F 138 -3.98 5.77 -83.69
C ASP F 138 -5.10 5.61 -84.72
N LYS F 139 -5.81 4.50 -84.66
CA LYS F 139 -6.90 4.24 -85.57
C LYS F 139 -6.41 4.33 -86.99
N VAL F 140 -5.11 4.17 -87.17
CA VAL F 140 -4.51 4.26 -88.49
C VAL F 140 -3.59 3.09 -88.81
N SER F 141 -2.74 2.74 -87.84
CA SER F 141 -1.78 1.66 -88.01
C SER F 141 -2.38 0.29 -87.79
N LYS F 142 -1.93 -0.69 -88.56
CA LYS F 142 -2.41 -2.05 -88.39
C LYS F 142 -1.49 -3.04 -89.09
N SER F 143 -1.33 -4.21 -88.50
CA SER F 143 -0.48 -5.24 -89.08
C SER F 143 -1.24 -6.53 -89.34
N HIS F 144 -0.76 -7.26 -90.35
CA HIS F 144 -1.34 -8.52 -90.74
C HIS F 144 -0.18 -9.48 -90.92
N HIS F 145 -0.17 -10.56 -90.16
CA HIS F 145 0.89 -11.56 -90.26
C HIS F 145 0.30 -12.88 -90.72
N THR F 146 0.90 -13.44 -91.76
CA THR F 146 0.45 -14.72 -92.30
C THR F 146 1.55 -15.75 -92.06
N CYS F 147 1.20 -16.86 -91.42
CA CYS F 147 2.19 -17.91 -91.15
C CYS F 147 1.61 -19.29 -91.40
N ALA F 148 2.52 -20.26 -91.39
CA ALA F 148 2.15 -21.65 -91.59
C ALA F 148 2.02 -22.27 -90.22
N LEU F 149 0.94 -23.03 -90.00
CA LEU F 149 0.77 -23.69 -88.71
C LEU F 149 1.83 -24.79 -88.63
N MSE F 150 2.06 -25.31 -87.43
CA MSE F 150 3.06 -26.34 -87.26
C MSE F 150 2.44 -27.73 -87.20
O MSE F 150 1.22 -27.85 -87.02
CB MSE F 150 3.81 -26.14 -85.95
CG MSE F 150 4.46 -24.81 -85.77
SE MSE F 150 5.33 -24.84 -84.07
CE MSE F 150 6.96 -25.73 -84.60
N PRO F 151 3.26 -28.77 -87.36
CA PRO F 151 2.76 -30.14 -87.31
C PRO F 151 1.93 -30.15 -86.04
N TYR F 152 0.69 -30.61 -86.12
CA TYR F 152 -0.14 -30.57 -84.95
C TYR F 152 0.39 -31.24 -83.70
N MSE F 153 0.42 -30.45 -82.62
CA MSE F 153 0.86 -30.90 -81.32
C MSE F 153 -0.27 -30.58 -80.33
O MSE F 153 -1.06 -29.65 -80.54
CB MSE F 153 2.15 -30.20 -80.90
CG MSE F 153 2.10 -28.69 -80.98
SE MSE F 153 3.73 -27.93 -80.29
CE MSE F 153 4.93 -28.50 -81.71
N PRO F 154 -0.35 -31.33 -79.24
CA PRO F 154 -1.37 -31.17 -78.20
C PRO F 154 -1.48 -29.77 -77.61
N PRO F 155 -2.59 -29.51 -76.90
CA PRO F 155 -2.76 -28.20 -76.28
C PRO F 155 -2.04 -28.23 -74.93
N ALA F 156 -0.82 -27.69 -74.89
CA ALA F 156 -0.06 -27.67 -73.65
C ALA F 156 -0.89 -27.23 -72.45
N SER F 157 -1.85 -26.33 -72.69
CA SER F 157 -2.70 -25.81 -71.61
C SER F 157 -3.87 -26.73 -71.29
N ASP F 158 -3.65 -28.03 -71.41
CA ASP F 158 -4.68 -29.02 -71.12
C ASP F 158 -4.03 -30.14 -70.30
N ARG F 159 -2.70 -30.16 -70.32
CA ARG F 159 -1.89 -31.15 -69.63
C ARG F 159 -2.37 -31.49 -68.21
N LEU F 160 -2.74 -30.47 -67.43
CA LEU F 160 -3.19 -30.68 -66.05
C LEU F 160 -4.69 -30.93 -65.86
N ARG F 161 -5.38 -31.37 -66.90
CA ARG F 161 -6.83 -31.60 -66.77
C ARG F 161 -7.19 -32.83 -65.96
N ASN F 162 -6.36 -33.87 -66.06
CA ASN F 162 -6.60 -35.11 -65.32
C ASN F 162 -5.56 -35.37 -64.26
N GLU F 163 -5.24 -34.33 -63.50
CA GLU F 163 -4.28 -34.41 -62.41
C GLU F 163 -5.08 -34.10 -61.14
N GLN F 164 -4.65 -34.67 -60.03
CA GLN F 164 -5.34 -34.42 -58.77
C GLN F 164 -4.42 -33.60 -57.90
N MSE F 165 -4.88 -32.40 -57.58
CA MSE F 165 -4.11 -31.48 -56.76
C MSE F 165 -4.24 -31.91 -55.31
O MSE F 165 -5.35 -32.09 -54.82
CB MSE F 165 -4.66 -30.07 -56.97
CG MSE F 165 -3.84 -28.95 -56.36
SE MSE F 165 -4.47 -27.23 -56.98
CE MSE F 165 -6.33 -27.36 -56.43
N ILE F 166 -3.12 -32.10 -54.64
CA ILE F 166 -3.14 -32.52 -53.24
C ILE F 166 -2.66 -31.41 -52.31
N GLY F 167 -2.60 -30.20 -52.86
CA GLY F 167 -2.19 -29.07 -52.06
C GLY F 167 -1.58 -27.94 -52.85
N GLN F 168 -1.69 -26.73 -52.32
CA GLN F 168 -1.08 -25.57 -52.96
C GLN F 168 -0.74 -24.50 -51.94
N VAL F 169 0.51 -24.04 -51.97
CA VAL F 169 0.97 -23.03 -51.04
C VAL F 169 1.31 -21.75 -51.77
N LEU F 170 0.78 -20.64 -51.24
CA LEU F 170 1.00 -19.32 -51.81
C LEU F 170 2.28 -18.79 -51.21
N LEU F 171 3.20 -18.35 -52.06
CA LEU F 171 4.45 -17.82 -51.56
C LEU F 171 4.48 -16.30 -51.57
N MSE F 172 4.68 -15.74 -50.39
CA MSE F 172 4.79 -14.31 -50.18
C MSE F 172 6.06 -13.87 -50.92
O MSE F 172 7.00 -14.65 -51.05
CB MSE F 172 4.89 -14.10 -48.68
CG MSE F 172 5.45 -12.83 -48.20
SE MSE F 172 5.46 -13.04 -46.28
CE MSE F 172 7.00 -14.20 -46.08
N PRO F 173 6.11 -12.63 -51.41
CA PRO F 173 7.27 -12.10 -52.16
C PRO F 173 8.69 -12.35 -51.63
N LYS F 174 8.91 -12.24 -50.32
CA LYS F 174 10.25 -12.49 -49.80
C LYS F 174 10.55 -13.98 -49.81
N THR F 175 9.58 -14.79 -49.37
CA THR F 175 9.76 -16.23 -49.35
C THR F 175 10.04 -16.74 -50.75
N ALA F 176 9.31 -16.19 -51.73
CA ALA F 176 9.46 -16.58 -53.11
C ALA F 176 10.85 -16.27 -53.69
N SER F 177 11.43 -15.13 -53.33
CA SER F 177 12.75 -14.84 -53.86
C SER F 177 13.79 -15.68 -53.12
N SER F 178 13.52 -15.96 -51.85
CA SER F 178 14.43 -16.77 -51.05
C SER F 178 14.56 -18.16 -51.68
N LEU F 179 13.42 -18.76 -52.01
CA LEU F 179 13.40 -20.07 -52.64
C LEU F 179 14.13 -20.00 -53.98
N GLN F 180 13.79 -19.01 -54.79
CA GLN F 180 14.40 -18.86 -56.10
C GLN F 180 15.91 -18.74 -56.03
N LYS F 181 16.38 -17.98 -55.05
CA LYS F 181 17.81 -17.78 -54.84
C LYS F 181 18.45 -19.13 -54.57
N TRP F 182 17.84 -19.88 -53.65
CA TRP F 182 18.32 -21.20 -53.28
C TRP F 182 18.38 -22.13 -54.49
N ALA F 183 17.27 -22.26 -55.21
CA ALA F 183 17.21 -23.13 -56.38
C ALA F 183 18.33 -22.81 -57.36
N ARG F 184 18.57 -21.52 -57.59
CA ARG F 184 19.63 -21.09 -58.51
C ARG F 184 20.99 -21.54 -57.99
N GLN F 185 21.15 -21.55 -56.68
CA GLN F 185 22.40 -21.97 -56.06
C GLN F 185 22.55 -23.49 -56.05
N GLN F 186 21.69 -24.21 -56.78
CA GLN F 186 21.82 -25.65 -56.82
C GLN F 186 22.09 -26.03 -58.26
N GLY F 187 22.33 -25.01 -59.07
CA GLY F 187 22.63 -25.20 -60.49
C GLY F 187 21.90 -26.29 -61.25
N SER F 188 22.66 -27.25 -61.74
CA SER F 188 22.10 -28.34 -62.52
C SER F 188 21.45 -29.41 -61.63
N GLY F 189 21.66 -29.25 -60.32
CA GLY F 189 21.10 -30.19 -59.37
C GLY F 189 19.60 -30.38 -59.47
N GLY F 190 19.11 -31.42 -58.79
CA GLY F 190 17.70 -31.71 -58.78
C GLY F 190 17.22 -31.36 -57.38
N VAL F 191 15.92 -31.12 -57.24
CA VAL F 191 15.38 -30.75 -55.94
C VAL F 191 14.22 -31.65 -55.52
N LYS F 192 14.24 -32.07 -54.26
CA LYS F 192 13.17 -32.90 -53.71
C LYS F 192 12.25 -32.06 -52.85
N VAL F 193 11.12 -31.69 -53.44
CA VAL F 193 10.11 -30.89 -52.74
C VAL F 193 9.27 -31.84 -51.89
N THR F 194 9.07 -31.49 -50.62
CA THR F 194 8.29 -32.35 -49.73
C THR F 194 7.18 -31.58 -49.00
N LEU F 195 5.98 -32.16 -49.02
CA LEU F 195 4.83 -31.57 -48.36
C LEU F 195 4.70 -32.24 -47.00
N ASN F 196 4.64 -31.43 -45.94
CA ASN F 196 4.51 -31.94 -44.58
C ASN F 196 3.29 -31.34 -43.93
N PRO F 197 2.10 -31.86 -44.26
CA PRO F 197 0.83 -31.38 -43.71
C PRO F 197 0.85 -31.09 -42.21
N ASP F 198 1.48 -32.00 -41.46
CA ASP F 198 1.55 -31.88 -40.01
C ASP F 198 2.56 -30.89 -39.46
N LEU F 199 3.58 -30.56 -40.24
CA LEU F 199 4.60 -29.62 -39.77
C LEU F 199 4.38 -28.21 -40.31
N TYR F 200 3.53 -28.08 -41.34
CA TYR F 200 3.23 -26.78 -41.92
C TYR F 200 4.39 -26.16 -42.68
N VAL F 201 5.21 -27.00 -43.31
CA VAL F 201 6.34 -26.51 -44.08
C VAL F 201 6.53 -27.27 -45.37
N THR F 202 7.18 -26.63 -46.32
CA THR F 202 7.51 -27.29 -47.57
C THR F 202 8.99 -27.49 -47.40
N THR F 203 9.51 -28.61 -47.89
CA THR F 203 10.91 -28.92 -47.73
C THR F 203 11.56 -29.07 -49.10
N TYR F 204 12.73 -28.47 -49.25
CA TYR F 204 13.44 -28.53 -50.51
C TYR F 204 14.85 -29.06 -50.28
N THR F 205 15.25 -30.02 -51.10
CA THR F 205 16.57 -30.61 -50.97
C THR F 205 17.32 -30.76 -52.27
N SER F 206 18.64 -30.66 -52.17
CA SER F 206 19.54 -30.80 -53.31
C SER F 206 20.92 -31.11 -52.76
N GLY F 207 21.19 -32.40 -52.60
CA GLY F 207 22.47 -32.80 -52.06
C GLY F 207 22.42 -32.71 -50.56
N GLU F 208 23.40 -32.04 -49.97
CA GLU F 208 23.45 -31.89 -48.52
C GLU F 208 22.75 -30.59 -48.14
N ALA F 209 22.48 -29.76 -49.16
CA ALA F 209 21.83 -28.48 -48.97
C ALA F 209 20.31 -28.58 -49.05
N CYS F 210 19.64 -27.85 -48.17
CA CYS F 210 18.18 -27.86 -48.16
C CYS F 210 17.64 -26.48 -47.80
N LEU F 211 16.32 -26.41 -47.67
CA LEU F 211 15.63 -25.17 -47.34
C LEU F 211 14.22 -25.56 -46.92
N THR F 212 13.72 -24.97 -45.84
CA THR F 212 12.37 -25.27 -45.40
C THR F 212 11.61 -23.96 -45.28
N LEU F 213 10.37 -23.94 -45.79
CA LEU F 213 9.56 -22.74 -45.74
C LEU F 213 8.27 -22.98 -45.00
N ASP F 214 7.96 -22.10 -44.05
CA ASP F 214 6.73 -22.24 -43.27
C ASP F 214 5.55 -21.62 -43.99
N TYR F 215 4.35 -22.07 -43.64
CA TYR F 215 3.13 -21.54 -44.21
C TYR F 215 2.01 -21.64 -43.19
N LYS F 216 1.06 -20.70 -43.21
CA LYS F 216 -0.06 -20.74 -42.29
C LYS F 216 -1.02 -21.76 -42.88
N PRO F 217 -1.40 -22.77 -42.09
CA PRO F 217 -2.32 -23.81 -42.56
C PRO F 217 -3.73 -23.29 -42.79
N LEU F 218 -4.49 -23.99 -43.62
CA LEU F 218 -5.88 -23.65 -43.87
C LEU F 218 -6.59 -25.00 -43.73
N SER F 219 -7.85 -25.01 -43.30
CA SER F 219 -8.58 -26.27 -43.16
C SER F 219 -9.16 -26.72 -44.49
N VAL F 220 -9.42 -25.75 -45.36
CA VAL F 220 -9.99 -26.03 -46.67
C VAL F 220 -9.16 -26.97 -47.52
N GLY F 221 -9.79 -27.52 -48.55
CA GLY F 221 -9.08 -28.43 -49.44
C GLY F 221 -8.28 -27.60 -50.39
N PRO F 222 -7.36 -28.21 -51.15
CA PRO F 222 -6.52 -27.49 -52.11
C PRO F 222 -7.35 -26.72 -53.13
N TYR F 223 -8.43 -27.33 -53.61
CA TYR F 223 -9.28 -26.69 -54.61
C TYR F 223 -10.14 -25.59 -54.01
N GLU F 224 -10.08 -25.45 -52.70
CA GLU F 224 -10.90 -24.43 -52.07
C GLU F 224 -10.22 -23.09 -51.82
N ALA F 225 -8.91 -23.02 -52.04
CA ALA F 225 -8.21 -21.77 -51.80
C ALA F 225 -7.65 -21.18 -53.07
N PHE F 226 -7.27 -19.91 -52.99
CA PHE F 226 -6.70 -19.17 -54.12
C PHE F 226 -7.50 -19.34 -55.40
N THR F 227 -8.82 -19.32 -55.26
CA THR F 227 -9.68 -19.44 -56.42
C THR F 227 -10.03 -18.07 -57.02
N GLY F 228 -9.38 -17.02 -56.53
CA GLY F 228 -9.64 -15.67 -57.03
C GLY F 228 -8.43 -14.78 -56.83
N PRO F 229 -8.58 -13.45 -56.89
CA PRO F 229 -7.41 -12.58 -56.71
C PRO F 229 -6.79 -12.93 -55.36
N VAL F 230 -5.46 -12.90 -55.30
CA VAL F 230 -4.78 -13.23 -54.06
C VAL F 230 -4.10 -12.06 -53.40
N ALA F 231 -3.48 -12.31 -52.24
CA ALA F 231 -2.78 -11.28 -51.47
C ALA F 231 -1.37 -11.73 -51.11
N LYS F 232 -0.38 -10.91 -51.48
CA LYS F 232 1.01 -11.24 -51.21
C LYS F 232 1.33 -11.20 -49.72
N ALA F 233 0.42 -10.62 -48.96
CA ALA F 233 0.58 -10.48 -47.51
C ALA F 233 1.28 -11.63 -46.77
N GLN F 234 0.88 -12.87 -47.01
CA GLN F 234 1.50 -13.95 -46.25
C GLN F 234 1.65 -15.31 -46.94
N ASP F 235 2.48 -16.17 -46.36
CA ASP F 235 2.68 -17.51 -46.89
C ASP F 235 1.53 -18.34 -46.37
N VAL F 236 0.65 -18.78 -47.26
CA VAL F 236 -0.49 -19.58 -46.84
C VAL F 236 -0.58 -20.86 -47.66
N GLY F 237 -0.88 -21.97 -46.98
CA GLY F 237 -0.97 -23.23 -47.70
C GLY F 237 -2.14 -24.12 -47.34
N ALA F 238 -2.72 -24.74 -48.38
CA ALA F 238 -3.83 -25.67 -48.22
C ALA F 238 -3.28 -27.00 -48.70
N VAL F 239 -2.65 -27.72 -47.79
CA VAL F 239 -2.04 -29.00 -48.10
C VAL F 239 -2.86 -30.12 -47.48
N GLU F 240 -3.08 -31.19 -48.23
CA GLU F 240 -3.85 -32.28 -47.67
C GLU F 240 -3.05 -33.58 -47.55
N ALA F 241 -1.86 -33.64 -48.13
CA ALA F 241 -1.10 -34.88 -48.09
C ALA F 241 0.41 -34.75 -48.13
N HIS F 242 1.08 -35.85 -47.77
CA HIS F 242 2.53 -35.93 -47.79
C HIS F 242 2.91 -36.41 -49.18
N VAL F 243 3.94 -35.81 -49.77
CA VAL F 243 4.42 -36.25 -51.08
C VAL F 243 5.82 -35.76 -51.24
N VAL F 244 6.55 -36.46 -52.10
CA VAL F 244 7.91 -36.08 -52.39
C VAL F 244 7.97 -35.93 -53.89
N CYS F 245 8.15 -34.70 -54.35
CA CYS F 245 8.22 -34.45 -55.78
C CYS F 245 9.68 -34.20 -56.10
N SER F 246 10.09 -34.48 -57.32
CA SER F 246 11.46 -34.23 -57.70
C SER F 246 11.44 -33.43 -58.99
N VAL F 247 12.00 -32.22 -58.95
CA VAL F 247 12.03 -31.32 -60.10
C VAL F 247 13.44 -30.79 -60.36
N ALA F 248 13.63 -30.14 -61.51
CA ALA F 248 14.93 -29.59 -61.84
C ALA F 248 15.08 -28.24 -61.13
N ALA F 249 16.18 -28.05 -60.42
CA ALA F 249 16.41 -26.79 -59.71
C ALA F 249 16.29 -25.59 -60.65
N ASP F 250 16.92 -25.66 -61.82
CA ASP F 250 16.85 -24.54 -62.75
C ASP F 250 15.41 -24.19 -63.15
N SER F 251 14.61 -25.20 -63.47
CA SER F 251 13.21 -24.96 -63.85
C SER F 251 12.47 -24.34 -62.67
N LEU F 252 12.76 -24.81 -61.46
CA LEU F 252 12.12 -24.28 -60.27
C LEU F 252 12.46 -22.81 -60.15
N ALA F 253 13.73 -22.48 -60.36
CA ALA F 253 14.18 -21.10 -60.27
C ALA F 253 13.53 -20.26 -61.35
N ALA F 254 13.46 -20.79 -62.57
CA ALA F 254 12.85 -20.06 -63.67
C ALA F 254 11.38 -19.78 -63.37
N ALA F 255 10.66 -20.84 -63.01
CA ALA F 255 9.24 -20.76 -62.71
C ALA F 255 8.95 -19.70 -61.66
N LEU F 256 9.70 -19.73 -60.57
CA LEU F 256 9.51 -18.78 -59.49
C LEU F 256 9.67 -17.35 -59.93
N SER F 257 10.62 -17.13 -60.84
CA SER F 257 10.85 -15.79 -61.34
C SER F 257 9.71 -15.42 -62.30
N LEU F 258 9.43 -16.28 -63.26
CA LEU F 258 8.37 -16.02 -64.21
C LEU F 258 7.05 -15.64 -63.55
N CYS F 259 6.67 -16.42 -62.53
CA CYS F 259 5.40 -16.21 -61.83
C CYS F 259 5.34 -15.11 -60.77
N ARG F 260 6.41 -14.34 -60.60
CA ARG F 260 6.42 -13.26 -59.64
C ARG F 260 6.54 -11.98 -60.46
N ILE F 261 5.45 -11.61 -61.14
CA ILE F 261 5.43 -10.41 -61.95
C ILE F 261 5.24 -9.23 -60.99
N PRO F 262 6.17 -8.25 -61.03
CA PRO F 262 6.11 -7.06 -60.17
C PRO F 262 4.75 -6.36 -60.23
N ALA F 263 4.22 -6.02 -59.07
CA ALA F 263 2.92 -5.34 -58.95
C ALA F 263 1.77 -6.09 -59.62
N VAL F 264 1.93 -7.39 -59.86
CA VAL F 264 0.88 -8.16 -60.50
C VAL F 264 0.60 -9.52 -59.88
N SER F 265 1.62 -10.35 -59.79
CA SER F 265 1.43 -11.70 -59.25
C SER F 265 2.44 -12.12 -58.19
N VAL F 266 2.13 -13.23 -57.56
CA VAL F 266 2.97 -13.79 -56.52
C VAL F 266 2.86 -15.28 -56.83
N PRO F 267 3.97 -16.03 -56.67
CA PRO F 267 3.95 -17.47 -56.96
C PRO F 267 3.16 -18.37 -56.01
N ILE F 268 2.44 -19.30 -56.60
CA ILE F 268 1.65 -20.27 -55.85
C ILE F 268 2.11 -21.63 -56.37
N LEU F 269 2.55 -22.50 -55.47
CA LEU F 269 3.00 -23.83 -55.86
C LEU F 269 1.84 -24.80 -55.76
N ARG F 270 1.61 -25.56 -56.82
CA ARG F 270 0.52 -26.54 -56.80
C ARG F 270 1.13 -27.92 -56.89
N PHE F 271 0.75 -28.78 -55.95
CA PHE F 271 1.26 -30.13 -55.92
C PHE F 271 0.19 -31.12 -56.36
N TYR F 272 0.56 -32.03 -57.25
CA TYR F 272 -0.34 -33.05 -57.78
C TYR F 272 0.01 -34.48 -57.36
N ARG F 273 -1.01 -35.32 -57.29
CA ARG F 273 -0.84 -36.71 -56.91
C ARG F 273 0.21 -37.40 -57.76
N SER F 274 0.39 -36.92 -58.98
CA SER F 274 1.36 -37.56 -59.87
C SER F 274 2.82 -37.20 -59.58
N GLY F 275 3.06 -36.14 -58.83
CA GLY F 275 4.42 -35.74 -58.52
C GLY F 275 4.73 -34.38 -59.14
N ILE F 276 3.93 -34.04 -60.16
CA ILE F 276 4.07 -32.77 -60.85
C ILE F 276 3.82 -31.57 -59.93
N ILE F 277 4.58 -30.51 -60.16
CA ILE F 277 4.38 -29.29 -59.40
C ILE F 277 4.13 -28.23 -60.46
N ALA F 278 3.06 -27.47 -60.28
CA ALA F 278 2.79 -26.41 -61.22
C ALA F 278 2.97 -25.14 -60.42
N VAL F 279 3.77 -24.22 -60.95
CA VAL F 279 3.96 -22.94 -60.30
C VAL F 279 3.04 -22.04 -61.13
N VAL F 280 2.09 -21.40 -60.49
CA VAL F 280 1.18 -20.52 -61.22
C VAL F 280 1.35 -19.10 -60.70
N ALA F 281 1.10 -18.13 -61.56
CA ALA F 281 1.22 -16.74 -61.16
C ALA F 281 -0.11 -16.32 -60.52
N GLY F 282 -0.12 -16.20 -59.20
CA GLY F 282 -1.34 -15.79 -58.51
C GLY F 282 -1.54 -14.29 -58.62
N LEU F 283 -2.54 -13.88 -59.41
CA LEU F 283 -2.82 -12.45 -59.60
C LEU F 283 -3.23 -11.73 -58.33
N LEU F 284 -2.60 -10.58 -58.08
CA LEU F 284 -2.89 -9.78 -56.90
C LEU F 284 -4.13 -8.91 -57.09
N THR F 285 -4.95 -8.78 -56.06
CA THR F 285 -6.15 -7.96 -56.19
C THR F 285 -5.78 -6.59 -56.74
N SER F 286 -4.66 -6.05 -56.25
CA SER F 286 -4.18 -4.74 -56.67
C SER F 286 -4.14 -4.61 -58.19
N ALA F 287 -3.58 -5.61 -58.86
CA ALA F 287 -3.54 -5.60 -60.33
C ALA F 287 -5.00 -5.61 -60.75
N GLY F 288 -5.29 -5.34 -62.01
CA GLY F 288 -6.68 -5.32 -62.43
C GLY F 288 -7.32 -6.69 -62.56
N ASP F 289 -8.17 -6.82 -63.58
CA ASP F 289 -8.84 -8.07 -63.86
C ASP F 289 -8.13 -8.62 -65.08
N LEU F 290 -6.82 -8.79 -64.96
CA LEU F 290 -6.00 -9.29 -66.05
C LEU F 290 -6.42 -10.69 -66.52
N PRO F 291 -6.73 -10.82 -67.81
CA PRO F 291 -7.14 -12.12 -68.35
C PRO F 291 -5.92 -13.02 -68.57
N LEU F 292 -5.19 -13.29 -67.50
CA LEU F 292 -3.99 -14.11 -67.61
C LEU F 292 -3.94 -15.33 -66.71
N ASP F 293 -3.62 -16.48 -67.31
CA ASP F 293 -3.46 -17.70 -66.55
C ASP F 293 -2.09 -18.21 -66.93
N LEU F 294 -1.08 -17.69 -66.26
CA LEU F 294 0.31 -18.07 -66.51
C LEU F 294 0.75 -19.14 -65.54
N SER F 295 1.37 -20.19 -66.06
CA SER F 295 1.84 -21.26 -65.19
C SER F 295 3.02 -21.97 -65.81
N VAL F 296 3.85 -22.55 -64.96
CA VAL F 296 5.02 -23.28 -65.42
C VAL F 296 4.99 -24.64 -64.72
N ILE F 297 4.92 -25.69 -65.52
CA ILE F 297 4.86 -27.05 -65.00
C ILE F 297 6.25 -27.61 -64.84
N LEU F 298 6.50 -28.11 -63.63
CA LEU F 298 7.79 -28.73 -63.29
C LEU F 298 7.63 -30.23 -63.36
N PHE F 299 8.37 -30.86 -64.28
CA PHE F 299 8.27 -32.29 -64.43
C PHE F 299 9.16 -33.04 -63.44
N ASN F 300 9.10 -34.36 -63.49
CA ASN F 300 9.84 -35.20 -62.56
C ASN F 300 11.34 -35.41 -62.77
N HIS F 301 12.05 -34.42 -63.31
CA HIS F 301 13.49 -34.56 -63.50
C HIS F 301 14.15 -35.28 -62.32
N ALA F 302 14.82 -36.40 -62.60
CA ALA F 302 15.51 -37.15 -61.56
C ALA F 302 16.93 -37.49 -62.00
N SER F 303 17.80 -37.79 -61.04
CA SER F 303 19.20 -38.13 -61.32
C SER F 303 19.97 -38.42 -60.03
N MSE G 5 -89.92 29.93 -12.40
CA MSE G 5 -88.47 30.23 -12.17
C MSE G 5 -87.72 30.23 -13.50
O MSE G 5 -87.94 29.37 -14.35
CB MSE G 5 -87.86 29.19 -11.24
CG MSE G 5 -86.84 29.80 -10.30
SE MSE G 5 -87.52 31.32 -9.29
CE MSE G 5 -89.36 30.76 -9.07
N GLU G 6 -86.82 31.20 -13.67
CA GLU G 6 -86.10 31.38 -14.92
C GLU G 6 -84.60 31.10 -14.90
N THR G 7 -84.17 30.09 -15.65
CA THR G 7 -82.76 29.72 -15.72
C THR G 7 -81.95 30.75 -16.51
N THR G 8 -80.92 31.32 -15.87
CA THR G 8 -80.11 32.33 -16.54
C THR G 8 -78.82 31.77 -17.12
N GLN G 9 -78.13 30.90 -16.37
CA GLN G 9 -76.89 30.29 -16.85
C GLN G 9 -76.84 28.82 -16.47
N THR G 10 -76.06 28.04 -17.24
CA THR G 10 -75.92 26.60 -17.01
C THR G 10 -74.48 26.16 -17.14
N LEU G 11 -73.96 25.56 -16.07
CA LEU G 11 -72.58 25.10 -16.09
C LEU G 11 -72.54 23.65 -15.67
N ARG G 12 -71.92 22.81 -16.48
CA ARG G 12 -71.83 21.39 -16.21
C ARG G 12 -70.43 20.87 -16.49
N PHE G 13 -69.73 20.44 -15.44
CA PHE G 13 -68.36 19.96 -15.62
C PHE G 13 -68.27 18.56 -16.18
N LYS G 14 -67.11 18.24 -16.74
CA LYS G 14 -66.86 16.93 -17.32
C LYS G 14 -66.80 15.86 -16.24
N THR G 15 -66.91 14.60 -16.67
CA THR G 15 -66.89 13.48 -15.76
C THR G 15 -65.65 13.47 -14.88
N LYS G 16 -65.85 13.48 -13.59
CA LYS G 16 -64.68 13.42 -12.68
C LYS G 16 -63.70 14.55 -12.85
N ALA G 17 -64.17 15.55 -13.53
CA ALA G 17 -63.34 16.68 -13.78
C ALA G 17 -62.87 17.38 -12.50
N LEU G 18 -63.79 17.68 -11.61
CA LEU G 18 -63.45 18.36 -10.37
C LEU G 18 -62.99 17.40 -9.28
N ALA G 19 -63.23 16.11 -9.48
CA ALA G 19 -62.83 15.12 -8.50
C ALA G 19 -61.31 15.05 -8.33
N VAL G 20 -60.59 15.17 -9.44
CA VAL G 20 -59.13 15.11 -9.41
C VAL G 20 -58.48 16.23 -8.61
N LEU G 21 -59.27 17.22 -8.17
CA LEU G 21 -58.77 18.35 -7.39
C LEU G 21 -59.10 18.15 -5.90
N SER G 22 -59.69 16.99 -5.61
CA SER G 22 -60.10 16.61 -4.26
C SER G 22 -59.08 16.87 -3.16
N LYS G 23 -57.83 16.48 -3.40
CA LYS G 23 -56.77 16.67 -2.41
C LYS G 23 -56.25 18.10 -2.41
N CYS G 24 -56.34 18.76 -3.57
CA CYS G 24 -55.92 20.13 -3.68
C CYS G 24 -56.88 20.96 -2.84
N TYR G 25 -58.18 20.71 -3.01
CA TYR G 25 -59.15 21.45 -2.22
C TYR G 25 -58.92 21.14 -0.75
N ASP G 26 -58.81 19.86 -0.43
CA ASP G 26 -58.58 19.42 0.95
C ASP G 26 -57.43 20.20 1.54
N HIS G 27 -56.33 20.32 0.80
CA HIS G 27 -55.14 21.04 1.26
C HIS G 27 -55.39 22.50 1.59
N ALA G 28 -56.39 23.10 0.97
CA ALA G 28 -56.71 24.51 1.21
C ALA G 28 -58.07 24.78 1.84
N GLN G 29 -58.81 23.71 2.14
CA GLN G 29 -60.14 23.89 2.74
C GLN G 29 -60.21 24.84 3.92
N THR G 30 -59.26 24.77 4.84
CA THR G 30 -59.30 25.65 6.00
C THR G 30 -59.39 27.11 5.60
N HIS G 31 -58.60 27.50 4.60
CA HIS G 31 -58.63 28.89 4.14
C HIS G 31 -59.87 29.21 3.29
N LEU G 32 -60.37 28.20 2.59
CA LEU G 32 -61.51 28.38 1.72
C LEU G 32 -62.87 28.37 2.41
N LYS G 33 -62.99 27.67 3.52
CA LYS G 33 -64.27 27.59 4.22
C LYS G 33 -65.02 28.94 4.30
N GLY G 34 -64.42 29.93 4.94
CA GLY G 34 -65.09 31.20 5.08
C GLY G 34 -65.10 32.05 3.82
N GLY G 35 -64.74 31.46 2.68
CA GLY G 35 -64.70 32.22 1.46
C GLY G 35 -66.00 32.24 0.69
N VAL G 36 -65.87 32.38 -0.63
CA VAL G 36 -67.02 32.46 -1.50
C VAL G 36 -66.78 31.61 -2.75
N LEU G 37 -67.83 30.99 -3.27
CA LEU G 37 -67.70 30.21 -4.49
C LEU G 37 -68.17 31.14 -5.59
N GLN G 38 -67.34 31.33 -6.60
CA GLN G 38 -67.68 32.27 -7.64
C GLN G 38 -67.46 31.77 -9.06
N VAL G 39 -68.31 32.23 -9.98
CA VAL G 39 -68.19 31.85 -11.38
C VAL G 39 -67.97 33.11 -12.20
N ASN G 40 -66.89 33.11 -12.97
CA ASN G 40 -66.55 34.25 -13.81
C ASN G 40 -67.05 34.00 -15.21
N LEU G 41 -67.81 34.95 -15.74
CA LEU G 41 -68.38 34.81 -17.07
C LEU G 41 -67.60 35.63 -18.09
N LEU G 42 -66.72 36.51 -17.62
CA LEU G 42 -65.90 37.36 -18.50
C LEU G 42 -64.94 36.60 -19.40
N SER G 43 -64.48 35.43 -18.96
CA SER G 43 -63.55 34.68 -19.77
C SER G 43 -64.17 33.93 -20.96
N VAL G 44 -65.46 33.62 -20.87
CA VAL G 44 -66.21 32.89 -21.89
C VAL G 44 -65.55 32.58 -23.24
N ASN G 45 -64.97 33.59 -23.88
CA ASN G 45 -64.35 33.39 -25.17
C ASN G 45 -62.83 33.22 -25.14
N TYR G 46 -62.18 33.67 -24.07
CA TYR G 46 -60.73 33.51 -23.96
C TYR G 46 -60.39 32.41 -22.96
N GLY G 47 -61.21 31.36 -22.98
CA GLY G 47 -61.03 30.23 -22.10
C GLY G 47 -62.35 29.51 -21.87
N GLY G 48 -63.32 30.25 -21.34
CA GLY G 48 -64.63 29.70 -21.05
C GLY G 48 -64.98 30.14 -19.63
N PRO G 49 -66.02 29.55 -19.02
CA PRO G 49 -66.42 29.92 -17.64
C PRO G 49 -65.40 29.42 -16.65
N ARG G 50 -65.14 30.21 -15.62
CA ARG G 50 -64.18 29.79 -14.63
C ARG G 50 -64.79 29.78 -13.24
N LEU G 51 -64.90 28.59 -12.67
CA LEU G 51 -65.46 28.43 -11.33
C LEU G 51 -64.29 28.54 -10.36
N ALA G 52 -64.48 29.27 -9.27
CA ALA G 52 -63.41 29.41 -8.31
C ALA G 52 -63.89 29.65 -6.90
N ALA G 53 -63.11 29.14 -5.94
CA ALA G 53 -63.42 29.35 -4.54
C ALA G 53 -62.44 30.47 -4.21
N VAL G 54 -62.97 31.59 -3.74
CA VAL G 54 -62.10 32.70 -3.42
C VAL G 54 -62.31 33.11 -1.97
N ALA G 55 -61.21 33.26 -1.24
CA ALA G 55 -61.26 33.63 0.16
C ALA G 55 -60.05 34.48 0.49
N ASN G 56 -60.03 35.06 1.69
CA ASN G 56 -58.91 35.88 2.11
C ASN G 56 -57.82 35.00 2.69
N ALA G 57 -56.59 35.49 2.60
CA ALA G 57 -55.43 34.81 3.14
C ALA G 57 -54.63 35.89 3.82
N GLY G 58 -54.39 35.74 5.12
CA GLY G 58 -53.62 36.74 5.86
C GLY G 58 -54.34 38.07 5.95
N THR G 59 -53.67 39.10 6.45
CA THR G 59 -54.33 40.40 6.56
C THR G 59 -54.33 41.18 5.25
N ALA G 60 -53.68 40.64 4.21
CA ALA G 60 -53.66 41.34 2.93
C ALA G 60 -53.45 40.41 1.74
N GLY G 61 -54.25 39.35 1.67
CA GLY G 61 -54.12 38.43 0.56
C GLY G 61 -55.45 37.90 0.04
N LEU G 62 -55.46 37.49 -1.23
CA LEU G 62 -56.67 36.95 -1.84
C LEU G 62 -56.42 35.62 -2.56
N ILE G 63 -56.99 34.55 -2.03
CA ILE G 63 -56.85 33.22 -2.62
C ILE G 63 -57.87 33.00 -3.72
N SER G 64 -57.42 32.39 -4.81
CA SER G 64 -58.28 32.10 -5.95
C SER G 64 -58.00 30.66 -6.40
N PHE G 65 -58.87 29.75 -5.99
CA PHE G 65 -58.79 28.33 -6.34
C PHE G 65 -59.62 28.18 -7.62
N GLU G 66 -58.99 28.42 -8.77
CA GLU G 66 -59.67 28.35 -10.06
C GLU G 66 -59.64 27.03 -10.81
N VAL G 67 -60.78 26.66 -11.40
CA VAL G 67 -60.88 25.45 -12.18
C VAL G 67 -60.65 25.88 -13.62
N SER G 68 -59.70 25.23 -14.27
CA SER G 68 -59.40 25.57 -15.64
C SER G 68 -60.60 25.22 -16.52
N PRO G 69 -60.88 26.05 -17.54
CA PRO G 69 -62.01 25.84 -18.46
C PRO G 69 -62.08 24.50 -19.16
N ASP G 70 -60.94 23.84 -19.34
CA ASP G 70 -60.95 22.56 -20.03
C ASP G 70 -61.72 21.50 -19.27
N ALA G 71 -62.06 21.80 -18.01
CA ALA G 71 -62.80 20.87 -17.18
C ALA G 71 -64.30 21.12 -17.33
N VAL G 72 -64.66 22.00 -18.26
CA VAL G 72 -66.06 22.30 -18.48
C VAL G 72 -66.64 21.40 -19.56
N ALA G 73 -67.84 20.88 -19.32
CA ALA G 73 -68.46 19.99 -20.29
C ALA G 73 -69.51 20.72 -21.07
N GLU G 74 -70.20 21.64 -20.42
CA GLU G 74 -71.25 22.37 -21.08
C GLU G 74 -71.55 23.66 -20.35
N TRP G 75 -71.74 24.72 -21.11
CA TRP G 75 -72.04 26.02 -20.54
C TRP G 75 -73.02 26.80 -21.41
N GLN G 76 -74.14 27.20 -20.82
CA GLN G 76 -75.13 27.97 -21.56
C GLN G 76 -75.42 29.28 -20.84
N ASN G 77 -75.46 30.37 -21.58
CA ASN G 77 -75.78 31.65 -21.01
C ASN G 77 -77.08 32.00 -21.70
N HIS G 78 -78.15 32.13 -20.92
CA HIS G 78 -79.44 32.42 -21.50
C HIS G 78 -79.83 33.87 -21.45
N GLN G 79 -78.94 34.72 -20.93
CA GLN G 79 -79.23 36.14 -20.87
C GLN G 79 -78.48 36.86 -22.00
N SER G 80 -78.93 38.05 -22.36
CA SER G 80 -78.25 38.79 -23.41
C SER G 80 -76.88 39.17 -22.85
N PRO G 81 -75.84 39.18 -23.69
CA PRO G 81 -74.50 39.52 -23.23
C PRO G 81 -74.46 40.83 -22.44
N GLU G 82 -75.38 41.72 -22.76
CA GLU G 82 -75.46 43.03 -22.15
C GLU G 82 -76.03 43.06 -20.75
N GLU G 83 -76.89 42.09 -20.44
CA GLU G 83 -77.53 42.01 -19.14
C GLU G 83 -76.81 41.08 -18.16
N ALA G 84 -76.29 39.95 -18.66
CA ALA G 84 -75.57 38.99 -17.82
C ALA G 84 -74.49 39.66 -16.97
N PRO G 85 -74.24 39.14 -15.75
CA PRO G 85 -73.23 39.73 -14.87
C PRO G 85 -71.82 39.34 -15.34
N ALA G 86 -70.81 39.94 -14.72
CA ALA G 86 -69.43 39.62 -15.06
C ALA G 86 -69.10 38.33 -14.30
N ALA G 87 -69.75 38.19 -13.15
CA ALA G 87 -69.57 37.04 -12.28
C ALA G 87 -70.73 36.90 -11.30
N VAL G 88 -70.95 35.67 -10.85
CA VAL G 88 -71.98 35.36 -9.88
C VAL G 88 -71.22 34.69 -8.75
N SER G 89 -71.66 34.91 -7.52
CA SER G 89 -70.98 34.32 -6.38
C SER G 89 -71.90 34.05 -5.20
N PHE G 90 -71.53 33.07 -4.39
CA PHE G 90 -72.29 32.69 -3.21
C PHE G 90 -71.37 32.19 -2.10
N ARG G 91 -71.78 32.35 -0.84
CA ARG G 91 -70.94 31.89 0.28
C ARG G 91 -70.56 30.43 0.10
N ASN G 92 -69.31 30.10 0.37
CA ASN G 92 -68.86 28.72 0.23
C ASN G 92 -69.50 27.88 1.31
N LEU G 93 -69.79 28.52 2.45
CA LEU G 93 -70.46 27.85 3.54
C LEU G 93 -71.93 28.22 3.40
N ALA G 94 -72.69 27.29 2.85
CA ALA G 94 -74.13 27.47 2.61
C ALA G 94 -74.87 28.04 3.82
N TYR G 95 -75.97 28.76 3.57
CA TYR G 95 -76.76 29.36 4.64
C TYR G 95 -77.15 28.42 5.77
N GLY G 96 -76.95 28.91 7.00
CA GLY G 96 -77.28 28.16 8.19
C GLY G 96 -76.56 26.84 8.28
N ARG G 97 -76.50 26.15 7.14
CA ARG G 97 -75.86 24.85 7.00
C ARG G 97 -74.51 24.62 7.67
N THR G 98 -74.06 23.39 7.52
CA THR G 98 -72.81 22.92 8.05
C THR G 98 -72.04 22.46 6.84
N CYS G 99 -72.80 22.10 5.82
CA CYS G 99 -72.29 21.63 4.56
C CYS G 99 -71.47 22.71 3.86
N VAL G 100 -70.15 22.55 3.83
CA VAL G 100 -69.33 23.54 3.13
C VAL G 100 -69.38 23.12 1.68
N LEU G 101 -70.02 23.94 0.85
CA LEU G 101 -70.19 23.65 -0.57
C LEU G 101 -68.97 23.23 -1.36
N GLY G 102 -67.88 23.98 -1.24
CA GLY G 102 -66.67 23.65 -1.99
C GLY G 102 -66.15 22.26 -1.70
N LYS G 103 -66.36 21.84 -0.46
CA LYS G 103 -65.93 20.54 0.01
C LYS G 103 -66.69 19.42 -0.72
N GLU G 104 -68.01 19.51 -0.75
CA GLU G 104 -68.82 18.52 -1.42
C GLU G 104 -68.59 18.59 -2.92
N LEU G 105 -68.51 19.81 -3.44
CA LEU G 105 -68.29 20.05 -4.87
C LEU G 105 -66.99 19.44 -5.39
N PHE G 106 -65.90 19.55 -4.64
CA PHE G 106 -64.61 18.99 -5.08
C PHE G 106 -64.35 17.64 -4.46
N GLY G 107 -65.44 16.91 -4.20
CA GLY G 107 -65.35 15.58 -3.61
C GLY G 107 -64.74 14.62 -4.59
N SER G 108 -64.00 13.64 -4.07
CA SER G 108 -63.35 12.66 -4.93
C SER G 108 -64.31 11.66 -5.54
N ALA G 109 -65.49 11.51 -4.96
CA ALA G 109 -66.47 10.56 -5.48
C ALA G 109 -67.52 11.19 -6.39
N VAL G 110 -67.34 12.45 -6.78
CA VAL G 110 -68.33 13.07 -7.63
C VAL G 110 -68.11 12.77 -9.11
N GLU G 111 -69.05 12.01 -9.68
CA GLU G 111 -69.01 11.61 -11.08
C GLU G 111 -69.24 12.81 -11.99
N GLN G 112 -70.33 13.52 -11.72
CA GLN G 112 -70.72 14.68 -12.52
C GLN G 112 -71.20 15.84 -11.65
N ALA G 113 -70.53 16.99 -11.76
CA ALA G 113 -70.90 18.16 -10.98
C ALA G 113 -71.41 19.27 -11.88
N SER G 114 -72.43 20.00 -11.43
CA SER G 114 -72.97 21.10 -12.21
C SER G 114 -73.66 22.18 -11.41
N LEU G 115 -73.73 23.38 -11.99
CA LEU G 115 -74.38 24.50 -11.32
C LEU G 115 -75.36 25.15 -12.29
N GLN G 116 -76.54 25.52 -11.79
CA GLN G 116 -77.54 26.19 -12.60
C GLN G 116 -77.92 27.47 -11.89
N PHE G 117 -77.86 28.60 -12.58
CA PHE G 117 -78.22 29.85 -11.94
C PHE G 117 -79.56 30.31 -12.48
N TYR G 118 -80.35 30.95 -11.64
CA TYR G 118 -81.65 31.41 -12.07
C TYR G 118 -82.24 32.57 -11.26
N LYS G 119 -83.30 33.16 -11.78
CA LYS G 119 -83.95 34.30 -11.12
C LYS G 119 -85.46 34.19 -11.25
N ARG G 120 -86.16 35.11 -10.60
CA ARG G 120 -87.62 35.13 -10.66
C ARG G 120 -88.01 35.82 -11.96
N PRO G 121 -88.97 35.25 -12.68
CA PRO G 121 -89.49 35.74 -13.97
C PRO G 121 -89.55 37.26 -14.10
N GLN G 122 -90.32 37.88 -13.21
CA GLN G 122 -90.52 39.33 -13.21
C GLN G 122 -89.44 40.09 -12.42
N GLY G 123 -89.17 41.32 -12.85
CA GLY G 123 -88.18 42.15 -12.17
C GLY G 123 -86.81 41.52 -12.08
N GLY G 124 -85.84 42.30 -11.63
CA GLY G 124 -84.47 41.81 -11.50
C GLY G 124 -83.90 41.28 -12.81
N SER G 125 -82.81 41.88 -13.27
CA SER G 125 -82.18 41.43 -14.51
C SER G 125 -81.02 40.52 -14.20
N ARG G 126 -80.68 40.42 -12.92
CA ARG G 126 -79.55 39.59 -12.52
C ARG G 126 -79.98 38.32 -11.78
N PRO G 127 -79.25 37.22 -11.99
CA PRO G 127 -79.54 35.94 -11.33
C PRO G 127 -79.67 36.11 -9.82
N GLU G 128 -80.52 35.31 -9.19
CA GLU G 128 -80.70 35.41 -7.76
C GLU G 128 -80.34 34.11 -7.04
N PHE G 129 -80.48 33.00 -7.73
CA PHE G 129 -80.20 31.72 -7.10
C PHE G 129 -79.27 30.85 -7.91
N VAL G 130 -78.77 29.82 -7.26
CA VAL G 130 -77.91 28.85 -7.91
C VAL G 130 -78.34 27.51 -7.33
N LYS G 131 -78.19 26.46 -8.13
CA LYS G 131 -78.54 25.13 -7.68
C LYS G 131 -77.37 24.21 -8.02
N LEU G 132 -76.65 23.76 -6.99
CA LEU G 132 -75.52 22.87 -7.21
C LEU G 132 -76.02 21.43 -7.24
N THR G 133 -75.37 20.61 -8.05
CA THR G 133 -75.76 19.22 -8.17
C THR G 133 -74.55 18.32 -8.26
N MSE G 134 -74.55 17.27 -7.44
CA MSE G 134 -73.45 16.33 -7.44
C MSE G 134 -74.02 14.90 -7.58
O MSE G 134 -74.81 14.48 -6.75
CB MSE G 134 -72.62 16.43 -6.16
CG MSE G 134 -71.86 17.75 -5.97
SE MSE G 134 -72.95 19.21 -5.32
CE MSE G 134 -72.32 19.30 -3.50
N GLU G 135 -73.61 14.22 -8.65
CA GLU G 135 -74.01 12.84 -8.90
C GLU G 135 -72.75 12.03 -8.59
N TYR G 136 -72.90 10.97 -7.80
CA TYR G 136 -71.76 10.17 -7.38
C TYR G 136 -71.45 8.87 -8.12
N ASP G 137 -70.25 8.36 -7.86
CA ASP G 137 -69.73 7.12 -8.43
C ASP G 137 -70.73 5.97 -8.43
N ASP G 138 -71.22 5.64 -7.25
CA ASP G 138 -72.16 4.55 -7.08
C ASP G 138 -73.36 4.58 -8.04
N LYS G 139 -73.45 5.60 -8.88
CA LYS G 139 -74.55 5.69 -9.83
C LYS G 139 -75.90 5.65 -9.14
N VAL G 140 -75.94 6.09 -7.88
CA VAL G 140 -77.18 6.07 -7.12
C VAL G 140 -77.32 7.29 -6.24
N SER G 141 -76.24 7.64 -5.55
CA SER G 141 -76.26 8.78 -4.66
C SER G 141 -76.08 10.11 -5.37
N LYS G 142 -76.94 11.08 -5.05
CA LYS G 142 -76.80 12.40 -5.64
C LYS G 142 -77.45 13.40 -4.70
N SER G 143 -76.97 14.64 -4.70
CA SER G 143 -77.54 15.65 -3.82
C SER G 143 -77.54 17.04 -4.42
N HIS G 144 -78.64 17.76 -4.21
CA HIS G 144 -78.82 19.10 -4.75
C HIS G 144 -78.81 20.16 -3.65
N HIS G 145 -78.20 21.30 -3.95
CA HIS G 145 -78.12 22.43 -3.02
C HIS G 145 -78.60 23.71 -3.73
N THR G 146 -79.51 24.42 -3.09
CA THR G 146 -80.05 25.66 -3.64
C THR G 146 -79.67 26.80 -2.72
N CYS G 147 -79.02 27.82 -3.27
CA CYS G 147 -78.61 28.96 -2.47
C CYS G 147 -79.02 30.25 -3.13
N ALA G 148 -78.88 31.33 -2.38
CA ALA G 148 -79.18 32.65 -2.89
C ALA G 148 -77.83 33.20 -3.32
N LEU G 149 -77.77 33.85 -4.47
CA LEU G 149 -76.50 34.42 -4.91
C LEU G 149 -76.25 35.62 -4.01
N MSE G 150 -75.03 36.15 -4.07
CA MSE G 150 -74.70 37.29 -3.23
C MSE G 150 -74.73 38.60 -4.01
O MSE G 150 -74.89 38.62 -5.22
CB MSE G 150 -73.30 37.13 -2.67
CG MSE G 150 -73.08 35.90 -1.88
SE MSE G 150 -71.54 36.17 -0.81
CE MSE G 150 -72.46 36.96 0.72
N PRO G 151 -74.56 39.72 -3.29
CA PRO G 151 -74.56 41.01 -3.97
C PRO G 151 -73.35 40.99 -4.90
N TYR G 152 -73.56 41.36 -6.16
CA TYR G 152 -72.49 41.34 -7.14
C TYR G 152 -71.14 41.85 -6.63
N MSE G 153 -70.09 41.23 -7.16
CA MSE G 153 -68.71 41.58 -6.86
C MSE G 153 -67.92 41.08 -8.04
O MSE G 153 -68.21 40.02 -8.58
CB MSE G 153 -68.25 40.95 -5.55
CG MSE G 153 -68.54 39.47 -5.44
SE MSE G 153 -68.00 38.82 -3.68
CE MSE G 153 -66.15 38.38 -4.09
N PRO G 154 -66.90 41.84 -8.48
CA PRO G 154 -66.04 41.50 -9.61
C PRO G 154 -65.37 40.14 -9.52
N PRO G 155 -65.08 39.52 -10.68
CA PRO G 155 -64.42 38.21 -10.68
C PRO G 155 -63.04 38.36 -10.08
N ALA G 156 -62.74 37.62 -9.02
CA ALA G 156 -61.45 37.70 -8.37
C ALA G 156 -60.31 37.30 -9.31
N SER G 157 -60.59 36.31 -10.15
CA SER G 157 -59.61 35.78 -11.10
C SER G 157 -59.15 36.72 -12.22
N ASP G 158 -59.46 38.00 -12.12
CA ASP G 158 -59.05 38.95 -13.15
C ASP G 158 -58.28 40.15 -12.62
N ARG G 159 -58.28 40.31 -11.31
CA ARG G 159 -57.59 41.41 -10.65
C ARG G 159 -56.17 41.68 -11.17
N LEU G 160 -55.53 40.66 -11.72
CA LEU G 160 -54.16 40.82 -12.22
C LEU G 160 -53.97 41.08 -13.70
N ARG G 161 -55.01 40.91 -14.51
CA ARG G 161 -54.83 41.19 -15.92
C ARG G 161 -54.47 42.67 -15.99
N ASN G 162 -53.80 43.09 -17.05
CA ASN G 162 -53.39 44.49 -17.18
C ASN G 162 -52.29 44.84 -16.20
N GLU G 163 -51.69 43.82 -15.59
CA GLU G 163 -50.57 44.00 -14.67
C GLU G 163 -49.34 43.60 -15.46
N GLN G 164 -48.19 44.16 -15.12
CA GLN G 164 -46.97 43.83 -15.84
C GLN G 164 -45.99 42.98 -15.02
N MSE G 165 -45.94 41.69 -15.33
CA MSE G 165 -45.08 40.74 -14.63
C MSE G 165 -43.63 40.91 -15.07
O MSE G 165 -43.28 40.58 -16.20
CB MSE G 165 -45.57 39.32 -14.93
CG MSE G 165 -44.73 38.21 -14.37
SE MSE G 165 -45.61 36.50 -14.54
CE MSE G 165 -45.21 36.15 -16.40
N ILE G 166 -42.76 41.42 -14.20
CA ILE G 166 -41.36 41.60 -14.57
C ILE G 166 -40.47 40.45 -14.17
N GLY G 167 -41.04 39.42 -13.57
CA GLY G 167 -40.22 38.29 -13.20
C GLY G 167 -40.95 37.30 -12.32
N GLN G 168 -40.58 36.05 -12.41
CA GLN G 168 -41.21 35.05 -11.57
C GLN G 168 -40.21 33.96 -11.22
N VAL G 169 -40.09 33.68 -9.91
CA VAL G 169 -39.16 32.66 -9.46
C VAL G 169 -39.85 31.47 -8.82
N LEU G 170 -39.42 30.29 -9.24
CA LEU G 170 -39.93 29.02 -8.74
C LEU G 170 -39.11 28.70 -7.49
N LEU G 171 -39.74 28.19 -6.45
CA LEU G 171 -39.01 27.86 -5.23
C LEU G 171 -39.17 26.39 -4.90
N MSE G 172 -38.08 25.63 -4.97
CA MSE G 172 -38.19 24.21 -4.66
C MSE G 172 -38.74 24.01 -3.25
O MSE G 172 -38.65 24.89 -2.40
CB MSE G 172 -36.84 23.52 -4.82
CG MSE G 172 -35.66 24.30 -4.36
SE MSE G 172 -34.09 23.21 -4.53
CE MSE G 172 -33.70 22.99 -2.65
N PRO G 173 -39.30 22.83 -2.99
CA PRO G 173 -39.89 22.48 -1.70
C PRO G 173 -39.11 22.94 -0.46
N LYS G 174 -37.81 22.69 -0.45
CA LYS G 174 -36.98 23.04 0.70
C LYS G 174 -36.90 24.55 0.92
N THR G 175 -36.67 25.30 -0.16
CA THR G 175 -36.58 26.76 -0.12
C THR G 175 -37.93 27.34 0.29
N ALA G 176 -38.98 26.79 -0.31
CA ALA G 176 -40.34 27.24 -0.01
C ALA G 176 -40.66 27.10 1.47
N SER G 177 -40.20 26.03 2.11
CA SER G 177 -40.49 25.85 3.53
C SER G 177 -39.68 26.82 4.40
N SER G 178 -38.47 27.15 3.98
CA SER G 178 -37.66 28.09 4.73
C SER G 178 -38.39 29.43 4.76
N LEU G 179 -38.62 29.97 3.56
CA LEU G 179 -39.29 31.25 3.43
C LEU G 179 -40.58 31.25 4.25
N GLN G 180 -41.38 30.19 4.09
CA GLN G 180 -42.63 30.11 4.82
C GLN G 180 -42.41 30.10 6.33
N LYS G 181 -41.39 29.36 6.77
CA LYS G 181 -41.07 29.27 8.19
C LYS G 181 -40.72 30.68 8.67
N TRP G 182 -39.83 31.32 7.92
CA TRP G 182 -39.38 32.66 8.25
C TRP G 182 -40.58 33.60 8.39
N ALA G 183 -41.44 33.62 7.38
CA ALA G 183 -42.61 34.50 7.37
C ALA G 183 -43.56 34.28 8.54
N ARG G 184 -43.67 33.06 9.02
CA ARG G 184 -44.56 32.83 10.16
C ARG G 184 -43.94 33.44 11.41
N GLN G 185 -42.61 33.46 11.44
CA GLN G 185 -41.88 34.02 12.56
C GLN G 185 -42.05 35.54 12.68
N GLN G 186 -42.65 36.16 11.68
CA GLN G 186 -42.86 37.59 11.69
C GLN G 186 -44.26 38.01 12.11
N GLY G 187 -45.13 37.03 12.31
CA GLY G 187 -46.49 37.30 12.71
C GLY G 187 -47.11 38.53 12.07
N SER G 188 -47.62 39.41 12.92
CA SER G 188 -48.28 40.64 12.51
C SER G 188 -47.46 41.60 11.65
N GLY G 189 -46.17 41.31 11.52
CA GLY G 189 -45.30 42.16 10.75
C GLY G 189 -45.53 42.21 9.25
N GLY G 190 -44.80 43.11 8.61
CA GLY G 190 -44.88 43.29 7.18
C GLY G 190 -43.53 42.88 6.62
N VAL G 191 -43.50 42.45 5.37
CA VAL G 191 -42.26 42.02 4.77
C VAL G 191 -41.98 42.80 3.50
N LYS G 192 -40.76 43.30 3.39
CA LYS G 192 -40.34 44.05 2.22
C LYS G 192 -39.59 43.03 1.39
N VAL G 193 -40.17 42.69 0.25
CA VAL G 193 -39.59 41.71 -0.65
C VAL G 193 -38.82 42.46 -1.73
N THR G 194 -37.60 41.98 -1.97
CA THR G 194 -36.75 42.59 -2.97
C THR G 194 -36.43 41.58 -4.05
N LEU G 195 -36.60 41.99 -5.27
CA LEU G 195 -36.19 41.17 -6.41
C LEU G 195 -34.95 41.76 -7.08
N ASN G 196 -33.84 41.08 -6.95
CA ASN G 196 -32.57 41.62 -7.44
C ASN G 196 -31.94 40.80 -8.56
N PRO G 197 -32.12 41.22 -9.82
CA PRO G 197 -31.58 40.54 -11.00
C PRO G 197 -30.06 40.65 -11.04
N ASP G 198 -29.51 41.59 -10.27
CA ASP G 198 -28.08 41.83 -10.19
C ASP G 198 -27.38 40.80 -9.32
N LEU G 199 -28.03 40.43 -8.21
CA LEU G 199 -27.43 39.46 -7.32
C LEU G 199 -27.99 38.06 -7.52
N TYR G 200 -29.03 37.94 -8.35
CA TYR G 200 -29.64 36.64 -8.62
C TYR G 200 -30.21 36.13 -7.31
N VAL G 201 -30.92 37.00 -6.62
CA VAL G 201 -31.47 36.63 -5.33
C VAL G 201 -32.74 37.39 -4.96
N THR G 202 -33.57 36.79 -4.12
CA THR G 202 -34.75 37.49 -3.62
C THR G 202 -34.44 37.64 -2.13
N THR G 203 -34.77 38.79 -1.57
CA THR G 203 -34.51 39.00 -0.15
C THR G 203 -35.83 39.36 0.49
N TYR G 204 -35.95 39.07 1.77
CA TYR G 204 -37.17 39.36 2.47
C TYR G 204 -36.80 40.04 3.77
N THR G 205 -37.46 41.13 4.13
CA THR G 205 -37.12 41.82 5.36
C THR G 205 -38.30 42.30 6.19
N SER G 206 -38.27 41.98 7.48
CA SER G 206 -39.32 42.41 8.41
C SER G 206 -38.64 42.78 9.71
N GLY G 207 -38.30 44.05 9.85
CA GLY G 207 -37.60 44.51 11.03
C GLY G 207 -36.10 44.35 10.81
N GLU G 208 -35.41 43.92 11.86
CA GLU G 208 -33.96 43.73 11.79
C GLU G 208 -33.70 42.37 11.13
N ALA G 209 -34.76 41.58 11.00
CA ALA G 209 -34.67 40.26 10.41
C ALA G 209 -34.82 40.29 8.89
N CYS G 210 -34.19 39.32 8.22
CA CYS G 210 -34.27 39.18 6.77
C CYS G 210 -33.86 37.78 6.34
N LEU G 211 -34.20 37.42 5.12
CA LEU G 211 -33.90 36.10 4.59
C LEU G 211 -33.45 36.32 3.17
N THR G 212 -32.38 35.64 2.77
CA THR G 212 -31.88 35.79 1.41
C THR G 212 -32.02 34.46 0.68
N LEU G 213 -32.56 34.50 -0.54
CA LEU G 213 -32.77 33.29 -1.31
C LEU G 213 -32.22 33.39 -2.72
N ASP G 214 -31.24 32.54 -3.02
CA ASP G 214 -30.61 32.50 -4.34
C ASP G 214 -31.42 31.76 -5.39
N TYR G 215 -31.31 32.22 -6.64
CA TYR G 215 -32.01 31.59 -7.74
C TYR G 215 -31.10 31.60 -8.96
N LYS G 216 -31.29 30.62 -9.83
CA LYS G 216 -30.51 30.50 -11.05
C LYS G 216 -31.15 31.36 -12.13
N PRO G 217 -30.41 32.34 -12.66
CA PRO G 217 -30.99 33.19 -13.70
C PRO G 217 -31.43 32.40 -14.91
N LEU G 218 -32.37 32.95 -15.66
CA LEU G 218 -32.85 32.33 -16.87
C LEU G 218 -32.86 33.35 -17.98
N SER G 219 -32.30 32.97 -19.11
CA SER G 219 -32.21 33.82 -20.27
C SER G 219 -33.57 34.35 -20.76
N VAL G 220 -34.59 33.48 -20.77
CA VAL G 220 -35.93 33.86 -21.21
C VAL G 220 -36.62 34.93 -20.35
N GLY G 221 -37.66 35.54 -20.90
CA GLY G 221 -38.40 36.57 -20.18
C GLY G 221 -39.47 35.92 -19.31
N PRO G 222 -40.01 36.64 -18.32
CA PRO G 222 -41.04 36.14 -17.39
C PRO G 222 -42.17 35.37 -18.08
N TYR G 223 -42.80 35.99 -19.06
CA TYR G 223 -43.90 35.33 -19.74
C TYR G 223 -43.53 34.07 -20.49
N GLU G 224 -42.24 33.84 -20.72
CA GLU G 224 -41.80 32.67 -21.47
C GLU G 224 -41.47 31.49 -20.55
N ALA G 225 -41.35 31.75 -19.27
CA ALA G 225 -41.00 30.70 -18.34
C ALA G 225 -42.19 30.07 -17.61
N PHE G 226 -42.02 28.81 -17.22
CA PHE G 226 -43.05 28.07 -16.49
C PHE G 226 -44.38 28.00 -17.21
N THR G 227 -44.31 27.93 -18.53
CA THR G 227 -45.49 27.86 -19.36
C THR G 227 -46.27 26.56 -19.16
N GLY G 228 -45.64 25.55 -18.60
CA GLY G 228 -46.34 24.29 -18.40
C GLY G 228 -45.96 23.60 -17.11
N PRO G 229 -46.16 22.28 -17.03
CA PRO G 229 -45.84 21.51 -15.84
C PRO G 229 -44.45 21.92 -15.36
N VAL G 230 -44.23 21.80 -14.06
CA VAL G 230 -42.98 22.20 -13.44
C VAL G 230 -42.13 21.05 -12.94
N ALA G 231 -40.85 21.35 -12.74
CA ALA G 231 -39.86 20.40 -12.21
C ALA G 231 -39.15 21.09 -11.04
N LYS G 232 -39.60 20.77 -9.84
CA LYS G 232 -39.07 21.33 -8.60
C LYS G 232 -37.56 21.27 -8.54
N ALA G 233 -36.97 20.58 -9.51
CA ALA G 233 -35.53 20.41 -9.61
C ALA G 233 -34.71 21.57 -9.00
N GLN G 234 -35.12 22.81 -9.27
CA GLN G 234 -34.32 23.93 -8.76
C GLN G 234 -35.04 25.22 -8.46
N ASP G 235 -34.31 26.09 -7.76
CA ASP G 235 -34.78 27.43 -7.44
C ASP G 235 -34.33 28.15 -8.70
N VAL G 236 -35.27 28.43 -9.58
CA VAL G 236 -34.97 29.09 -10.84
C VAL G 236 -35.88 30.29 -11.00
N GLY G 237 -35.38 31.32 -11.68
CA GLY G 237 -36.18 32.51 -11.89
C GLY G 237 -35.91 33.18 -13.21
N ALA G 238 -36.91 33.90 -13.71
CA ALA G 238 -36.81 34.63 -14.97
C ALA G 238 -37.17 36.06 -14.60
N VAL G 239 -36.17 36.87 -14.33
CA VAL G 239 -36.38 38.25 -13.93
C VAL G 239 -35.94 39.25 -14.99
N GLU G 240 -36.63 40.37 -15.06
CA GLU G 240 -36.31 41.43 -16.03
C GLU G 240 -35.74 42.64 -15.31
N ALA G 241 -36.42 43.08 -14.25
CA ALA G 241 -35.95 44.25 -13.52
C ALA G 241 -35.94 44.08 -12.01
N HIS G 242 -35.67 45.18 -11.32
CA HIS G 242 -35.64 45.23 -9.87
C HIS G 242 -37.03 45.60 -9.41
N VAL G 243 -37.41 45.11 -8.23
CA VAL G 243 -38.69 45.45 -7.64
C VAL G 243 -38.64 45.26 -6.14
N VAL G 244 -39.42 46.08 -5.46
CA VAL G 244 -39.51 46.00 -4.01
C VAL G 244 -41.00 46.02 -3.71
N CYS G 245 -41.47 44.99 -3.01
CA CYS G 245 -42.88 44.88 -2.68
C CYS G 245 -43.06 44.83 -1.18
N SER G 246 -44.19 45.35 -0.72
CA SER G 246 -44.50 45.33 0.69
C SER G 246 -45.79 44.55 0.86
N VAL G 247 -45.68 43.42 1.54
CA VAL G 247 -46.82 42.55 1.75
C VAL G 247 -46.87 42.14 3.21
N ALA G 248 -48.03 41.64 3.64
CA ALA G 248 -48.19 41.20 5.00
C ALA G 248 -47.42 39.90 5.14
N ALA G 249 -46.68 39.77 6.24
CA ALA G 249 -45.92 38.55 6.46
C ALA G 249 -46.84 37.34 6.58
N ASP G 250 -48.01 37.53 7.18
CA ASP G 250 -48.94 36.43 7.37
C ASP G 250 -49.56 35.92 6.06
N SER G 251 -49.88 36.83 5.14
CA SER G 251 -50.44 36.43 3.86
C SER G 251 -49.35 35.68 3.09
N LEU G 252 -48.11 36.15 3.18
CA LEU G 252 -46.97 35.55 2.51
C LEU G 252 -46.81 34.10 2.95
N ALA G 253 -46.97 33.86 4.25
CA ALA G 253 -46.86 32.52 4.79
C ALA G 253 -47.98 31.63 4.26
N ALA G 254 -49.22 32.13 4.31
CA ALA G 254 -50.36 31.36 3.82
C ALA G 254 -50.22 31.05 2.35
N ALA G 255 -49.88 32.06 1.55
CA ALA G 255 -49.73 31.87 0.12
C ALA G 255 -48.73 30.76 -0.17
N LEU G 256 -47.60 30.78 0.56
CA LEU G 256 -46.55 29.77 0.38
C LEU G 256 -46.99 28.38 0.76
N SER G 257 -47.83 28.29 1.76
CA SER G 257 -48.32 26.99 2.20
C SER G 257 -49.36 26.49 1.19
N LEU G 258 -50.34 27.32 0.88
CA LEU G 258 -51.38 26.95 -0.05
C LEU G 258 -50.86 26.54 -1.43
N CYS G 259 -49.86 27.27 -1.95
CA CYS G 259 -49.34 26.97 -3.28
C CYS G 259 -48.35 25.84 -3.38
N ARG G 260 -48.06 25.20 -2.26
CA ARG G 260 -47.18 24.06 -2.27
C ARG G 260 -48.04 22.88 -1.83
N ILE G 261 -48.78 22.33 -2.78
CA ILE G 261 -49.66 21.18 -2.54
C ILE G 261 -48.86 19.88 -2.65
N PRO G 262 -48.65 19.19 -1.52
CA PRO G 262 -47.91 17.93 -1.45
C PRO G 262 -48.19 17.01 -2.63
N ALA G 263 -47.13 16.64 -3.34
CA ALA G 263 -47.20 15.75 -4.50
C ALA G 263 -48.01 16.32 -5.67
N VAL G 264 -48.29 17.61 -5.61
CA VAL G 264 -49.07 18.26 -6.66
C VAL G 264 -48.39 19.50 -7.23
N SER G 265 -48.04 20.45 -6.37
CA SER G 265 -47.41 21.68 -6.84
C SER G 265 -46.30 22.19 -5.94
N VAL G 266 -45.61 23.20 -6.46
CA VAL G 266 -44.52 23.84 -5.77
C VAL G 266 -44.77 25.33 -6.10
N PRO G 267 -44.54 26.23 -5.13
CA PRO G 267 -44.75 27.68 -5.28
C PRO G 267 -43.90 28.41 -6.30
N ILE G 268 -44.51 29.35 -7.02
CA ILE G 268 -43.80 30.17 -7.98
C ILE G 268 -44.20 31.59 -7.63
N LEU G 269 -43.22 32.47 -7.43
CA LEU G 269 -43.54 33.85 -7.09
C LEU G 269 -43.54 34.75 -8.30
N ARG G 270 -44.67 35.44 -8.51
CA ARG G 270 -44.79 36.37 -9.63
C ARG G 270 -44.71 37.79 -9.13
N PHE G 271 -43.76 38.55 -9.70
CA PHE G 271 -43.56 39.95 -9.33
C PHE G 271 -44.04 40.84 -10.47
N TYR G 272 -44.86 41.83 -10.12
CA TYR G 272 -45.36 42.77 -11.11
C TYR G 272 -44.76 44.16 -10.86
N ARG G 273 -44.71 44.97 -11.91
CA ARG G 273 -44.18 46.34 -11.82
C ARG G 273 -44.74 47.11 -10.63
N SER G 274 -46.05 47.08 -10.45
CA SER G 274 -46.68 47.83 -9.36
C SER G 274 -46.23 47.50 -7.94
N GLY G 275 -45.34 46.52 -7.79
CA GLY G 275 -44.89 46.17 -6.46
C GLY G 275 -45.85 45.19 -5.80
N ILE G 276 -46.60 44.47 -6.63
CA ILE G 276 -47.56 43.50 -6.15
C ILE G 276 -47.02 42.10 -6.45
N ILE G 277 -47.31 41.13 -5.59
CA ILE G 277 -46.83 39.77 -5.81
C ILE G 277 -47.99 38.79 -5.86
N ALA G 278 -47.83 37.75 -6.67
CA ALA G 278 -48.83 36.72 -6.79
C ALA G 278 -48.12 35.39 -6.64
N VAL G 279 -48.41 34.66 -5.57
CA VAL G 279 -47.80 33.34 -5.40
C VAL G 279 -48.70 32.38 -6.14
N VAL G 280 -48.10 31.63 -7.05
CA VAL G 280 -48.82 30.69 -7.88
C VAL G 280 -48.45 29.23 -7.58
N ALA G 281 -49.42 28.35 -7.77
CA ALA G 281 -49.20 26.92 -7.55
C ALA G 281 -48.65 26.33 -8.87
N GLY G 282 -47.33 26.11 -8.92
CA GLY G 282 -46.71 25.53 -10.11
C GLY G 282 -46.94 24.03 -10.09
N LEU G 283 -47.79 23.54 -10.99
CA LEU G 283 -48.11 22.12 -11.03
C LEU G 283 -46.99 21.22 -11.53
N LEU G 284 -46.70 20.18 -10.77
CA LEU G 284 -45.65 19.24 -11.10
C LEU G 284 -46.09 18.21 -12.13
N THR G 285 -45.22 17.93 -13.10
CA THR G 285 -45.52 16.93 -14.11
C THR G 285 -45.95 15.66 -13.40
N SER G 286 -45.33 15.39 -12.26
CA SER G 286 -45.66 14.24 -11.43
C SER G 286 -47.17 14.24 -11.18
N ALA G 287 -47.69 15.41 -10.82
CA ALA G 287 -49.11 15.55 -10.58
C ALA G 287 -49.76 15.17 -11.90
N GLY G 288 -51.08 15.00 -11.91
CA GLY G 288 -51.70 14.62 -13.17
C GLY G 288 -51.68 15.77 -14.14
N ASP G 289 -52.85 16.02 -14.74
CA ASP G 289 -53.03 17.10 -15.68
C ASP G 289 -54.25 17.82 -15.09
N LEU G 290 -54.13 18.25 -13.85
CA LEU G 290 -55.21 18.91 -13.13
C LEU G 290 -55.66 20.24 -13.73
N PRO G 291 -56.98 20.50 -13.73
CA PRO G 291 -57.57 21.74 -14.26
C PRO G 291 -57.57 22.76 -13.12
N LEU G 292 -56.41 22.98 -12.50
CA LEU G 292 -56.32 23.91 -11.39
C LEU G 292 -55.40 25.09 -11.62
N ASP G 293 -55.86 26.27 -11.22
CA ASP G 293 -55.09 27.50 -11.31
C ASP G 293 -55.16 28.13 -9.94
N LEU G 294 -54.39 27.58 -9.00
CA LEU G 294 -54.39 28.07 -7.63
C LEU G 294 -53.53 29.30 -7.53
N SER G 295 -54.08 30.34 -6.91
CA SER G 295 -53.35 31.58 -6.83
C SER G 295 -53.65 32.39 -5.57
N VAL G 296 -52.62 33.05 -5.04
CA VAL G 296 -52.81 33.91 -3.87
C VAL G 296 -52.13 35.25 -4.15
N ILE G 297 -52.92 36.32 -4.13
CA ILE G 297 -52.41 37.66 -4.39
C ILE G 297 -52.01 38.39 -3.13
N LEU G 298 -50.76 38.82 -3.06
CA LEU G 298 -50.26 39.55 -1.91
C LEU G 298 -50.33 41.04 -2.25
N PHE G 299 -51.34 41.72 -1.70
CA PHE G 299 -51.53 43.14 -1.96
C PHE G 299 -50.49 43.97 -1.23
N ASN G 300 -50.39 45.24 -1.62
CA ASN G 300 -49.46 46.16 -1.00
C ASN G 300 -49.88 46.35 0.45
N HIS G 301 -48.92 46.20 1.36
CA HIS G 301 -49.16 46.32 2.79
C HIS G 301 -48.12 47.28 3.35
N ALA G 302 -48.55 48.25 4.14
CA ALA G 302 -47.64 49.23 4.70
C ALA G 302 -47.30 49.06 6.19
N SER G 303 -46.05 49.40 6.54
CA SER G 303 -45.52 49.34 7.91
C SER G 303 -45.57 47.98 8.63
N MSE H 5 -89.62 4.22 -10.34
CA MSE H 5 -89.26 4.23 -8.88
C MSE H 5 -90.49 4.24 -7.97
O MSE H 5 -91.33 5.14 -8.04
CB MSE H 5 -88.36 5.43 -8.58
CG MSE H 5 -86.90 5.20 -8.92
SE MSE H 5 -86.15 3.74 -7.90
CE MSE H 5 -86.25 2.33 -9.23
N GLU H 6 -90.54 3.25 -7.09
CA GLU H 6 -91.67 3.09 -6.18
C GLU H 6 -91.44 3.58 -4.74
N THR H 7 -92.28 4.52 -4.32
CA THR H 7 -92.21 5.09 -2.99
C THR H 7 -92.80 4.13 -1.96
N THR H 8 -91.96 3.62 -1.07
CA THR H 8 -92.42 2.70 -0.04
C THR H 8 -93.05 3.49 1.10
N GLN H 9 -92.31 4.41 1.70
CA GLN H 9 -92.89 5.23 2.78
C GLN H 9 -92.41 6.68 2.82
N THR H 10 -93.26 7.54 3.38
CA THR H 10 -92.98 8.96 3.47
C THR H 10 -93.08 9.48 4.89
N LEU H 11 -92.09 10.25 5.29
CA LEU H 11 -92.03 10.79 6.65
C LEU H 11 -91.77 12.30 6.63
N ARG H 12 -92.72 13.08 7.09
CA ARG H 12 -92.56 14.53 7.09
C ARG H 12 -92.61 15.09 8.51
N PHE H 13 -91.63 15.88 8.89
CA PHE H 13 -91.60 16.45 10.24
C PHE H 13 -92.32 17.79 10.37
N LYS H 14 -92.72 18.12 11.58
CA LYS H 14 -93.41 19.37 11.82
C LYS H 14 -92.43 20.53 11.71
N THR H 15 -92.96 21.70 11.42
CA THR H 15 -92.14 22.90 11.27
C THR H 15 -91.18 23.13 12.43
N LYS H 16 -89.90 23.25 12.11
CA LYS H 16 -88.86 23.50 13.11
C LYS H 16 -88.84 22.46 14.23
N ALA H 17 -89.55 21.36 14.03
CA ALA H 17 -89.60 20.30 15.02
C ALA H 17 -88.20 19.77 15.36
N LEU H 18 -87.51 19.23 14.36
CA LEU H 18 -86.18 18.70 14.61
C LEU H 18 -85.17 19.81 14.92
N ALA H 19 -85.47 21.03 14.50
CA ALA H 19 -84.58 22.16 14.71
C ALA H 19 -84.26 22.46 16.17
N VAL H 20 -85.27 22.39 17.03
CA VAL H 20 -85.07 22.66 18.46
C VAL H 20 -84.09 21.68 19.10
N LEU H 21 -83.72 20.64 18.37
CA LEU H 21 -82.79 19.63 18.88
C LEU H 21 -81.38 19.89 18.40
N SER H 22 -81.22 20.95 17.63
CA SER H 22 -79.93 21.34 17.06
C SER H 22 -78.74 21.25 18.02
N LYS H 23 -78.87 21.87 19.19
CA LYS H 23 -77.80 21.84 20.17
C LYS H 23 -77.59 20.47 20.80
N CYS H 24 -78.65 19.71 20.93
CA CYS H 24 -78.55 18.37 21.49
C CYS H 24 -77.71 17.52 20.56
N TYR H 25 -77.94 17.65 19.26
CA TYR H 25 -77.15 16.89 18.31
C TYR H 25 -75.69 17.34 18.43
N ASP H 26 -75.46 18.64 18.27
CA ASP H 26 -74.13 19.23 18.39
C ASP H 26 -73.35 18.60 19.55
N HIS H 27 -74.04 18.43 20.68
CA HIS H 27 -73.41 17.86 21.87
C HIS H 27 -72.94 16.43 21.66
N ALA H 28 -73.71 15.67 20.91
CA ALA H 28 -73.38 14.28 20.65
C ALA H 28 -72.84 13.96 19.27
N GLN H 29 -72.64 14.98 18.45
CA GLN H 29 -72.18 14.75 17.08
C GLN H 29 -70.90 13.95 16.89
N THR H 30 -69.90 14.17 17.73
CA THR H 30 -68.66 13.44 17.59
C THR H 30 -68.89 11.94 17.65
N HIS H 31 -69.82 11.52 18.51
CA HIS H 31 -70.14 10.11 18.65
C HIS H 31 -71.07 9.59 17.56
N LEU H 32 -71.96 10.45 17.09
CA LEU H 32 -72.91 10.04 16.06
C LEU H 32 -72.36 10.08 14.64
N LYS H 33 -71.35 10.93 14.42
CA LYS H 33 -70.78 11.07 13.09
C LYS H 33 -70.52 9.77 12.32
N GLY H 34 -70.04 8.73 13.00
CA GLY H 34 -69.76 7.49 12.31
C GLY H 34 -70.81 6.41 12.35
N GLY H 35 -72.00 6.73 12.86
CA GLY H 35 -73.05 5.73 12.94
C GLY H 35 -73.99 5.72 11.76
N VAL H 36 -75.27 5.53 12.05
CA VAL H 36 -76.29 5.47 11.00
C VAL H 36 -77.59 6.13 11.45
N LEU H 37 -78.40 6.55 10.48
CA LEU H 37 -79.69 7.14 10.78
C LEU H 37 -80.66 6.08 10.33
N GLN H 38 -81.57 5.69 11.21
CA GLN H 38 -82.54 4.67 10.85
C GLN H 38 -83.91 5.07 11.35
N VAL H 39 -84.92 4.66 10.61
CA VAL H 39 -86.30 4.94 10.96
C VAL H 39 -86.85 3.61 11.43
N ASN H 40 -87.22 3.54 12.70
CA ASN H 40 -87.81 2.33 13.28
C ASN H 40 -89.28 2.33 12.86
N LEU H 41 -89.68 1.32 12.10
CA LEU H 41 -91.07 1.21 11.63
C LEU H 41 -91.94 0.43 12.61
N LEU H 42 -91.32 -0.43 13.43
CA LEU H 42 -92.05 -1.21 14.43
C LEU H 42 -92.67 -0.23 15.40
N SER H 43 -91.95 0.87 15.66
CA SER H 43 -92.39 1.91 16.59
C SER H 43 -93.78 2.45 16.26
N VAL H 44 -94.18 2.30 15.00
CA VAL H 44 -95.46 2.81 14.53
C VAL H 44 -96.65 2.53 15.43
N ASN H 45 -96.74 1.31 15.94
CA ASN H 45 -97.85 0.97 16.81
C ASN H 45 -97.62 1.44 18.24
N TYR H 46 -96.43 1.22 18.80
CA TYR H 46 -96.20 1.67 20.17
C TYR H 46 -95.76 3.15 20.28
N GLY H 47 -96.38 4.01 19.46
CA GLY H 47 -96.05 5.43 19.50
C GLY H 47 -96.07 6.17 18.17
N GLY H 48 -95.37 5.63 17.17
CA GLY H 48 -95.30 6.27 15.87
C GLY H 48 -93.92 6.03 15.29
N PRO H 49 -93.62 6.59 14.12
CA PRO H 49 -92.30 6.38 13.50
C PRO H 49 -91.23 7.10 14.30
N ARG H 50 -90.08 6.45 14.47
CA ARG H 50 -89.00 7.07 15.21
C ARG H 50 -87.71 7.12 14.39
N LEU H 51 -87.30 8.34 14.07
CA LEU H 51 -86.07 8.58 13.32
C LEU H 51 -85.01 8.60 14.39
N ALA H 52 -83.84 8.04 14.11
CA ALA H 52 -82.81 8.03 15.12
C ALA H 52 -81.41 7.95 14.58
N ALA H 53 -80.47 8.54 15.30
CA ALA H 53 -79.08 8.46 14.89
C ALA H 53 -78.48 7.51 15.92
N VAL H 54 -78.03 6.36 15.45
CA VAL H 54 -77.43 5.35 16.31
C VAL H 54 -75.95 5.18 15.99
N ALA H 55 -75.16 4.99 17.03
CA ALA H 55 -73.72 4.82 16.87
C ALA H 55 -73.14 4.14 18.09
N ASN H 56 -71.83 3.91 18.07
CA ASN H 56 -71.17 3.27 19.18
C ASN H 56 -70.76 4.28 20.23
N ALA H 57 -70.37 3.77 21.39
CA ALA H 57 -69.91 4.58 22.50
C ALA H 57 -69.08 3.65 23.35
N GLY H 58 -67.77 3.86 23.30
CA GLY H 58 -66.85 3.05 24.07
C GLY H 58 -66.74 1.65 23.51
N THR H 59 -66.17 0.74 24.30
CA THR H 59 -65.99 -0.62 23.84
C THR H 59 -67.25 -1.46 23.82
N ALA H 60 -68.26 -1.05 24.56
CA ALA H 60 -69.51 -1.80 24.61
C ALA H 60 -70.67 -0.90 24.95
N GLY H 61 -71.03 -0.04 24.00
CA GLY H 61 -72.13 0.89 24.21
C GLY H 61 -72.78 1.24 22.90
N LEU H 62 -74.10 1.41 22.91
CA LEU H 62 -74.86 1.73 21.72
C LEU H 62 -75.67 3.03 21.88
N ILE H 63 -75.23 4.09 21.21
CA ILE H 63 -75.94 5.37 21.30
C ILE H 63 -77.17 5.42 20.42
N SER H 64 -78.27 5.89 20.99
CA SER H 64 -79.50 6.03 20.24
C SER H 64 -80.08 7.42 20.53
N PHE H 65 -79.88 8.31 19.56
CA PHE H 65 -80.35 9.69 19.59
C PHE H 65 -81.68 9.65 18.84
N GLU H 66 -82.77 9.49 19.59
CA GLU H 66 -84.10 9.37 18.99
C GLU H 66 -85.01 10.59 19.05
N VAL H 67 -85.78 10.78 17.97
CA VAL H 67 -86.74 11.87 17.89
C VAL H 67 -88.10 11.25 18.17
N SER H 68 -88.78 11.76 19.20
CA SER H 68 -90.09 11.21 19.54
C SER H 68 -91.15 11.47 18.47
N PRO H 69 -92.11 10.55 18.34
CA PRO H 69 -93.25 10.56 17.39
C PRO H 69 -94.08 11.84 17.29
N ASP H 70 -94.06 12.66 18.33
CA ASP H 70 -94.84 13.90 18.33
C ASP H 70 -94.20 14.98 17.46
N ALA H 71 -92.97 14.74 17.04
CA ALA H 71 -92.26 15.69 16.20
C ALA H 71 -92.67 15.50 14.75
N VAL H 72 -93.19 14.33 14.42
CA VAL H 72 -93.57 14.07 13.04
C VAL H 72 -94.97 14.59 12.74
N ALA H 73 -95.10 15.20 11.57
CA ALA H 73 -96.34 15.77 11.08
C ALA H 73 -97.14 14.78 10.25
N GLU H 74 -96.44 13.97 9.45
CA GLU H 74 -97.13 12.99 8.64
C GLU H 74 -96.28 11.77 8.31
N TRP H 75 -96.93 10.61 8.34
CA TRP H 75 -96.27 9.35 8.04
C TRP H 75 -97.15 8.45 7.21
N GLN H 76 -96.60 7.93 6.12
CA GLN H 76 -97.34 7.03 5.26
C GLN H 76 -96.55 5.82 4.81
N ASN H 77 -97.08 4.64 5.12
CA ASN H 77 -96.45 3.38 4.75
C ASN H 77 -97.30 2.82 3.61
N HIS H 78 -96.70 2.68 2.42
CA HIS H 78 -97.40 2.16 1.25
C HIS H 78 -97.09 0.69 1.02
N GLN H 79 -96.57 0.02 2.04
CA GLN H 79 -96.21 -1.38 1.90
C GLN H 79 -97.08 -2.28 2.75
N SER H 80 -97.19 -3.54 2.33
CA SER H 80 -97.95 -4.53 3.08
C SER H 80 -97.33 -4.63 4.47
N PRO H 81 -98.15 -4.74 5.51
CA PRO H 81 -97.63 -4.83 6.87
C PRO H 81 -96.60 -5.95 7.02
N GLU H 82 -96.73 -6.99 6.20
CA GLU H 82 -95.83 -8.12 6.26
C GLU H 82 -94.68 -8.01 5.27
N GLU H 83 -94.80 -7.08 4.33
CA GLU H 83 -93.76 -6.86 3.33
C GLU H 83 -92.85 -5.70 3.75
N ALA H 84 -93.34 -4.89 4.71
CA ALA H 84 -92.58 -3.74 5.21
C ALA H 84 -91.53 -4.22 6.21
N PRO H 85 -90.37 -3.53 6.26
CA PRO H 85 -89.31 -3.94 7.19
C PRO H 85 -89.45 -3.39 8.61
N ALA H 86 -88.66 -3.95 9.53
CA ALA H 86 -88.70 -3.50 10.92
C ALA H 86 -88.22 -2.06 10.97
N ALA H 87 -87.15 -1.79 10.22
CA ALA H 87 -86.57 -0.47 10.15
C ALA H 87 -85.74 -0.34 8.90
N VAL H 88 -85.53 0.90 8.45
CA VAL H 88 -84.71 1.16 7.28
C VAL H 88 -83.58 2.06 7.74
N SER H 89 -82.36 1.79 7.30
CA SER H 89 -81.26 2.60 7.74
C SER H 89 -80.18 2.89 6.69
N PHE H 90 -79.65 4.10 6.75
CA PHE H 90 -78.58 4.54 5.85
C PHE H 90 -77.50 5.12 6.74
N ARG H 91 -76.25 5.14 6.29
CA ARG H 91 -75.22 5.66 7.17
C ARG H 91 -75.23 7.17 7.26
N ASN H 92 -74.92 7.67 8.45
CA ASN H 92 -74.92 9.10 8.72
C ASN H 92 -74.02 9.85 7.77
N LEU H 93 -72.75 9.46 7.74
CA LEU H 93 -71.82 10.11 6.85
C LEU H 93 -72.12 9.55 5.47
N ALA H 94 -72.83 10.37 4.68
CA ALA H 94 -73.24 10.02 3.33
C ALA H 94 -72.10 9.62 2.41
N TYR H 95 -72.38 8.70 1.50
CA TYR H 95 -71.38 8.22 0.57
C TYR H 95 -70.79 9.32 -0.27
N GLY H 96 -69.47 9.34 -0.31
CA GLY H 96 -68.77 10.34 -1.09
C GLY H 96 -68.75 11.65 -0.35
N ARG H 97 -69.92 12.04 0.16
CA ARG H 97 -70.06 13.29 0.90
C ARG H 97 -69.04 13.43 2.02
N THR H 98 -68.82 14.68 2.41
CA THR H 98 -67.90 14.97 3.48
C THR H 98 -68.80 15.57 4.54
N CYS H 99 -70.04 15.82 4.17
CA CYS H 99 -70.98 16.39 5.11
C CYS H 99 -71.73 15.27 5.79
N VAL H 100 -72.10 15.48 7.05
CA VAL H 100 -72.83 14.50 7.82
C VAL H 100 -74.32 14.80 7.76
N LEU H 101 -75.08 13.87 7.20
CA LEU H 101 -76.52 14.03 7.08
C LEU H 101 -77.15 14.46 8.40
N GLY H 102 -76.77 13.78 9.47
CA GLY H 102 -77.29 14.10 10.79
C GLY H 102 -77.19 15.57 11.12
N LYS H 103 -76.07 16.21 10.80
CA LYS H 103 -75.93 17.64 11.10
C LYS H 103 -76.83 18.55 10.31
N GLU H 104 -77.07 18.26 9.03
CA GLU H 104 -77.94 19.11 8.22
C GLU H 104 -79.39 18.90 8.65
N LEU H 105 -79.73 17.63 8.86
CA LEU H 105 -81.08 17.19 9.25
C LEU H 105 -81.54 17.81 10.56
N PHE H 106 -80.68 17.78 11.58
CA PHE H 106 -81.03 18.38 12.88
C PHE H 106 -80.52 19.82 12.88
N GLY H 107 -80.48 20.39 11.69
CA GLY H 107 -80.00 21.74 11.51
C GLY H 107 -80.83 22.77 12.23
N SER H 108 -80.14 23.79 12.71
CA SER H 108 -80.74 24.89 13.45
C SER H 108 -81.77 25.68 12.62
N ALA H 109 -81.42 25.98 11.38
CA ALA H 109 -82.28 26.76 10.50
C ALA H 109 -83.17 25.96 9.55
N VAL H 110 -83.37 24.68 9.82
CA VAL H 110 -84.22 23.87 8.94
C VAL H 110 -85.69 24.02 9.32
N GLU H 111 -86.42 24.67 8.43
CA GLU H 111 -87.84 24.95 8.58
C GLU H 111 -88.69 23.71 8.42
N GLN H 112 -88.34 22.88 7.45
CA GLN H 112 -89.10 21.68 7.16
C GLN H 112 -88.20 20.53 6.74
N ALA H 113 -88.18 19.47 7.55
CA ALA H 113 -87.36 18.30 7.26
C ALA H 113 -88.25 17.10 6.94
N SER H 114 -87.84 16.31 5.95
CA SER H 114 -88.60 15.12 5.53
C SER H 114 -87.78 14.05 4.81
N LEU H 115 -88.10 12.79 5.08
CA LEU H 115 -87.41 11.66 4.46
C LEU H 115 -88.40 10.86 3.66
N GLN H 116 -87.92 10.28 2.56
CA GLN H 116 -88.76 9.47 1.68
C GLN H 116 -87.96 8.25 1.20
N PHE H 117 -88.60 7.07 1.22
CA PHE H 117 -87.91 5.85 0.80
C PHE H 117 -88.50 5.23 -0.47
N TYR H 118 -87.62 4.64 -1.28
CA TYR H 118 -88.01 4.02 -2.55
C TYR H 118 -87.36 2.66 -2.79
N LYS H 119 -87.91 1.94 -3.77
CA LYS H 119 -87.39 0.64 -4.18
C LYS H 119 -87.66 0.49 -5.67
N ARG H 120 -86.83 -0.29 -6.36
CA ARG H 120 -87.03 -0.51 -7.78
C ARG H 120 -88.33 -1.27 -7.97
N PRO H 121 -89.12 -0.90 -9.00
CA PRO H 121 -90.41 -1.54 -9.30
C PRO H 121 -90.40 -3.07 -9.27
N GLN H 122 -89.40 -3.69 -9.88
CA GLN H 122 -89.32 -5.15 -9.89
C GLN H 122 -88.59 -5.73 -8.69
N GLY H 123 -87.27 -5.85 -8.81
CA GLY H 123 -86.46 -6.41 -7.73
C GLY H 123 -86.84 -6.00 -6.32
N GLY H 124 -87.28 -4.76 -6.17
CA GLY H 124 -87.65 -4.23 -4.86
C GLY H 124 -88.66 -4.96 -3.99
N SER H 125 -88.17 -5.67 -2.99
CA SER H 125 -89.02 -6.40 -2.03
C SER H 125 -89.13 -5.54 -0.77
N ARG H 126 -88.11 -4.72 -0.53
CA ARG H 126 -88.05 -3.79 0.59
C ARG H 126 -87.29 -2.57 0.08
N PRO H 127 -87.45 -1.41 0.74
CA PRO H 127 -86.79 -0.16 0.35
C PRO H 127 -85.31 -0.29 0.05
N GLU H 128 -84.82 0.53 -0.88
CA GLU H 128 -83.42 0.50 -1.28
C GLU H 128 -82.80 1.89 -1.29
N PHE H 129 -83.65 2.92 -1.33
CA PHE H 129 -83.15 4.28 -1.38
C PHE H 129 -83.93 5.21 -0.48
N VAL H 130 -83.23 6.24 0.01
CA VAL H 130 -83.85 7.24 0.85
C VAL H 130 -83.54 8.58 0.21
N LYS H 131 -84.41 9.56 0.43
CA LYS H 131 -84.19 10.86 -0.12
C LYS H 131 -84.59 11.88 0.93
N LEU H 132 -83.59 12.42 1.62
CA LEU H 132 -83.83 13.42 2.67
C LEU H 132 -83.88 14.77 2.00
N THR H 133 -84.70 15.66 2.54
CA THR H 133 -84.82 16.98 1.98
C THR H 133 -85.12 18.01 3.09
N MSE H 134 -84.25 19.00 3.22
CA MSE H 134 -84.37 20.08 4.21
C MSE H 134 -84.74 21.43 3.58
O MSE H 134 -84.15 21.83 2.58
CB MSE H 134 -83.04 20.26 4.96
CG MSE H 134 -82.56 19.07 5.79
SE MSE H 134 -81.80 17.68 4.71
CE MSE H 134 -80.51 16.94 5.91
N GLU H 135 -85.72 22.12 4.15
CA GLU H 135 -86.12 23.45 3.66
C GLU H 135 -85.76 24.46 4.74
N TYR H 136 -85.04 25.51 4.38
CA TYR H 136 -84.58 26.49 5.35
C TYR H 136 -85.39 27.74 5.66
N ASP H 137 -85.00 28.38 6.77
CA ASP H 137 -85.56 29.62 7.28
C ASP H 137 -85.81 30.67 6.22
N ASP H 138 -84.77 30.94 5.45
CA ASP H 138 -84.79 31.98 4.44
C ASP H 138 -85.93 31.87 3.44
N LYS H 139 -86.66 30.74 3.38
CA LYS H 139 -87.69 30.59 2.36
C LYS H 139 -87.04 30.48 0.97
N VAL H 140 -85.72 30.45 0.93
CA VAL H 140 -84.98 30.37 -0.33
C VAL H 140 -84.09 29.14 -0.47
N SER H 141 -83.26 28.86 0.54
CA SER H 141 -82.35 27.73 0.50
C SER H 141 -83.04 26.37 0.64
N LYS H 142 -82.51 25.37 -0.05
CA LYS H 142 -83.10 24.03 0.01
C LYS H 142 -82.06 22.94 -0.35
N SER H 143 -82.02 21.87 0.44
CA SER H 143 -81.09 20.77 0.19
C SER H 143 -81.82 19.43 0.00
N HIS H 144 -81.35 18.65 -0.97
CA HIS H 144 -81.92 17.34 -1.27
C HIS H 144 -80.81 16.30 -1.33
N HIS H 145 -80.95 15.23 -0.57
CA HIS H 145 -79.95 14.17 -0.53
C HIS H 145 -80.62 12.83 -0.80
N THR H 146 -80.07 12.05 -1.73
CA THR H 146 -80.65 10.73 -2.00
C THR H 146 -79.50 9.74 -1.74
N CYS H 147 -79.80 8.65 -1.04
CA CYS H 147 -78.76 7.67 -0.74
C CYS H 147 -79.29 6.25 -0.78
N ALA H 148 -78.35 5.32 -0.68
CA ALA H 148 -78.68 3.91 -0.67
C ALA H 148 -78.94 3.55 0.79
N LEU H 149 -79.86 2.63 1.01
CA LEU H 149 -80.16 2.15 2.35
C LEU H 149 -79.12 1.08 2.57
N MSE H 150 -78.81 0.74 3.80
CA MSE H 150 -77.80 -0.28 4.06
C MSE H 150 -78.39 -1.68 4.19
O MSE H 150 -79.61 -1.85 4.21
CB MSE H 150 -77.05 0.04 5.34
CG MSE H 150 -76.18 1.26 5.25
SE MSE H 150 -75.36 1.52 6.95
CE MSE H 150 -76.97 1.89 7.97
N PRO H 151 -77.52 -2.70 4.24
CA PRO H 151 -77.99 -4.08 4.37
C PRO H 151 -78.85 -4.07 5.63
N TYR H 152 -80.15 -4.20 5.43
CA TYR H 152 -81.09 -4.15 6.54
C TYR H 152 -80.67 -4.73 7.86
N MSE H 153 -80.48 -3.86 8.83
CA MSE H 153 -80.11 -4.24 10.19
C MSE H 153 -81.32 -3.99 11.09
O MSE H 153 -82.28 -3.34 10.67
CB MSE H 153 -78.88 -3.46 10.67
CG MSE H 153 -79.01 -1.95 10.63
SE MSE H 153 -77.33 -1.11 11.17
CE MSE H 153 -76.21 -1.81 9.75
N PRO H 154 -81.30 -4.50 12.32
CA PRO H 154 -82.42 -4.32 13.23
C PRO H 154 -82.63 -2.89 13.70
N PRO H 155 -83.74 -2.64 14.38
CA PRO H 155 -84.02 -1.30 14.89
C PRO H 155 -83.28 -1.20 16.23
N ALA H 156 -82.27 -0.33 16.29
CA ALA H 156 -81.48 -0.15 17.50
C ALA H 156 -82.34 0.31 18.67
N SER H 157 -83.28 1.21 18.38
CA SER H 157 -84.17 1.76 19.38
C SER H 157 -85.37 0.85 19.69
N ASP H 158 -85.12 -0.45 19.76
CA ASP H 158 -86.17 -1.44 20.03
C ASP H 158 -85.62 -2.50 20.96
N ARG H 159 -84.29 -2.59 21.00
CA ARG H 159 -83.44 -3.51 21.87
C ARG H 159 -84.01 -3.82 23.23
N LEU H 160 -84.27 -2.70 23.92
CA LEU H 160 -84.74 -2.65 25.30
C LEU H 160 -86.24 -2.83 25.52
N ARG H 161 -87.00 -3.03 24.46
CA ARG H 161 -88.44 -3.24 24.59
C ARG H 161 -88.80 -4.65 25.07
N ASN H 162 -87.81 -5.52 25.13
CA ASN H 162 -88.02 -6.89 25.58
C ASN H 162 -87.23 -7.13 26.86
N GLU H 163 -86.79 -6.04 27.48
CA GLU H 163 -86.03 -6.08 28.72
C GLU H 163 -86.92 -5.70 29.90
N GLN H 164 -86.54 -6.12 31.09
CA GLN H 164 -87.30 -5.81 32.29
C GLN H 164 -86.47 -4.91 33.19
N MSE H 165 -86.79 -3.62 33.16
CA MSE H 165 -86.09 -2.63 33.97
C MSE H 165 -86.35 -2.93 35.44
O MSE H 165 -87.50 -2.95 35.86
CB MSE H 165 -86.59 -1.24 33.59
CG MSE H 165 -85.96 -0.14 34.38
SE MSE H 165 -86.64 1.57 33.85
CE MSE H 165 -88.41 1.42 34.57
N ILE H 166 -85.29 -3.13 36.22
CA ILE H 166 -85.43 -3.46 37.65
C ILE H 166 -85.08 -2.32 38.61
N GLY H 167 -84.99 -1.11 38.09
CA GLY H 167 -84.67 0.04 38.92
C GLY H 167 -83.99 1.13 38.15
N GLN H 168 -84.23 2.39 38.51
CA GLN H 168 -83.56 3.48 37.83
C GLN H 168 -83.24 4.63 38.77
N VAL H 169 -82.01 5.13 38.66
CA VAL H 169 -81.50 6.20 39.51
C VAL H 169 -81.18 7.50 38.77
N LEU H 170 -81.74 8.59 39.27
CA LEU H 170 -81.51 9.92 38.70
C LEU H 170 -80.27 10.52 39.35
N LEU H 171 -79.41 11.14 38.55
CA LEU H 171 -78.16 11.72 39.04
C LEU H 171 -78.11 13.24 38.95
N MSE H 172 -77.66 13.88 40.02
CA MSE H 172 -77.53 15.33 40.01
C MSE H 172 -76.35 15.58 39.10
O MSE H 172 -75.56 14.68 38.88
CB MSE H 172 -77.17 15.88 41.38
CG MSE H 172 -78.13 15.61 42.51
SE MSE H 172 -77.52 16.69 44.00
CE MSE H 172 -75.79 15.84 44.30
N PRO H 173 -76.22 16.80 38.57
CA PRO H 173 -75.07 17.05 37.69
C PRO H 173 -73.73 16.76 38.34
N LYS H 174 -73.62 17.03 39.64
CA LYS H 174 -72.39 16.79 40.38
C LYS H 174 -72.07 15.31 40.46
N THR H 175 -73.03 14.53 40.94
CA THR H 175 -72.86 13.09 41.09
C THR H 175 -72.47 12.46 39.74
N ALA H 176 -73.20 12.83 38.70
CA ALA H 176 -72.93 12.29 37.36
C ALA H 176 -71.54 12.68 36.91
N SER H 177 -71.11 13.88 37.28
CA SER H 177 -69.79 14.33 36.92
C SER H 177 -68.75 13.49 37.66
N SER H 178 -69.02 13.19 38.93
CA SER H 178 -68.11 12.38 39.74
C SER H 178 -67.99 11.00 39.13
N LEU H 179 -69.13 10.37 38.90
CA LEU H 179 -69.18 9.04 38.32
C LEU H 179 -68.37 9.03 37.02
N GLN H 180 -68.68 9.96 36.13
CA GLN H 180 -67.97 10.02 34.86
C GLN H 180 -66.47 10.12 35.03
N LYS H 181 -66.05 11.08 35.85
CA LYS H 181 -64.63 11.28 36.10
C LYS H 181 -64.03 9.97 36.60
N TRP H 182 -64.75 9.29 37.48
CA TRP H 182 -64.29 8.02 38.03
C TRP H 182 -64.10 7.04 36.89
N ALA H 183 -65.16 6.89 36.09
CA ALA H 183 -65.17 5.99 34.95
C ALA H 183 -63.97 6.29 34.06
N ARG H 184 -63.72 7.57 33.81
CA ARG H 184 -62.58 7.97 32.99
C ARG H 184 -61.27 7.45 33.57
N GLN H 185 -61.14 7.51 34.89
CA GLN H 185 -59.91 7.06 35.54
C GLN H 185 -59.69 5.55 35.47
N GLN H 186 -60.74 4.79 35.17
CA GLN H 186 -60.63 3.34 35.08
C GLN H 186 -60.18 2.90 33.69
N GLY H 187 -59.82 3.88 32.88
CA GLY H 187 -59.37 3.59 31.54
C GLY H 187 -60.13 2.51 30.79
N SER H 188 -59.38 1.58 30.24
CA SER H 188 -59.94 0.47 29.47
C SER H 188 -60.51 -0.62 30.37
N GLY H 189 -60.49 -0.37 31.68
CA GLY H 189 -61.00 -1.36 32.61
C GLY H 189 -62.50 -1.59 32.50
N GLY H 190 -62.97 -2.61 33.21
CA GLY H 190 -64.38 -2.90 33.21
C GLY H 190 -64.91 -2.34 34.51
N VAL H 191 -66.23 -2.23 34.62
CA VAL H 191 -66.81 -1.71 35.83
C VAL H 191 -67.92 -2.62 36.34
N LYS H 192 -67.88 -2.95 37.63
CA LYS H 192 -68.92 -3.77 38.24
C LYS H 192 -69.88 -2.85 38.98
N VAL H 193 -71.08 -2.66 38.41
CA VAL H 193 -72.08 -1.80 39.02
C VAL H 193 -73.00 -2.67 39.87
N THR H 194 -73.30 -2.23 41.08
CA THR H 194 -74.14 -3.00 41.96
C THR H 194 -75.31 -2.24 42.54
N LEU H 195 -76.51 -2.82 42.40
CA LEU H 195 -77.70 -2.20 42.94
C LEU H 195 -77.94 -2.77 44.33
N ASN H 196 -78.29 -1.89 45.26
CA ASN H 196 -78.54 -2.28 46.65
C ASN H 196 -79.80 -1.59 47.12
N PRO H 197 -80.95 -2.20 46.85
CA PRO H 197 -82.25 -1.63 47.25
C PRO H 197 -82.29 -1.24 48.74
N ASP H 198 -81.81 -2.14 49.57
CA ASP H 198 -81.80 -1.95 51.01
C ASP H 198 -80.85 -0.88 51.53
N LEU H 199 -79.75 -0.65 50.82
CA LEU H 199 -78.76 0.34 51.25
C LEU H 199 -78.94 1.75 50.70
N TYR H 200 -79.74 1.89 49.65
CA TYR H 200 -79.97 3.22 49.05
C TYR H 200 -78.71 3.74 48.39
N VAL H 201 -77.85 2.79 47.98
CA VAL H 201 -76.60 3.13 47.32
C VAL H 201 -76.34 2.28 46.09
N THR H 202 -75.75 2.92 45.09
CA THR H 202 -75.40 2.26 43.87
C THR H 202 -73.87 2.19 43.96
N THR H 203 -73.30 1.05 43.62
CA THR H 203 -71.85 0.89 43.74
C THR H 203 -71.14 0.56 42.46
N TYR H 204 -69.95 1.13 42.30
CA TYR H 204 -69.14 0.91 41.11
C TYR H 204 -67.73 0.49 41.50
N THR H 205 -67.22 -0.58 40.91
CA THR H 205 -65.85 -0.98 41.22
C THR H 205 -65.10 -1.41 39.96
N SER H 206 -63.81 -1.13 39.96
CA SER H 206 -62.97 -1.51 38.84
C SER H 206 -61.85 -2.38 39.42
N GLY H 207 -60.68 -1.80 39.66
CA GLY H 207 -59.64 -2.62 40.23
C GLY H 207 -59.97 -2.80 41.69
N GLU H 208 -59.19 -2.11 42.51
CA GLU H 208 -59.36 -2.11 43.94
C GLU H 208 -60.06 -0.78 44.21
N ALA H 209 -60.26 -0.04 43.13
CA ALA H 209 -60.92 1.26 43.18
C ALA H 209 -62.44 1.10 43.15
N CYS H 210 -63.13 2.04 43.76
CA CYS H 210 -64.58 1.99 43.79
C CYS H 210 -65.16 3.36 44.05
N LEU H 211 -66.46 3.49 43.79
CA LEU H 211 -67.18 4.72 43.99
C LEU H 211 -68.58 4.33 44.47
N THR H 212 -69.04 4.95 45.54
CA THR H 212 -70.36 4.64 46.08
C THR H 212 -71.22 5.90 46.05
N LEU H 213 -72.42 5.78 45.49
CA LEU H 213 -73.32 6.92 45.36
C LEU H 213 -74.63 6.73 46.11
N ASP H 214 -74.96 7.68 46.97
CA ASP H 214 -76.20 7.61 47.73
C ASP H 214 -77.31 8.22 46.88
N TYR H 215 -78.54 7.82 47.15
CA TYR H 215 -79.70 8.37 46.47
C TYR H 215 -80.86 8.31 47.44
N LYS H 216 -81.85 9.18 47.26
CA LYS H 216 -83.02 9.17 48.13
C LYS H 216 -83.96 8.12 47.59
N PRO H 217 -84.42 7.21 48.46
CA PRO H 217 -85.35 6.14 48.06
C PRO H 217 -86.66 6.65 47.48
N LEU H 218 -87.23 5.86 46.58
CA LEU H 218 -88.51 6.17 45.95
C LEU H 218 -89.44 4.96 46.10
N SER H 219 -90.60 5.19 46.67
CA SER H 219 -91.60 4.14 46.90
C SER H 219 -92.01 3.41 45.62
N VAL H 220 -92.42 4.17 44.61
CA VAL H 220 -92.87 3.59 43.36
C VAL H 220 -91.89 2.62 42.68
N GLY H 221 -92.42 1.88 41.70
CA GLY H 221 -91.62 0.91 40.98
C GLY H 221 -90.81 1.59 39.89
N PRO H 222 -89.72 0.96 39.45
CA PRO H 222 -88.86 1.52 38.41
C PRO H 222 -89.62 2.26 37.32
N TYR H 223 -90.64 1.60 36.76
CA TYR H 223 -91.43 2.21 35.69
C TYR H 223 -92.26 3.43 36.14
N GLU H 224 -92.58 3.51 37.43
CA GLU H 224 -93.38 4.64 37.91
C GLU H 224 -92.51 5.86 38.19
N ALA H 225 -91.19 5.74 38.09
CA ALA H 225 -90.22 6.81 38.38
C ALA H 225 -89.73 7.62 37.18
N PHE H 226 -89.52 8.89 37.51
CA PHE H 226 -89.09 9.82 36.53
C PHE H 226 -89.86 9.47 35.27
N THR H 227 -91.10 9.88 35.17
CA THR H 227 -91.86 9.59 33.98
C THR H 227 -92.25 10.95 33.33
N GLY H 228 -91.85 12.04 33.97
CA GLY H 228 -92.15 13.37 33.47
C GLY H 228 -90.86 14.17 33.50
N PRO H 229 -90.88 15.46 33.11
CA PRO H 229 -89.67 16.28 33.11
C PRO H 229 -89.02 16.33 34.49
N VAL H 230 -87.70 16.29 34.50
CA VAL H 230 -86.95 16.33 35.76
C VAL H 230 -87.05 17.72 36.37
N ALA H 231 -88.07 17.92 37.19
CA ALA H 231 -88.34 19.20 37.87
C ALA H 231 -87.09 19.88 38.44
N LYS H 232 -86.26 19.09 39.14
CA LYS H 232 -85.02 19.59 39.72
C LYS H 232 -83.90 18.60 39.43
N ALA H 233 -82.88 18.57 40.29
CA ALA H 233 -81.77 17.64 40.12
C ALA H 233 -81.36 17.18 41.51
N GLN H 234 -81.96 16.08 41.94
CA GLN H 234 -81.70 15.52 43.25
C GLN H 234 -81.31 14.07 42.95
N ASP H 235 -80.49 13.46 43.79
CA ASP H 235 -80.10 12.06 43.58
C ASP H 235 -81.22 11.18 44.13
N VAL H 236 -82.10 10.73 43.24
CA VAL H 236 -83.22 9.89 43.64
C VAL H 236 -83.18 8.56 42.92
N GLY H 237 -83.65 7.52 43.59
CA GLY H 237 -83.65 6.21 42.96
C GLY H 237 -84.87 5.37 43.30
N ALA H 238 -85.26 4.55 42.33
CA ALA H 238 -86.38 3.65 42.51
C ALA H 238 -85.79 2.32 42.09
N VAL H 239 -85.09 1.68 43.00
CA VAL H 239 -84.46 0.40 42.73
C VAL H 239 -85.27 -0.70 43.37
N GLU H 240 -85.55 -1.78 42.65
CA GLU H 240 -86.33 -2.84 43.30
C GLU H 240 -85.58 -4.15 43.47
N ALA H 241 -84.43 -4.29 42.85
CA ALA H 241 -83.70 -5.54 42.95
C ALA H 241 -82.19 -5.42 43.14
N HIS H 242 -81.61 -6.48 43.69
CA HIS H 242 -80.17 -6.57 43.91
C HIS H 242 -79.58 -7.12 42.61
N VAL H 243 -78.61 -6.42 42.03
CA VAL H 243 -77.99 -6.93 40.80
C VAL H 243 -76.56 -6.51 40.66
N VAL H 244 -75.88 -7.17 39.73
CA VAL H 244 -74.50 -6.87 39.44
C VAL H 244 -74.28 -6.79 37.94
N CYS H 245 -74.10 -5.57 37.46
CA CYS H 245 -73.87 -5.30 36.06
C CYS H 245 -72.38 -5.13 35.79
N SER H 246 -71.97 -5.51 34.59
CA SER H 246 -70.57 -5.38 34.22
C SER H 246 -70.53 -4.67 32.87
N VAL H 247 -70.02 -3.44 32.88
CA VAL H 247 -69.93 -2.62 31.68
C VAL H 247 -68.50 -2.09 31.48
N ALA H 248 -68.25 -1.49 30.33
CA ALA H 248 -66.93 -0.94 30.03
C ALA H 248 -66.85 0.45 30.63
N ALA H 249 -65.74 0.75 31.29
CA ALA H 249 -65.59 2.05 31.92
C ALA H 249 -65.69 3.16 30.90
N ASP H 250 -65.04 2.95 29.75
CA ASP H 250 -65.08 3.96 28.70
C ASP H 250 -66.50 4.26 28.21
N SER H 251 -67.31 3.22 28.04
CA SER H 251 -68.67 3.41 27.59
C SER H 251 -69.50 4.10 28.69
N LEU H 252 -69.28 3.70 29.95
CA LEU H 252 -70.01 4.31 31.06
C LEU H 252 -69.73 5.82 31.02
N ALA H 253 -68.44 6.17 30.88
CA ALA H 253 -67.99 7.55 30.82
C ALA H 253 -68.65 8.29 29.66
N ALA H 254 -68.51 7.75 28.46
CA ALA H 254 -69.09 8.37 27.28
C ALA H 254 -70.59 8.55 27.47
N ALA H 255 -71.27 7.51 27.95
CA ALA H 255 -72.70 7.60 28.16
C ALA H 255 -73.08 8.77 29.12
N LEU H 256 -72.43 8.83 30.28
CA LEU H 256 -72.72 9.90 31.23
C LEU H 256 -72.41 11.28 30.63
N SER H 257 -71.32 11.37 29.88
CA SER H 257 -70.96 12.63 29.23
C SER H 257 -72.05 12.99 28.21
N LEU H 258 -72.38 12.03 27.36
CA LEU H 258 -73.40 12.23 26.36
C LEU H 258 -74.77 12.63 26.92
N CYS H 259 -75.17 12.03 28.04
CA CYS H 259 -76.49 12.33 28.59
C CYS H 259 -76.61 13.58 29.44
N ARG H 260 -75.50 14.19 29.82
CA ARG H 260 -75.62 15.44 30.56
C ARG H 260 -75.43 16.51 29.50
N ILE H 261 -76.56 16.98 28.95
CA ILE H 261 -76.54 18.03 27.93
C ILE H 261 -76.75 19.37 28.65
N PRO H 262 -75.83 20.33 28.44
CA PRO H 262 -75.87 21.67 29.04
C PRO H 262 -77.23 22.32 28.97
N ALA H 263 -77.78 22.66 30.13
CA ALA H 263 -79.07 23.32 30.21
C ALA H 263 -80.23 22.51 29.64
N VAL H 264 -80.00 21.22 29.40
CA VAL H 264 -81.05 20.39 28.82
C VAL H 264 -81.38 19.11 29.59
N SER H 265 -80.37 18.42 30.09
CA SER H 265 -80.65 17.16 30.79
C SER H 265 -79.57 16.66 31.73
N VAL H 266 -80.01 15.85 32.68
CA VAL H 266 -79.13 15.20 33.65
C VAL H 266 -79.28 13.71 33.36
N PRO H 267 -78.20 12.93 33.57
CA PRO H 267 -78.20 11.48 33.33
C PRO H 267 -79.09 10.69 34.26
N ILE H 268 -79.67 9.61 33.75
CA ILE H 268 -80.53 8.72 34.52
C ILE H 268 -80.13 7.29 34.21
N LEU H 269 -79.77 6.55 35.27
CA LEU H 269 -79.36 5.16 35.12
C LEU H 269 -80.51 4.18 35.22
N ARG H 270 -80.63 3.31 34.23
CA ARG H 270 -81.67 2.29 34.21
C ARG H 270 -80.99 0.92 34.17
N PHE H 271 -81.40 0.06 35.09
CA PHE H 271 -80.85 -1.28 35.19
C PHE H 271 -81.88 -2.30 34.77
N TYR H 272 -81.41 -3.35 34.10
CA TYR H 272 -82.28 -4.42 33.62
C TYR H 272 -81.86 -5.81 34.14
N ARG H 273 -82.82 -6.74 34.20
CA ARG H 273 -82.54 -8.10 34.66
C ARG H 273 -81.38 -8.75 33.94
N SER H 274 -81.31 -8.54 32.63
CA SER H 274 -80.24 -9.12 31.84
C SER H 274 -78.89 -8.60 32.33
N GLY H 275 -78.93 -7.45 33.00
CA GLY H 275 -77.70 -6.87 33.51
C GLY H 275 -77.25 -5.70 32.66
N ILE H 276 -78.08 -5.32 31.68
CA ILE H 276 -77.77 -4.19 30.82
C ILE H 276 -78.11 -2.90 31.55
N ILE H 277 -77.27 -1.90 31.38
CA ILE H 277 -77.56 -0.61 31.97
C ILE H 277 -77.84 0.34 30.83
N ALA H 278 -78.85 1.17 30.97
CA ALA H 278 -79.14 2.12 29.92
C ALA H 278 -79.07 3.52 30.52
N VAL H 279 -78.14 4.34 30.04
CA VAL H 279 -78.06 5.71 30.53
C VAL H 279 -78.96 6.55 29.62
N VAL H 280 -79.90 7.25 30.23
CA VAL H 280 -80.86 8.03 29.48
C VAL H 280 -80.78 9.52 29.81
N ALA H 281 -80.88 10.35 28.78
CA ALA H 281 -80.85 11.79 29.01
C ALA H 281 -82.19 12.17 29.59
N GLY H 282 -82.20 12.58 30.85
CA GLY H 282 -83.45 12.97 31.49
C GLY H 282 -83.65 14.48 31.32
N LEU H 283 -84.62 14.86 30.48
CA LEU H 283 -84.88 16.27 30.20
C LEU H 283 -85.31 17.13 31.39
N LEU H 284 -84.66 18.28 31.54
CA LEU H 284 -84.98 19.22 32.61
C LEU H 284 -86.19 20.03 32.17
N THR H 285 -87.08 20.34 33.11
CA THR H 285 -88.26 21.13 32.79
C THR H 285 -87.88 22.45 32.13
N SER H 286 -86.77 23.02 32.61
CA SER H 286 -86.25 24.29 32.11
C SER H 286 -86.05 24.29 30.60
N ALA H 287 -85.96 23.10 30.01
CA ALA H 287 -85.82 22.98 28.55
C ALA H 287 -87.27 22.87 28.09
N GLY H 288 -87.50 22.83 26.78
CA GLY H 288 -88.88 22.73 26.34
C GLY H 288 -89.38 21.30 26.28
N ASP H 289 -90.17 21.01 25.24
CA ASP H 289 -90.66 19.65 25.03
C ASP H 289 -89.80 19.08 23.93
N LEU H 290 -88.48 19.15 24.12
CA LEU H 290 -87.57 18.63 23.14
C LEU H 290 -88.05 17.22 22.80
N PRO H 291 -88.37 16.97 21.53
CA PRO H 291 -88.83 15.65 21.11
C PRO H 291 -87.65 14.70 21.11
N LEU H 292 -86.84 14.76 22.17
CA LEU H 292 -85.64 13.94 22.24
C LEU H 292 -85.68 12.76 23.19
N ASP H 293 -85.26 11.60 22.71
CA ASP H 293 -85.17 10.40 23.53
C ASP H 293 -83.78 9.89 23.30
N LEU H 294 -82.85 10.38 24.11
CA LEU H 294 -81.47 9.99 23.98
C LEU H 294 -81.10 8.95 25.01
N SER H 295 -80.42 7.91 24.57
CA SER H 295 -80.01 6.86 25.48
C SER H 295 -78.78 6.15 24.99
N VAL H 296 -77.99 5.65 25.92
CA VAL H 296 -76.80 4.92 25.55
C VAL H 296 -76.88 3.63 26.34
N ILE H 297 -77.01 2.52 25.62
CA ILE H 297 -77.11 1.20 26.22
C ILE H 297 -75.71 0.64 26.47
N LEU H 298 -75.45 0.26 27.72
CA LEU H 298 -74.16 -0.31 28.09
C LEU H 298 -74.33 -1.82 28.14
N PHE H 299 -73.61 -2.55 27.29
CA PHE H 299 -73.76 -4.00 27.27
C PHE H 299 -72.95 -4.67 28.35
N ASN H 300 -73.18 -5.96 28.56
CA ASN H 300 -72.49 -6.70 29.60
C ASN H 300 -71.04 -7.11 29.37
N HIS H 301 -70.23 -6.19 28.83
CA HIS H 301 -68.80 -6.45 28.63
C HIS H 301 -68.26 -6.84 29.99
N ALA H 302 -67.42 -7.88 30.02
CA ALA H 302 -66.85 -8.31 31.29
C ALA H 302 -65.35 -8.57 31.14
N SER H 303 -64.56 -7.65 31.68
CA SER H 303 -63.11 -7.77 31.62
C SER H 303 -62.64 -7.98 30.17
CL CL I . -1.99 -5.94 -45.93
CL CL J . 13.70 -5.34 -16.73
CL CL K . 49.74 37.56 31.04
CL CL L . 54.23 -55.57 35.51
CL CL M . -6.57 -33.70 -82.67
CL CL N . -53.95 32.82 7.83
CL CL O . -81.50 43.90 -10.62
CL CL P . -76.22 31.78 8.21
CL CL Q . -87.37 -7.15 8.59
#